data_8G5X
#
_entry.id   8G5X
#
_cell.length_a   63.760
_cell.length_b   74.577
_cell.length_c   77.191
_cell.angle_alpha   67.893
_cell.angle_beta   67.888
_cell.angle_gamma   77.014
#
_symmetry.space_group_name_H-M   'P 1'
#
loop_
_entity.id
_entity.type
_entity.pdbx_description
1 polymer Fructose-1,6-bisphosphatase
2 non-polymer GLYCEROL
3 non-polymer 'MANGANESE (II) ION'
4 non-polymer 1,6-di-O-phosphono-beta-D-fructofuranose
5 water water
#
_entity_poly.entity_id   1
_entity_poly.type   'polypeptide(L)'
_entity_poly.pdbx_seq_one_letter_code
;MGSSHHHHHHSSGLVPRGSHMNRKVALEAVRVTELAALASWSQMGRGDKIAADQAAVDAMRKALNEVDIDGTVVIGEGEL
DEAPMLYIGEKVGAGGCEVDIALDPLEGTTITSKGGANALTVLAMADKGGFLNAPDVYMQKIAVGGINAPKGIVDLDDSV
TNNLKRIAEFKGVHMSALVVCTMDRPRHEHIIKEARECGARVILINDGDVSGVIATATENSGIDVYIGTGGAPEGVLAAA
ALKCLGGQMQARLIFNDEEEIKRAHRLGITDLNKKYDIDDLASGDIVFAATGVTDGNMLQGVKRVNSTRRGSYAVTHSVV
MRSTTKTVRHITAEHSFDFKEGIEKFMS
;
_entity_poly.pdbx_strand_id   A,B,C,D
#
loop_
_chem_comp.id
_chem_comp.type
_chem_comp.name
_chem_comp.formula
FBP D-saccharide, beta linking 1,6-di-O-phosphono-beta-D-fructofuranose 'C6 H14 O12 P2'
GOL non-polymer GLYCEROL 'C3 H8 O3'
MN non-polymer 'MANGANESE (II) ION' 'Mn 2'
#
# COMPACT_ATOMS: atom_id res chain seq x y z
N MET A 21 15.64 -24.66 -18.56
CA MET A 21 14.60 -24.43 -17.52
C MET A 21 13.56 -23.42 -18.02
N ASN A 22 12.37 -23.93 -18.33
CA ASN A 22 11.36 -23.13 -19.00
C ASN A 22 10.98 -21.92 -18.15
N ARG A 23 10.65 -20.82 -18.83
CA ARG A 23 10.18 -19.60 -18.17
C ARG A 23 8.87 -19.79 -17.42
N LYS A 24 8.15 -20.90 -17.66
CA LYS A 24 6.86 -21.12 -17.01
C LYS A 24 7.02 -21.54 -15.56
N VAL A 25 8.11 -22.24 -15.23
CA VAL A 25 8.23 -22.87 -13.92
C VAL A 25 8.27 -21.82 -12.81
N ALA A 26 8.75 -20.62 -13.12
CA ALA A 26 8.85 -19.60 -12.08
C ALA A 26 7.50 -19.34 -11.43
N LEU A 27 6.49 -19.02 -12.24
CA LEU A 27 5.18 -18.73 -11.69
C LEU A 27 4.46 -19.98 -11.19
N GLU A 28 4.77 -21.15 -11.72
CA GLU A 28 4.18 -22.35 -11.15
C GLU A 28 4.68 -22.62 -9.73
N ALA A 29 5.90 -22.17 -9.38
CA ALA A 29 6.42 -22.46 -8.03
C ALA A 29 5.65 -21.70 -6.94
N VAL A 30 5.17 -20.49 -7.27
CA VAL A 30 4.42 -19.71 -6.30
C VAL A 30 3.24 -20.51 -5.77
N ARG A 31 2.58 -21.25 -6.65
CA ARG A 31 1.36 -21.95 -6.24
C ARG A 31 1.69 -22.99 -5.20
N VAL A 32 2.85 -23.63 -5.36
CA VAL A 32 3.34 -24.60 -4.40
C VAL A 32 3.50 -23.95 -3.04
N THR A 33 4.31 -22.87 -2.99
CA THR A 33 4.51 -22.21 -1.70
C THR A 33 3.19 -21.70 -1.12
N GLU A 34 2.22 -21.31 -1.97
CA GLU A 34 0.96 -20.80 -1.46
C GLU A 34 0.14 -21.91 -0.80
N LEU A 35 0.00 -23.04 -1.49
CA LEU A 35 -0.75 -24.16 -0.93
C LEU A 35 -0.12 -24.62 0.38
N ALA A 36 1.21 -24.71 0.40
CA ALA A 36 1.93 -25.07 1.61
C ALA A 36 1.67 -24.08 2.73
N ALA A 37 1.59 -22.78 2.40
CA ALA A 37 1.38 -21.80 3.45
C ALA A 37 -0.04 -21.85 3.99
N LEU A 38 -1.02 -22.11 3.13
CA LEU A 38 -2.40 -22.15 3.60
C LEU A 38 -2.62 -23.36 4.51
N ALA A 39 -2.01 -24.49 4.12
CA ALA A 39 -2.02 -25.66 4.97
C ALA A 39 -1.43 -25.35 6.34
N SER A 40 -0.22 -24.73 6.34
CA SER A 40 0.43 -24.36 7.59
C SER A 40 -0.45 -23.43 8.44
N TRP A 41 -1.07 -22.45 7.79
CA TRP A 41 -1.90 -21.49 8.50
C TRP A 41 -3.07 -22.15 9.19
N SER A 42 -3.58 -23.25 8.63
CA SER A 42 -4.67 -23.93 9.34
C SER A 42 -4.20 -24.40 10.71
N GLN A 43 -2.91 -24.69 10.88
CA GLN A 43 -2.33 -25.15 12.13
C GLN A 43 -1.65 -24.05 12.94
N MET A 44 -1.78 -22.79 12.51
CA MET A 44 -1.08 -21.70 13.19
C MET A 44 -1.60 -21.56 14.61
N GLY A 45 -0.69 -21.44 15.58
CA GLY A 45 -1.11 -21.22 16.95
C GLY A 45 -1.97 -22.35 17.50
N ARG A 46 -1.76 -23.57 17.01
CA ARG A 46 -2.43 -24.73 17.56
C ARG A 46 -1.54 -25.49 18.52
N GLY A 47 -0.35 -24.97 18.82
CA GLY A 47 0.55 -25.59 19.78
C GLY A 47 1.03 -26.98 19.41
N ASP A 48 1.04 -27.33 18.12
CA ASP A 48 1.42 -28.66 17.65
C ASP A 48 2.37 -28.57 16.46
N LYS A 49 3.66 -28.48 16.77
CA LYS A 49 4.68 -28.33 15.74
C LYS A 49 4.59 -29.42 14.68
N ILE A 50 4.33 -30.65 15.12
CA ILE A 50 4.37 -31.78 14.23
C ILE A 50 3.26 -31.66 13.19
N ALA A 51 2.04 -31.29 13.65
CA ALA A 51 0.91 -31.13 12.76
C ALA A 51 1.15 -30.01 11.74
N ALA A 52 1.80 -28.91 12.15
CA ALA A 52 2.09 -27.81 11.24
C ALA A 52 3.06 -28.25 10.15
N ASP A 53 4.15 -28.90 10.57
CA ASP A 53 5.16 -29.32 9.60
C ASP A 53 4.61 -30.37 8.65
N GLN A 54 3.73 -31.25 9.15
CA GLN A 54 3.19 -32.30 8.30
C GLN A 54 2.19 -31.76 7.31
N ALA A 55 1.30 -30.85 7.76
CA ALA A 55 0.43 -30.15 6.81
C ALA A 55 1.25 -29.53 5.69
N ALA A 56 2.37 -28.90 6.04
CA ALA A 56 3.13 -28.19 5.02
C ALA A 56 3.83 -29.15 4.09
N VAL A 57 4.41 -30.22 4.64
CA VAL A 57 5.07 -31.21 3.81
C VAL A 57 4.05 -31.83 2.85
N ASP A 58 2.88 -32.22 3.37
CA ASP A 58 1.87 -32.86 2.53
C ASP A 58 1.46 -31.94 1.39
N ALA A 59 1.11 -30.69 1.73
CA ALA A 59 0.62 -29.77 0.71
C ALA A 59 1.68 -29.48 -0.34
N MET A 60 2.91 -29.22 0.11
CA MET A 60 3.99 -28.93 -0.81
C MET A 60 4.34 -30.13 -1.68
N ARG A 61 4.33 -31.37 -1.14
CA ARG A 61 4.63 -32.52 -2.01
C ARG A 61 3.53 -32.68 -3.04
N LYS A 62 2.27 -32.70 -2.59
CA LYS A 62 1.18 -32.87 -3.52
C LYS A 62 1.23 -31.83 -4.62
N ALA A 63 1.61 -30.58 -4.28
CA ALA A 63 1.60 -29.53 -5.29
C ALA A 63 2.81 -29.62 -6.22
N LEU A 64 3.99 -29.98 -5.69
CA LEU A 64 5.10 -30.20 -6.61
C LEU A 64 4.78 -31.33 -7.61
N ASN A 65 4.04 -32.33 -7.19
CA ASN A 65 3.86 -33.38 -8.19
C ASN A 65 2.96 -32.95 -9.34
N GLU A 66 2.47 -31.70 -9.33
CA GLU A 66 1.70 -31.14 -10.43
C GLU A 66 2.53 -30.16 -11.25
N VAL A 67 3.77 -29.93 -10.87
CA VAL A 67 4.70 -29.07 -11.61
C VAL A 67 5.40 -29.87 -12.69
N ASP A 68 5.58 -29.23 -13.84
CA ASP A 68 6.13 -29.90 -15.03
C ASP A 68 7.66 -29.80 -15.02
N ILE A 69 8.25 -30.61 -14.15
CA ILE A 69 9.69 -30.72 -14.02
C ILE A 69 10.07 -32.17 -13.74
N ASP A 70 11.34 -32.49 -14.04
CA ASP A 70 12.00 -33.70 -13.56
C ASP A 70 12.86 -33.24 -12.40
N GLY A 71 12.27 -33.19 -11.21
CA GLY A 71 12.92 -32.57 -10.07
C GLY A 71 13.57 -33.59 -9.20
N THR A 72 14.73 -33.24 -8.64
CA THR A 72 15.36 -34.02 -7.59
C THR A 72 15.57 -33.12 -6.38
N VAL A 73 14.95 -33.50 -5.28
CA VAL A 73 15.19 -32.80 -4.01
C VAL A 73 16.64 -32.97 -3.63
N VAL A 74 17.37 -31.84 -3.57
CA VAL A 74 18.73 -31.81 -3.06
C VAL A 74 18.81 -31.18 -1.67
N ILE A 75 17.73 -30.55 -1.20
CA ILE A 75 17.62 -29.94 0.11
C ILE A 75 16.17 -30.07 0.52
N GLY A 76 15.93 -30.76 1.62
CA GLY A 76 14.60 -31.21 1.96
C GLY A 76 14.47 -31.55 3.42
N GLU A 77 13.49 -32.41 3.71
CA GLU A 77 13.14 -32.72 5.10
C GLU A 77 14.15 -33.66 5.76
N GLY A 78 14.98 -34.32 4.98
CA GLY A 78 16.04 -35.12 5.53
C GLY A 78 16.36 -36.28 4.61
N GLU A 79 17.10 -37.23 5.17
CA GLU A 79 17.44 -38.43 4.45
C GLU A 79 16.24 -39.37 4.45
N LEU A 80 16.17 -40.24 3.44
CA LEU A 80 15.07 -41.21 3.34
C LEU A 80 14.94 -42.06 4.60
N ASP A 81 16.02 -42.24 5.35
CA ASP A 81 15.95 -42.82 6.70
C ASP A 81 14.87 -42.13 7.51
N GLU A 82 14.97 -40.81 7.59
CA GLU A 82 14.36 -39.95 8.60
C GLU A 82 13.01 -39.42 8.18
N ALA A 83 12.84 -39.22 6.88
CA ALA A 83 11.76 -38.41 6.33
C ALA A 83 11.07 -39.18 5.21
N PRO A 84 9.81 -39.56 5.38
CA PRO A 84 9.12 -40.29 4.30
C PRO A 84 8.87 -39.44 3.07
N MET A 85 8.78 -38.12 3.22
CA MET A 85 8.34 -37.24 2.15
C MET A 85 9.36 -36.12 2.00
N LEU A 86 9.69 -35.76 0.77
CA LEU A 86 10.64 -34.68 0.50
C LEU A 86 12.01 -34.97 1.11
N TYR A 87 12.48 -36.22 0.91
CA TYR A 87 13.80 -36.67 1.33
C TYR A 87 14.83 -36.41 0.22
N ILE A 88 16.09 -36.25 0.64
CA ILE A 88 17.18 -36.04 -0.30
C ILE A 88 17.16 -37.12 -1.36
N GLY A 89 17.23 -36.70 -2.62
CA GLY A 89 17.16 -37.61 -3.74
C GLY A 89 15.76 -37.87 -4.25
N GLU A 90 14.73 -37.58 -3.46
CA GLU A 90 13.38 -37.83 -3.94
C GLU A 90 13.19 -37.16 -5.30
N LYS A 91 12.55 -37.89 -6.21
CA LYS A 91 12.16 -37.36 -7.51
C LYS A 91 10.77 -36.80 -7.36
N VAL A 92 10.57 -35.59 -7.85
CA VAL A 92 9.29 -34.93 -7.75
C VAL A 92 8.97 -34.29 -9.09
N GLY A 93 7.68 -34.17 -9.37
CA GLY A 93 7.24 -33.52 -10.58
C GLY A 93 6.41 -34.40 -11.50
N ALA A 94 5.64 -33.76 -12.39
CA ALA A 94 4.90 -34.48 -13.41
C ALA A 94 5.78 -34.85 -14.59
N GLY A 95 6.92 -34.19 -14.76
CA GLY A 95 7.76 -34.41 -15.93
C GLY A 95 8.13 -33.10 -16.61
N GLY A 96 9.40 -32.92 -16.91
CA GLY A 96 9.84 -31.70 -17.59
C GLY A 96 11.34 -31.54 -17.50
N CYS A 97 11.77 -30.28 -17.60
CA CYS A 97 13.20 -29.99 -17.52
C CYS A 97 13.78 -30.51 -16.20
N GLU A 98 15.04 -30.92 -16.28
CA GLU A 98 15.73 -31.50 -15.14
C GLU A 98 16.22 -30.38 -14.24
N VAL A 99 15.74 -30.36 -13.00
CA VAL A 99 16.13 -29.32 -12.08
C VAL A 99 16.39 -29.93 -10.70
N ASP A 100 17.34 -29.32 -10.00
CA ASP A 100 17.52 -29.55 -8.58
C ASP A 100 16.64 -28.60 -7.76
N ILE A 101 15.99 -29.14 -6.73
CA ILE A 101 15.05 -28.40 -5.90
C ILE A 101 15.56 -28.34 -4.47
N ALA A 102 15.44 -27.15 -3.88
CA ALA A 102 15.76 -26.86 -2.48
C ALA A 102 14.47 -26.41 -1.80
N LEU A 103 14.10 -27.10 -0.73
CA LEU A 103 12.77 -26.95 -0.17
C LEU A 103 12.85 -26.64 1.32
N ASP A 104 11.95 -25.80 1.77
CA ASP A 104 11.70 -25.62 3.21
C ASP A 104 10.18 -25.54 3.29
N PRO A 105 9.51 -26.68 3.48
CA PRO A 105 8.03 -26.68 3.44
C PRO A 105 7.42 -25.78 4.49
N LEU A 106 8.11 -25.61 5.63
CA LEU A 106 7.67 -24.69 6.67
C LEU A 106 8.88 -24.26 7.51
N GLU A 107 9.42 -23.08 7.19
CA GLU A 107 10.44 -22.39 7.97
C GLU A 107 9.97 -22.04 9.37
N GLY A 108 10.72 -22.53 10.35
CA GLY A 108 10.42 -22.28 11.75
C GLY A 108 10.42 -23.56 12.58
N THR A 109 11.12 -23.52 13.71
CA THR A 109 11.08 -24.61 14.65
C THR A 109 9.72 -24.66 15.34
N THR A 110 9.38 -23.58 16.04
CA THR A 110 8.09 -23.48 16.69
C THR A 110 7.22 -22.33 16.20
N ILE A 111 7.70 -21.51 15.25
CA ILE A 111 7.04 -20.25 14.92
C ILE A 111 5.56 -20.45 14.65
N THR A 112 5.24 -21.39 13.76
CA THR A 112 3.86 -21.49 13.32
C THR A 112 2.97 -21.98 14.44
N SER A 113 3.48 -22.93 15.23
CA SER A 113 2.70 -23.48 16.33
C SER A 113 2.38 -22.43 17.39
N LYS A 114 3.26 -21.45 17.59
CA LYS A 114 3.03 -20.37 18.55
C LYS A 114 2.49 -19.09 17.92
N GLY A 115 2.41 -19.01 16.59
CA GLY A 115 2.04 -17.76 15.95
C GLY A 115 3.12 -16.70 15.98
N GLY A 116 4.37 -17.12 15.97
CA GLY A 116 5.47 -16.17 16.03
C GLY A 116 5.75 -15.58 14.68
N ALA A 117 6.66 -14.61 14.68
CA ALA A 117 7.04 -13.91 13.46
C ALA A 117 7.94 -14.77 12.56
N ASN A 118 7.89 -14.44 11.26
CA ASN A 118 8.77 -14.94 10.19
C ASN A 118 8.58 -16.38 9.79
N ALA A 119 7.37 -16.93 9.95
CA ALA A 119 7.02 -18.23 9.42
C ALA A 119 6.77 -18.13 7.92
N LEU A 120 7.34 -19.06 7.17
CA LEU A 120 7.41 -18.97 5.71
C LEU A 120 7.43 -20.36 5.06
N THR A 121 6.86 -20.45 3.86
CA THR A 121 7.12 -21.62 3.00
C THR A 121 8.03 -21.20 1.85
N VAL A 122 9.06 -22.01 1.58
CA VAL A 122 10.13 -21.64 0.68
C VAL A 122 10.42 -22.76 -0.31
N LEU A 123 10.70 -22.38 -1.56
CA LEU A 123 11.06 -23.30 -2.64
C LEU A 123 12.04 -22.61 -3.58
N ALA A 124 13.12 -23.28 -3.95
CA ALA A 124 14.05 -22.80 -4.96
C ALA A 124 14.36 -23.91 -5.96
N MET A 125 14.75 -23.50 -7.15
CA MET A 125 15.00 -24.42 -8.25
C MET A 125 16.21 -23.92 -9.04
N ALA A 126 17.11 -24.84 -9.36
CA ALA A 126 18.27 -24.51 -10.16
C ALA A 126 18.53 -25.62 -11.17
N ASP A 127 19.30 -25.30 -12.20
CA ASP A 127 19.78 -26.36 -13.07
C ASP A 127 20.59 -27.34 -12.23
N LYS A 128 20.65 -28.58 -12.72
CA LYS A 128 21.33 -29.66 -12.01
C LYS A 128 22.69 -29.22 -11.51
N GLY A 129 22.93 -29.37 -10.21
CA GLY A 129 24.17 -28.95 -9.59
C GLY A 129 24.27 -27.48 -9.19
N GLY A 130 23.20 -26.71 -9.32
CA GLY A 130 23.26 -25.28 -9.06
C GLY A 130 23.34 -24.88 -7.59
N PHE A 131 22.96 -25.77 -6.66
CA PHE A 131 23.00 -25.51 -5.23
C PHE A 131 24.14 -26.30 -4.59
N LEU A 132 24.75 -25.71 -3.56
CA LEU A 132 25.40 -26.52 -2.53
C LEU A 132 24.37 -27.44 -1.88
N ASN A 133 24.59 -28.75 -2.00
CA ASN A 133 23.69 -29.76 -1.43
C ASN A 133 24.00 -29.95 0.05
N ALA A 134 23.53 -29.00 0.84
CA ALA A 134 23.88 -28.92 2.25
C ALA A 134 23.15 -29.99 3.06
N PRO A 135 23.86 -30.67 3.96
CA PRO A 135 23.17 -31.45 4.99
C PRO A 135 22.54 -30.48 5.97
N ASP A 136 21.51 -30.91 6.66
CA ASP A 136 21.12 -30.06 7.78
C ASP A 136 22.09 -30.15 8.96
N VAL A 137 22.96 -29.14 8.97
CA VAL A 137 23.88 -28.84 10.04
C VAL A 137 23.78 -27.33 10.20
N TYR A 138 24.47 -26.81 11.19
CA TYR A 138 24.53 -25.36 11.38
C TYR A 138 25.48 -24.72 10.37
N MET A 139 25.23 -23.44 10.10
CA MET A 139 26.02 -22.64 9.15
C MET A 139 26.14 -21.25 9.72
N GLN A 140 27.38 -20.79 9.81
CA GLN A 140 27.64 -19.39 10.08
C GLN A 140 27.30 -18.60 8.82
N LYS A 141 26.81 -17.39 8.99
CA LYS A 141 26.32 -16.58 7.89
C LYS A 141 26.61 -15.11 8.18
N ILE A 142 27.01 -14.40 7.13
CA ILE A 142 27.00 -12.95 7.11
C ILE A 142 26.49 -12.54 5.73
N ALA A 143 25.59 -11.55 5.71
CA ALA A 143 24.95 -11.09 4.47
C ALA A 143 24.64 -9.60 4.55
N VAL A 144 24.77 -8.94 3.39
CA VAL A 144 24.44 -7.53 3.21
C VAL A 144 23.74 -7.45 1.85
N GLY A 145 22.83 -6.47 1.70
CA GLY A 145 22.13 -6.29 0.46
C GLY A 145 22.78 -5.22 -0.42
N GLY A 146 22.16 -4.98 -1.58
CA GLY A 146 22.66 -3.97 -2.51
C GLY A 146 23.17 -4.57 -3.81
N ILE A 147 22.53 -4.22 -4.92
CA ILE A 147 22.93 -4.76 -6.21
C ILE A 147 24.38 -4.44 -6.55
N ASN A 148 24.92 -3.34 -6.01
CA ASN A 148 26.28 -2.94 -6.35
C ASN A 148 27.27 -3.28 -5.25
N ALA A 149 26.87 -4.07 -4.27
CA ALA A 149 27.78 -4.36 -3.16
C ALA A 149 28.88 -5.28 -3.65
N PRO A 150 30.17 -4.94 -3.47
CA PRO A 150 31.22 -5.74 -4.12
C PRO A 150 31.64 -7.00 -3.36
N LYS A 151 32.05 -8.07 -4.10
CA LYS A 151 32.66 -9.22 -3.43
C LYS A 151 33.67 -8.70 -2.44
N GLY A 152 33.72 -9.36 -1.32
CA GLY A 152 34.68 -9.04 -0.30
C GLY A 152 34.17 -8.05 0.72
N ILE A 153 33.02 -7.42 0.48
CA ILE A 153 32.52 -6.45 1.45
C ILE A 153 32.30 -7.13 2.80
N VAL A 154 31.87 -8.40 2.82
CA VAL A 154 31.73 -9.15 4.07
C VAL A 154 32.60 -10.40 4.01
N ASP A 155 33.24 -10.73 5.14
CA ASP A 155 34.03 -11.95 5.26
C ASP A 155 33.90 -12.52 6.66
N LEU A 156 33.62 -13.82 6.76
CA LEU A 156 33.39 -14.44 8.05
C LEU A 156 34.60 -14.44 8.96
N ASP A 157 35.80 -14.27 8.40
CA ASP A 157 37.05 -14.34 9.18
C ASP A 157 37.48 -12.97 9.67
N ASP A 158 36.89 -11.92 9.13
CA ASP A 158 37.10 -10.57 9.63
C ASP A 158 36.21 -10.37 10.85
N SER A 159 36.60 -9.41 11.68
CA SER A 159 35.80 -9.12 12.85
C SER A 159 34.45 -8.51 12.45
N VAL A 160 33.49 -8.56 13.38
CA VAL A 160 32.23 -7.86 13.18
C VAL A 160 32.49 -6.39 12.89
N THR A 161 33.44 -5.80 13.61
CA THR A 161 33.71 -4.37 13.51
C THR A 161 34.14 -3.96 12.11
N ASN A 162 35.07 -4.71 11.51
CA ASN A 162 35.57 -4.37 10.18
C ASN A 162 34.52 -4.59 9.11
N ASN A 163 33.75 -5.68 9.21
CA ASN A 163 32.65 -5.89 8.27
C ASN A 163 31.67 -4.72 8.34
N LEU A 164 31.33 -4.30 9.55
CA LEU A 164 30.40 -3.20 9.70
C LEU A 164 30.98 -1.89 9.20
N LYS A 165 32.27 -1.65 9.46
CA LYS A 165 32.85 -0.41 8.95
C LYS A 165 32.77 -0.40 7.43
N ARG A 166 33.10 -1.52 6.80
CA ARG A 166 33.05 -1.57 5.34
C ARG A 166 31.62 -1.39 4.82
N ILE A 167 30.65 -1.98 5.51
CA ILE A 167 29.27 -1.81 5.09
C ILE A 167 28.86 -0.36 5.21
N ALA A 168 29.15 0.25 6.36
CA ALA A 168 28.79 1.63 6.59
C ALA A 168 29.40 2.54 5.54
N GLU A 169 30.66 2.27 5.17
CA GLU A 169 31.33 3.10 4.17
C GLU A 169 30.62 2.97 2.83
N PHE A 170 30.37 1.74 2.41
CA PHE A 170 29.70 1.54 1.13
C PHE A 170 28.30 2.15 1.10
N LYS A 171 27.57 2.11 2.20
CA LYS A 171 26.22 2.68 2.18
C LYS A 171 26.22 4.18 2.39
N GLY A 172 27.35 4.74 2.80
CA GLY A 172 27.43 6.16 3.00
C GLY A 172 26.76 6.66 4.26
N VAL A 173 26.73 5.84 5.32
CA VAL A 173 26.06 6.23 6.55
C VAL A 173 27.00 6.11 7.72
N HIS A 174 26.68 6.86 8.76
CA HIS A 174 27.31 6.70 10.06
C HIS A 174 26.97 5.32 10.63
N MET A 175 27.86 4.79 11.47
CA MET A 175 27.71 3.41 11.96
C MET A 175 26.41 3.20 12.73
N SER A 176 25.95 4.24 13.46
CA SER A 176 24.76 4.11 14.30
C SER A 176 23.48 4.00 13.47
N ALA A 177 23.54 4.38 12.20
CA ALA A 177 22.40 4.21 11.31
C ALA A 177 22.15 2.74 11.02
N LEU A 178 23.19 1.91 11.07
CA LEU A 178 23.06 0.54 10.57
C LEU A 178 22.27 -0.33 11.54
N VAL A 179 21.36 -1.13 10.99
CA VAL A 179 20.56 -2.07 11.75
C VAL A 179 21.06 -3.47 11.44
N VAL A 180 21.72 -4.09 12.40
CA VAL A 180 22.21 -5.46 12.29
C VAL A 180 21.14 -6.38 12.87
N CYS A 181 20.79 -7.42 12.12
CA CYS A 181 19.84 -8.43 12.59
C CYS A 181 20.54 -9.76 12.87
N THR A 182 20.12 -10.42 13.96
CA THR A 182 20.59 -11.76 14.31
C THR A 182 19.51 -12.45 15.13
N MET A 183 19.66 -13.75 15.33
CA MET A 183 18.65 -14.48 16.10
C MET A 183 18.92 -14.37 17.59
N ASP A 184 17.84 -14.31 18.38
CA ASP A 184 17.96 -14.25 19.85
C ASP A 184 18.41 -15.62 20.35
N ARG A 185 19.72 -15.80 20.51
CA ARG A 185 20.33 -17.07 20.89
C ARG A 185 21.56 -16.68 21.70
N PRO A 186 21.93 -17.46 22.71
CA PRO A 186 23.19 -17.17 23.43
C PRO A 186 24.42 -17.21 22.56
N ARG A 187 24.46 -18.10 21.57
CA ARG A 187 25.57 -18.18 20.65
C ARG A 187 25.83 -16.89 19.90
N HIS A 188 24.92 -15.91 19.95
CA HIS A 188 25.12 -14.67 19.22
C HIS A 188 25.48 -13.50 20.13
N GLU A 189 25.60 -13.74 21.43
CA GLU A 189 25.95 -12.67 22.37
C GLU A 189 27.10 -11.83 21.86
N HIS A 190 28.18 -12.48 21.43
CA HIS A 190 29.38 -11.75 21.05
C HIS A 190 29.13 -10.86 19.85
N ILE A 191 28.48 -11.39 18.82
CA ILE A 191 28.07 -10.57 17.69
C ILE A 191 27.32 -9.35 18.20
N ILE A 192 26.30 -9.59 19.02
CA ILE A 192 25.52 -8.49 19.56
C ILE A 192 26.43 -7.51 20.28
N LYS A 193 27.21 -8.00 21.25
CA LYS A 193 28.04 -7.06 22.01
C LYS A 193 28.95 -6.29 21.05
N GLU A 194 29.64 -6.99 20.16
CA GLU A 194 30.64 -6.27 19.38
C GLU A 194 29.94 -5.22 18.51
N ALA A 195 28.79 -5.57 17.93
CA ALA A 195 28.13 -4.60 17.06
C ALA A 195 27.71 -3.37 17.85
N ARG A 196 27.10 -3.59 19.00
CA ARG A 196 26.70 -2.46 19.83
C ARG A 196 27.92 -1.66 20.23
N GLU A 197 29.03 -2.35 20.52
CA GLU A 197 30.20 -1.62 20.99
C GLU A 197 30.72 -0.68 19.91
N CYS A 198 30.67 -1.08 18.65
CA CYS A 198 31.15 -0.17 17.63
C CYS A 198 30.05 0.78 17.14
N GLY A 199 28.89 0.80 17.81
CA GLY A 199 27.91 1.85 17.66
C GLY A 199 26.64 1.49 16.91
N ALA A 200 26.57 0.31 16.30
CA ALA A 200 25.40 -0.03 15.52
C ALA A 200 24.22 -0.42 16.40
N ARG A 201 23.06 -0.43 15.78
CA ARG A 201 21.83 -0.92 16.37
C ARG A 201 21.66 -2.37 15.98
N VAL A 202 21.30 -3.21 16.96
CA VAL A 202 21.25 -4.66 16.75
C VAL A 202 19.92 -5.20 17.20
N ILE A 203 19.06 -5.57 16.24
CA ILE A 203 17.75 -6.11 16.54
C ILE A 203 17.76 -7.63 16.45
N LEU A 204 16.86 -8.23 17.20
CA LEU A 204 16.82 -9.67 17.41
C LEU A 204 15.51 -10.26 16.91
N ILE A 205 15.62 -11.31 16.11
CA ILE A 205 14.48 -12.13 15.74
C ILE A 205 14.51 -13.44 16.52
N ASN A 206 13.34 -13.99 16.75
CA ASN A 206 13.33 -15.22 17.53
C ASN A 206 13.59 -16.43 16.68
N ASP A 207 13.21 -16.39 15.42
CA ASP A 207 13.45 -17.49 14.48
C ASP A 207 13.38 -16.91 13.08
N GLY A 208 13.77 -17.70 12.09
CA GLY A 208 13.45 -17.38 10.72
C GLY A 208 14.53 -16.57 10.07
N ASP A 209 15.74 -17.15 9.97
CA ASP A 209 16.81 -16.38 9.38
C ASP A 209 16.82 -16.49 7.86
N VAL A 210 15.83 -17.11 7.25
CA VAL A 210 15.65 -16.86 5.81
C VAL A 210 15.12 -15.44 5.60
N SER A 211 14.08 -15.09 6.36
CA SER A 211 13.58 -13.72 6.33
C SER A 211 14.66 -12.77 6.79
N GLY A 212 15.38 -13.15 7.85
CA GLY A 212 16.40 -12.26 8.38
C GLY A 212 17.47 -11.93 7.35
N VAL A 213 17.94 -12.95 6.62
CA VAL A 213 18.99 -12.67 5.64
C VAL A 213 18.43 -11.88 4.46
N ILE A 214 17.31 -12.31 3.91
CA ILE A 214 16.77 -11.67 2.72
C ILE A 214 16.32 -10.24 3.02
N ALA A 215 15.94 -9.97 4.27
CA ALA A 215 15.57 -8.61 4.65
C ALA A 215 16.69 -7.64 4.31
N THR A 216 17.95 -8.11 4.29
CA THR A 216 19.03 -7.17 4.02
C THR A 216 18.94 -6.61 2.61
N ALA A 217 18.25 -7.31 1.71
CA ALA A 217 18.11 -6.93 0.29
C ALA A 217 16.69 -6.57 -0.15
N THR A 218 15.76 -6.33 0.77
CA THR A 218 14.34 -6.02 0.55
C THR A 218 14.16 -4.52 0.79
N GLU A 219 13.36 -3.84 -0.03
CA GLU A 219 13.21 -2.38 0.26
C GLU A 219 12.49 -2.20 1.58
N ASN A 220 12.86 -1.17 2.33
CA ASN A 220 12.05 -0.76 3.48
C ASN A 220 11.92 -1.81 4.59
N SER A 221 12.80 -2.79 4.62
CA SER A 221 12.76 -3.78 5.67
C SER A 221 13.21 -3.20 7.00
N GLY A 222 13.99 -2.11 6.98
CA GLY A 222 14.66 -1.65 8.17
C GLY A 222 15.84 -2.51 8.63
N ILE A 223 16.33 -3.44 7.81
CA ILE A 223 17.45 -4.30 8.15
C ILE A 223 18.56 -4.12 7.14
N ASP A 224 19.78 -3.87 7.64
CA ASP A 224 20.92 -3.62 6.78
C ASP A 224 21.91 -4.77 6.69
N VAL A 225 22.08 -5.54 7.75
CA VAL A 225 23.11 -6.59 7.79
C VAL A 225 22.50 -7.79 8.52
N TYR A 226 22.85 -9.00 8.10
CA TYR A 226 22.53 -10.17 8.91
C TYR A 226 23.81 -10.91 9.27
N ILE A 227 23.96 -11.17 10.57
CA ILE A 227 25.07 -11.93 11.11
C ILE A 227 24.51 -12.96 12.08
N GLY A 228 24.80 -14.23 11.84
CA GLY A 228 24.34 -15.24 12.77
C GLY A 228 24.62 -16.62 12.22
N THR A 229 24.39 -17.60 13.08
CA THR A 229 24.45 -18.99 12.74
C THR A 229 23.05 -19.58 12.79
N GLY A 230 22.69 -20.30 11.74
CA GLY A 230 21.38 -20.91 11.65
C GLY A 230 21.44 -22.18 10.84
N GLY A 231 20.33 -22.60 10.25
CA GLY A 231 20.33 -23.82 9.47
C GLY A 231 20.96 -23.64 8.11
N ALA A 232 21.68 -24.66 7.64
CA ALA A 232 22.39 -24.61 6.36
C ALA A 232 21.45 -24.60 5.15
N PRO A 233 20.40 -25.41 5.18
CA PRO A 233 19.40 -25.34 4.10
C PRO A 233 18.82 -23.94 3.93
N GLU A 234 18.54 -23.27 5.06
CA GLU A 234 18.07 -21.90 5.06
C GLU A 234 19.12 -20.94 4.50
N GLY A 235 20.39 -21.17 4.84
CA GLY A 235 21.45 -20.41 4.22
C GLY A 235 21.38 -20.48 2.71
N VAL A 236 21.33 -21.70 2.17
CA VAL A 236 21.32 -21.86 0.71
C VAL A 236 20.09 -21.19 0.11
N LEU A 237 18.92 -21.38 0.72
CA LEU A 237 17.72 -20.73 0.19
C LEU A 237 17.88 -19.22 0.16
N ALA A 238 18.43 -18.64 1.23
CA ALA A 238 18.59 -17.19 1.28
C ALA A 238 19.58 -16.70 0.23
N ALA A 239 20.66 -17.46 0.01
CA ALA A 239 21.62 -17.12 -1.03
C ALA A 239 20.95 -17.15 -2.39
N ALA A 240 20.05 -18.13 -2.61
CA ALA A 240 19.30 -18.13 -3.86
C ALA A 240 18.57 -16.81 -4.05
N ALA A 241 17.83 -16.40 -3.02
CA ALA A 241 17.10 -15.16 -3.11
C ALA A 241 18.03 -14.01 -3.41
N LEU A 242 19.15 -13.92 -2.69
CA LEU A 242 19.99 -12.75 -2.84
C LEU A 242 20.73 -12.77 -4.18
N LYS A 243 20.92 -13.96 -4.75
CA LYS A 243 21.43 -14.08 -6.10
C LYS A 243 20.53 -13.28 -7.01
N CYS A 244 19.23 -13.33 -6.70
CA CYS A 244 18.25 -12.63 -7.53
C CYS A 244 18.11 -11.16 -7.17
N LEU A 245 18.19 -10.82 -5.89
CA LEU A 245 17.88 -9.47 -5.44
C LEU A 245 19.10 -8.56 -5.47
N GLY A 246 20.29 -9.15 -5.45
CA GLY A 246 21.48 -8.36 -5.30
C GLY A 246 21.94 -8.34 -3.86
N GLY A 247 23.19 -8.71 -3.64
CA GLY A 247 23.77 -8.72 -2.32
C GLY A 247 25.00 -9.59 -2.29
N GLN A 248 25.61 -9.66 -1.10
CA GLN A 248 26.82 -10.43 -0.86
C GLN A 248 26.62 -11.21 0.42
N MET A 249 27.10 -12.45 0.40
CA MET A 249 26.92 -13.33 1.53
C MET A 249 28.08 -14.30 1.60
N GLN A 250 28.48 -14.62 2.83
CA GLN A 250 29.50 -15.63 3.10
C GLN A 250 29.01 -16.55 4.21
N ALA A 251 29.24 -17.85 4.01
CA ALA A 251 28.75 -18.87 4.93
C ALA A 251 29.78 -19.98 5.11
N ARG A 252 29.66 -20.66 6.24
CA ARG A 252 30.56 -21.76 6.55
C ARG A 252 29.80 -22.82 7.32
N LEU A 253 29.90 -24.06 6.88
CA LEU A 253 29.26 -25.16 7.60
C LEU A 253 29.98 -25.40 8.93
N ILE A 254 29.19 -25.84 9.92
CA ILE A 254 29.63 -26.14 11.27
C ILE A 254 29.20 -27.56 11.60
N PHE A 255 30.08 -28.32 12.25
CA PHE A 255 29.81 -29.72 12.51
C PHE A 255 29.97 -30.03 13.99
N ASN A 256 28.89 -30.56 14.58
CA ASN A 256 28.85 -30.83 16.00
C ASN A 256 29.24 -32.26 16.36
N ASP A 257 29.04 -33.22 15.46
CA ASP A 257 29.41 -34.59 15.79
C ASP A 257 29.83 -35.33 14.51
N GLU A 258 30.34 -36.55 14.73
CA GLU A 258 30.92 -37.32 13.64
C GLU A 258 29.88 -37.72 12.60
N GLU A 259 28.63 -37.95 13.00
CA GLU A 259 27.61 -38.34 12.02
C GLU A 259 27.33 -37.20 11.06
N GLU A 260 27.34 -35.95 11.53
CA GLU A 260 27.19 -34.82 10.61
C GLU A 260 28.33 -34.79 9.61
N ILE A 261 29.55 -35.14 10.04
CA ILE A 261 30.68 -35.19 9.12
C ILE A 261 30.49 -36.31 8.10
N LYS A 262 29.90 -37.42 8.52
CA LYS A 262 29.64 -38.50 7.58
C LYS A 262 28.60 -38.06 6.55
N ARG A 263 27.57 -37.33 6.97
CA ARG A 263 26.56 -36.85 6.04
C ARG A 263 27.20 -35.95 4.98
N ALA A 264 28.07 -35.03 5.43
CA ALA A 264 28.80 -34.19 4.48
C ALA A 264 29.64 -35.03 3.52
N HIS A 265 30.42 -35.98 4.05
CA HIS A 265 31.23 -36.84 3.18
C HIS A 265 30.37 -37.56 2.15
N ARG A 266 29.18 -38.03 2.57
CA ARG A 266 28.31 -38.70 1.62
C ARG A 266 27.78 -37.76 0.55
N LEU A 267 27.65 -36.47 0.87
CA LEU A 267 27.27 -35.48 -0.13
C LEU A 267 28.44 -34.90 -0.91
N GLY A 268 29.67 -35.30 -0.62
CA GLY A 268 30.79 -34.85 -1.42
C GLY A 268 31.57 -33.71 -0.82
N ILE A 269 31.29 -33.35 0.42
CA ILE A 269 31.95 -32.24 1.10
C ILE A 269 33.04 -32.81 1.99
N THR A 270 34.28 -32.40 1.73
CA THR A 270 35.43 -32.83 2.52
C THR A 270 36.22 -31.67 3.11
N ASP A 271 36.16 -30.47 2.51
CA ASP A 271 36.75 -29.26 3.11
C ASP A 271 35.72 -28.70 4.07
N LEU A 272 35.75 -29.18 5.33
CA LEU A 272 34.66 -28.93 6.24
C LEU A 272 34.60 -27.46 6.67
N ASN A 273 35.74 -26.77 6.67
CA ASN A 273 35.80 -25.38 7.05
C ASN A 273 35.85 -24.45 5.85
N LYS A 274 35.45 -24.93 4.68
CA LYS A 274 35.33 -24.07 3.50
C LYS A 274 34.42 -22.88 3.77
N LYS A 275 34.88 -21.68 3.41
CA LYS A 275 34.01 -20.51 3.29
C LYS A 275 33.36 -20.50 1.92
N TYR A 276 32.04 -20.51 1.89
CA TYR A 276 31.28 -20.45 0.66
C TYR A 276 30.89 -19.03 0.39
N ASP A 277 31.28 -18.57 -0.78
CA ASP A 277 30.68 -17.37 -1.32
C ASP A 277 29.25 -17.69 -1.74
N ILE A 278 28.46 -16.64 -1.89
CA ILE A 278 27.09 -16.74 -2.40
C ILE A 278 27.03 -17.50 -3.73
N ASP A 279 28.05 -17.33 -4.58
CA ASP A 279 28.07 -18.07 -5.85
C ASP A 279 28.34 -19.56 -5.63
N ASP A 280 29.03 -19.92 -4.55
CA ASP A 280 29.20 -21.33 -4.24
C ASP A 280 27.95 -21.95 -3.64
N LEU A 281 27.03 -21.14 -3.12
CA LEU A 281 25.81 -21.68 -2.53
C LEU A 281 24.73 -21.87 -3.58
N ALA A 282 24.67 -20.98 -4.56
CA ALA A 282 23.59 -21.02 -5.53
C ALA A 282 24.18 -20.38 -6.77
N SER A 283 24.15 -21.10 -7.90
CA SER A 283 24.75 -20.59 -9.12
C SER A 283 23.89 -20.97 -10.31
N GLY A 284 24.06 -20.23 -11.40
CA GLY A 284 23.30 -20.51 -12.59
C GLY A 284 21.92 -19.89 -12.53
N ASP A 285 21.00 -20.50 -13.28
CA ASP A 285 19.64 -20.02 -13.37
C ASP A 285 18.89 -20.47 -12.12
N ILE A 286 18.47 -19.49 -11.31
CA ILE A 286 17.82 -19.74 -10.03
C ILE A 286 16.44 -19.12 -10.00
N VAL A 287 15.47 -19.91 -9.56
CA VAL A 287 14.15 -19.43 -9.20
C VAL A 287 14.02 -19.59 -7.68
N PHE A 288 13.46 -18.59 -7.04
CA PHE A 288 13.17 -18.63 -5.61
C PHE A 288 11.76 -18.13 -5.39
N ALA A 289 11.04 -18.82 -4.53
CA ALA A 289 9.66 -18.53 -4.23
C ALA A 289 9.45 -18.70 -2.73
N ALA A 290 8.66 -17.80 -2.15
CA ALA A 290 8.25 -17.97 -0.76
C ALA A 290 6.88 -17.37 -0.56
N THR A 291 6.10 -18.00 0.33
CA THR A 291 4.84 -17.43 0.79
C THR A 291 4.90 -17.21 2.30
N GLY A 292 4.35 -16.09 2.77
CA GLY A 292 4.32 -15.83 4.20
C GLY A 292 3.30 -16.74 4.90
N VAL A 293 3.62 -17.16 6.11
CA VAL A 293 2.64 -17.85 6.94
C VAL A 293 2.18 -16.95 8.06
N THR A 294 3.11 -16.47 8.86
CA THR A 294 2.86 -15.37 9.79
C THR A 294 3.56 -14.13 9.26
N ASP A 295 3.19 -12.98 9.82
CA ASP A 295 3.88 -11.76 9.46
C ASP A 295 5.36 -11.87 9.82
N GLY A 296 6.22 -11.37 8.94
CA GLY A 296 7.64 -11.32 9.18
C GLY A 296 8.30 -10.16 8.49
N ASN A 297 9.60 -10.11 8.53
CA ASN A 297 10.30 -8.92 8.08
C ASN A 297 10.70 -9.07 6.63
N MET A 298 10.00 -10.01 5.98
CA MET A 298 10.07 -10.17 4.54
C MET A 298 8.70 -10.16 3.89
N LEU A 299 7.73 -10.87 4.45
CA LEU A 299 6.44 -11.10 3.83
C LEU A 299 5.38 -11.10 4.91
N GLN A 300 4.15 -10.70 4.54
CA GLN A 300 3.14 -10.66 5.59
C GLN A 300 2.55 -12.07 5.68
N GLY A 301 1.87 -12.41 6.80
CA GLY A 301 1.24 -13.73 6.92
C GLY A 301 -0.13 -13.79 6.24
N VAL A 302 -0.69 -15.00 6.23
CA VAL A 302 -2.01 -15.25 5.65
C VAL A 302 -3.04 -14.55 6.51
N LYS A 303 -4.07 -14.01 5.88
CA LYS A 303 -5.09 -13.28 6.61
C LYS A 303 -6.46 -13.70 6.14
N ARG A 304 -7.42 -13.70 7.07
CA ARG A 304 -8.83 -13.85 6.72
C ARG A 304 -9.43 -12.49 6.37
N VAL A 305 -10.15 -12.43 5.24
CA VAL A 305 -10.78 -11.20 4.80
C VAL A 305 -12.24 -11.47 4.49
N ASN A 306 -13.09 -10.50 4.86
CA ASN A 306 -14.50 -10.50 4.52
C ASN A 306 -14.81 -9.25 3.73
N SER A 307 -15.51 -9.41 2.61
CA SER A 307 -15.87 -8.30 1.73
C SER A 307 -17.31 -8.56 1.30
N THR A 308 -18.18 -7.56 1.35
CA THR A 308 -19.51 -7.77 0.77
C THR A 308 -19.44 -7.96 -0.73
N ARG A 309 -18.68 -7.07 -1.41
CA ARG A 309 -18.55 -7.12 -2.86
C ARG A 309 -18.02 -8.46 -3.34
N ARG A 310 -17.05 -9.00 -2.66
CA ARG A 310 -16.43 -10.18 -3.20
C ARG A 310 -16.42 -11.39 -2.28
N GLY A 311 -17.03 -11.29 -1.12
CA GLY A 311 -17.15 -12.45 -0.27
C GLY A 311 -15.97 -12.57 0.67
N SER A 312 -15.75 -13.76 1.20
CA SER A 312 -14.70 -14.00 2.16
C SER A 312 -13.61 -14.87 1.53
N TYR A 313 -12.37 -14.63 1.95
CA TYR A 313 -11.23 -15.33 1.36
C TYR A 313 -10.03 -15.25 2.31
N ALA A 314 -9.10 -16.18 2.13
CA ALA A 314 -7.76 -16.01 2.69
C ALA A 314 -6.89 -15.23 1.72
N VAL A 315 -6.04 -14.34 2.25
CA VAL A 315 -5.04 -13.61 1.46
C VAL A 315 -3.65 -14.16 1.78
N THR A 316 -2.92 -14.55 0.74
CA THR A 316 -1.52 -14.94 0.86
C THR A 316 -0.63 -13.91 0.20
N HIS A 317 0.56 -13.73 0.76
CA HIS A 317 1.54 -12.79 0.24
C HIS A 317 2.84 -13.52 -0.07
N SER A 318 3.25 -13.46 -1.34
CA SER A 318 4.31 -14.28 -1.88
C SER A 318 5.26 -13.44 -2.72
N VAL A 319 6.40 -14.04 -3.00
CA VAL A 319 7.41 -13.44 -3.86
C VAL A 319 8.08 -14.56 -4.64
N VAL A 320 8.24 -14.34 -5.93
CA VAL A 320 8.96 -15.25 -6.82
C VAL A 320 9.94 -14.40 -7.61
N MET A 321 11.15 -14.92 -7.77
CA MET A 321 12.24 -14.22 -8.39
C MET A 321 13.07 -15.22 -9.19
N ARG A 322 13.80 -14.66 -10.17
CA ARG A 322 14.60 -15.41 -11.12
C ARG A 322 15.88 -14.65 -11.38
N SER A 323 17.01 -15.35 -11.26
CA SER A 323 18.33 -14.73 -11.32
C SER A 323 18.72 -14.33 -12.75
N THR A 324 18.32 -15.10 -13.74
CA THR A 324 18.75 -14.77 -15.09
C THR A 324 17.98 -13.58 -15.62
N THR A 325 16.68 -13.52 -15.37
CA THR A 325 15.96 -12.31 -15.74
C THR A 325 16.13 -11.20 -14.71
N LYS A 326 16.47 -11.53 -13.48
CA LYS A 326 16.44 -10.58 -12.37
C LYS A 326 15.03 -10.06 -12.10
N THR A 327 14.02 -10.72 -12.63
CA THR A 327 12.63 -10.30 -12.42
C THR A 327 12.18 -10.72 -11.03
N VAL A 328 11.58 -9.77 -10.31
CA VAL A 328 11.00 -10.02 -9.00
C VAL A 328 9.52 -9.68 -9.03
N ARG A 329 8.70 -10.63 -8.63
CA ARG A 329 7.26 -10.48 -8.64
C ARG A 329 6.69 -10.68 -7.24
N HIS A 330 5.93 -9.70 -6.78
CA HIS A 330 5.25 -9.71 -5.51
C HIS A 330 3.76 -9.99 -5.77
N ILE A 331 3.21 -10.95 -5.05
CA ILE A 331 1.94 -11.53 -5.39
C ILE A 331 1.07 -11.55 -4.16
N THR A 332 -0.09 -10.93 -4.25
CA THR A 332 -1.14 -11.02 -3.25
C THR A 332 -2.27 -11.82 -3.87
N ALA A 333 -2.54 -12.99 -3.30
CA ALA A 333 -3.54 -13.89 -3.82
C ALA A 333 -4.72 -13.97 -2.87
N GLU A 334 -5.92 -13.91 -3.43
CA GLU A 334 -7.17 -14.10 -2.68
C GLU A 334 -7.74 -15.48 -3.01
N HIS A 335 -7.84 -16.34 -2.00
CA HIS A 335 -8.35 -17.70 -2.14
C HIS A 335 -9.72 -17.77 -1.45
N SER A 336 -10.77 -17.95 -2.25
CA SER A 336 -12.14 -18.01 -1.75
C SER A 336 -12.33 -19.10 -0.73
N PHE A 337 -13.13 -18.78 0.29
CA PHE A 337 -13.33 -19.74 1.36
C PHE A 337 -14.49 -19.27 2.23
N ASP A 338 -15.35 -20.21 2.58
CA ASP A 338 -16.44 -20.01 3.54
C ASP A 338 -15.90 -20.33 4.92
N PHE A 339 -15.66 -19.29 5.74
CA PHE A 339 -15.02 -19.50 7.04
C PHE A 339 -15.99 -20.03 8.10
N LYS A 340 -17.24 -20.32 7.70
CA LYS A 340 -18.12 -21.15 8.53
C LYS A 340 -17.67 -22.60 8.55
N GLU A 341 -16.92 -23.03 7.54
CA GLU A 341 -16.35 -24.35 7.50
C GLU A 341 -15.05 -24.34 8.29
N GLY A 342 -14.63 -25.51 8.72
CA GLY A 342 -13.40 -25.61 9.50
C GLY A 342 -12.18 -25.20 8.69
N ILE A 343 -11.24 -24.59 9.40
CA ILE A 343 -10.03 -24.04 8.79
C ILE A 343 -9.15 -25.14 8.21
N GLU A 344 -9.24 -26.35 8.74
CA GLU A 344 -8.43 -27.45 8.24
C GLU A 344 -8.83 -27.87 6.84
N LYS A 345 -9.95 -27.38 6.35
CA LYS A 345 -10.15 -27.61 4.92
C LYS A 345 -8.99 -27.06 4.09
N PHE A 346 -8.24 -26.07 4.58
CA PHE A 346 -7.13 -25.57 3.78
C PHE A 346 -6.01 -26.59 3.64
N MET A 347 -6.04 -27.69 4.39
CA MET A 347 -5.03 -28.73 4.19
C MET A 347 -5.29 -29.47 2.89
N SER A 348 -4.26 -30.15 2.39
CA SER A 348 -4.39 -30.84 1.10
C SER A 348 -4.76 -32.32 1.21
N MET B 21 -12.76 20.83 23.71
CA MET B 21 -11.42 20.41 23.16
C MET B 21 -11.29 20.71 21.67
N ASN B 22 -10.49 21.70 21.26
CA ASN B 22 -10.49 22.05 19.84
C ASN B 22 -10.09 20.88 18.95
N ARG B 23 -10.58 20.95 17.71
CA ARG B 23 -10.21 20.09 16.60
C ARG B 23 -8.72 20.18 16.28
N LYS B 24 -8.02 21.22 16.74
CA LYS B 24 -6.60 21.38 16.48
C LYS B 24 -5.76 20.35 17.22
N VAL B 25 -6.19 19.96 18.41
CA VAL B 25 -5.33 19.19 19.31
C VAL B 25 -5.06 17.79 18.76
N ALA B 26 -6.03 17.21 18.06
CA ALA B 26 -5.84 15.86 17.52
C ALA B 26 -4.58 15.80 16.67
N LEU B 27 -4.47 16.66 15.67
CA LEU B 27 -3.36 16.53 14.74
C LEU B 27 -2.06 16.92 15.42
N GLU B 28 -2.14 17.79 16.42
CA GLU B 28 -0.96 18.18 17.18
C GLU B 28 -0.38 17.00 17.96
N ALA B 29 -1.24 16.10 18.45
CA ALA B 29 -0.71 14.99 19.24
C ALA B 29 0.19 14.07 18.43
N VAL B 30 -0.06 13.95 17.14
CA VAL B 30 0.70 12.99 16.36
C VAL B 30 2.16 13.43 16.30
N ARG B 31 2.40 14.75 16.32
CA ARG B 31 3.76 15.27 16.27
C ARG B 31 4.51 14.88 17.53
N VAL B 32 3.78 14.82 18.65
CA VAL B 32 4.39 14.38 19.89
C VAL B 32 4.83 12.93 19.77
N THR B 33 3.88 12.05 19.41
CA THR B 33 4.23 10.64 19.27
C THR B 33 5.34 10.43 18.22
N GLU B 34 5.39 11.25 17.19
CA GLU B 34 6.41 11.09 16.16
C GLU B 34 7.79 11.41 16.73
N LEU B 35 7.90 12.50 17.46
CA LEU B 35 9.18 12.89 18.00
C LEU B 35 9.64 11.89 19.05
N ALA B 36 8.71 11.42 19.87
CA ALA B 36 9.04 10.39 20.85
C ALA B 36 9.53 9.12 20.15
N ALA B 37 8.93 8.77 19.01
CA ALA B 37 9.29 7.56 18.30
C ALA B 37 10.66 7.70 17.67
N LEU B 38 10.96 8.85 17.05
CA LEU B 38 12.29 9.06 16.48
C LEU B 38 13.38 9.01 17.55
N ALA B 39 13.15 9.72 18.67
CA ALA B 39 14.05 9.58 19.81
C ALA B 39 14.23 8.11 20.18
N SER B 40 13.12 7.38 20.38
CA SER B 40 13.22 5.97 20.78
C SER B 40 14.02 5.15 19.76
N TRP B 41 13.81 5.41 18.47
CA TRP B 41 14.47 4.64 17.41
C TRP B 41 15.98 4.80 17.46
N SER B 42 16.44 6.00 17.82
CA SER B 42 17.88 6.17 17.94
C SER B 42 18.49 5.21 18.95
N GLN B 43 17.68 4.66 19.85
CA GLN B 43 18.12 3.75 20.89
C GLN B 43 17.72 2.32 20.60
N MET B 44 17.11 2.07 19.44
CA MET B 44 16.54 0.75 19.19
C MET B 44 17.65 -0.27 19.05
N GLY B 45 17.56 -1.36 19.78
CA GLY B 45 18.59 -2.36 19.66
C GLY B 45 19.95 -1.91 20.12
N ARG B 46 20.00 -0.97 21.07
CA ARG B 46 21.23 -0.66 21.78
C ARG B 46 21.30 -1.43 23.11
N GLY B 47 20.29 -2.23 23.43
CA GLY B 47 20.31 -3.04 24.63
C GLY B 47 20.26 -2.28 25.93
N ASP B 48 19.67 -1.08 25.94
CA ASP B 48 19.70 -0.15 27.08
C ASP B 48 18.27 0.35 27.26
N LYS B 49 17.48 -0.45 27.95
CA LYS B 49 16.09 -0.15 28.25
C LYS B 49 15.89 1.22 28.95
N ILE B 50 16.82 1.59 29.83
CA ILE B 50 16.68 2.90 30.49
C ILE B 50 16.86 4.01 29.48
N ALA B 51 17.94 3.93 28.69
CA ALA B 51 18.26 5.01 27.76
C ALA B 51 17.14 5.21 26.75
N ALA B 52 16.56 4.12 26.26
CA ALA B 52 15.41 4.24 25.37
C ALA B 52 14.28 4.98 26.08
N ASP B 53 13.90 4.51 27.27
CA ASP B 53 12.74 5.08 27.96
C ASP B 53 12.84 6.58 28.20
N GLN B 54 13.99 7.02 28.66
CA GLN B 54 14.29 8.44 28.86
C GLN B 54 14.54 9.25 27.58
N ALA B 55 15.11 8.67 26.52
CA ALA B 55 15.03 9.36 25.24
C ALA B 55 13.58 9.69 24.94
N ALA B 56 12.66 8.74 25.18
CA ALA B 56 11.27 8.94 24.73
C ALA B 56 10.48 9.88 25.66
N VAL B 57 10.78 9.81 26.96
CA VAL B 57 10.17 10.72 27.94
C VAL B 57 10.55 12.15 27.65
N ASP B 58 11.81 12.35 27.33
CA ASP B 58 12.34 13.69 27.20
C ASP B 58 11.83 14.31 25.88
N ALA B 59 11.84 13.53 24.78
CA ALA B 59 11.21 14.02 23.56
C ALA B 59 9.74 14.35 23.79
N MET B 60 9.00 13.48 24.49
CA MET B 60 7.56 13.67 24.60
C MET B 60 7.20 14.88 25.46
N ARG B 61 7.87 15.05 26.62
CA ARG B 61 7.64 16.23 27.48
C ARG B 61 7.95 17.52 26.74
N LYS B 62 9.11 17.57 26.04
CA LYS B 62 9.42 18.78 25.27
C LYS B 62 8.36 19.01 24.20
N ALA B 63 7.92 17.93 23.53
CA ALA B 63 6.94 18.11 22.46
C ALA B 63 5.57 18.53 23.01
N LEU B 64 5.20 18.04 24.19
CA LEU B 64 3.90 18.41 24.73
C LEU B 64 3.88 19.86 25.15
N ASN B 65 4.99 20.35 25.65
CA ASN B 65 4.95 21.74 26.08
C ASN B 65 4.76 22.69 24.89
N GLU B 66 4.70 22.19 23.65
CA GLU B 66 4.38 23.02 22.48
C GLU B 66 2.95 22.80 21.99
N VAL B 67 2.18 21.99 22.67
CA VAL B 67 0.79 21.72 22.32
C VAL B 67 -0.11 22.70 23.07
N ASP B 68 -1.16 23.18 22.41
CA ASP B 68 -1.96 24.28 22.94
C ASP B 68 -3.08 23.75 23.84
N ILE B 69 -2.66 23.24 24.99
CA ILE B 69 -3.58 22.69 25.97
C ILE B 69 -3.17 23.16 27.36
N ASP B 70 -4.12 23.10 28.27
CA ASP B 70 -3.84 23.10 29.70
C ASP B 70 -3.99 21.65 30.14
N GLY B 71 -2.92 20.89 29.99
CA GLY B 71 -2.96 19.47 30.21
C GLY B 71 -2.45 19.08 31.61
N THR B 72 -3.09 18.06 32.16
CA THR B 72 -2.67 17.40 33.39
C THR B 72 -2.43 15.93 33.06
N VAL B 73 -1.23 15.45 33.32
CA VAL B 73 -0.95 14.02 33.21
C VAL B 73 -1.71 13.25 34.27
N VAL B 74 -2.64 12.39 33.85
CA VAL B 74 -3.36 11.51 34.75
C VAL B 74 -2.87 10.05 34.68
N ILE B 75 -2.17 9.67 33.60
CA ILE B 75 -1.47 8.40 33.45
C ILE B 75 -0.13 8.76 32.83
N GLY B 76 0.96 8.28 33.42
CA GLY B 76 2.26 8.78 33.05
C GLY B 76 3.36 7.88 33.53
N GLU B 77 4.55 8.48 33.68
CA GLU B 77 5.75 7.71 34.02
C GLU B 77 5.77 7.28 35.48
N GLY B 78 4.87 7.79 36.30
CA GLY B 78 4.80 7.44 37.71
C GLY B 78 4.36 8.65 38.53
N GLU B 79 4.48 8.49 39.85
CA GLU B 79 4.22 9.58 40.77
C GLU B 79 5.46 10.47 40.89
N LEU B 80 5.23 11.73 41.31
CA LEU B 80 6.33 12.68 41.43
C LEU B 80 7.46 12.16 42.33
N ASP B 81 7.14 11.25 43.24
CA ASP B 81 8.16 10.52 43.98
C ASP B 81 9.20 9.92 43.04
N GLU B 82 8.72 9.05 42.15
CA GLU B 82 9.55 8.15 41.35
C GLU B 82 9.96 8.75 40.01
N ALA B 83 9.21 9.70 39.47
CA ALA B 83 9.45 10.14 38.09
C ALA B 83 9.64 11.65 38.01
N PRO B 84 10.83 12.11 37.60
CA PRO B 84 10.98 13.57 37.44
C PRO B 84 10.15 14.17 36.32
N MET B 85 9.83 13.43 35.26
CA MET B 85 9.21 14.03 34.08
C MET B 85 7.96 13.22 33.75
N LEU B 86 6.85 13.88 33.39
CA LEU B 86 5.58 13.22 33.08
C LEU B 86 5.12 12.35 34.28
N TYR B 87 5.15 12.97 35.45
CA TYR B 87 4.60 12.38 36.66
C TYR B 87 3.12 12.73 36.81
N ILE B 88 2.41 11.88 37.57
CA ILE B 88 1.02 12.14 37.88
C ILE B 88 0.85 13.53 38.40
N GLY B 89 -0.09 14.25 37.80
CA GLY B 89 -0.40 15.60 38.19
C GLY B 89 0.40 16.65 37.46
N GLU B 90 1.46 16.28 36.75
CA GLU B 90 2.27 17.29 36.08
C GLU B 90 1.43 18.09 35.11
N LYS B 91 1.60 19.41 35.15
CA LYS B 91 0.95 20.28 34.17
C LYS B 91 1.87 20.44 32.97
N VAL B 92 1.29 20.28 31.78
CA VAL B 92 2.03 20.35 30.53
C VAL B 92 1.19 21.10 29.52
N GLY B 93 1.85 21.68 28.53
CA GLY B 93 1.15 22.36 27.48
C GLY B 93 1.44 23.83 27.48
N ALA B 94 1.39 24.44 26.30
CA ALA B 94 1.60 25.87 26.14
C ALA B 94 0.40 26.71 26.57
N GLY B 95 -0.77 26.11 26.77
CA GLY B 95 -1.95 26.88 27.12
C GLY B 95 -3.13 26.65 26.21
N GLY B 96 -4.25 26.26 26.79
CA GLY B 96 -5.41 25.94 25.96
C GLY B 96 -6.49 25.29 26.77
N CYS B 97 -7.35 24.56 26.07
CA CYS B 97 -8.44 23.85 26.74
C CYS B 97 -7.88 22.87 27.76
N GLU B 98 -8.63 22.69 28.84
CA GLU B 98 -8.23 21.82 29.94
C GLU B 98 -8.49 20.37 29.55
N VAL B 99 -7.45 19.54 29.58
CA VAL B 99 -7.60 18.14 29.20
C VAL B 99 -6.80 17.27 30.15
N ASP B 100 -7.27 16.03 30.33
CA ASP B 100 -6.46 14.99 30.96
C ASP B 100 -5.66 14.22 29.91
N ILE B 101 -4.41 13.94 30.23
CA ILE B 101 -3.44 13.32 29.34
C ILE B 101 -3.03 11.96 29.89
N ALA B 102 -3.27 10.92 29.11
CA ALA B 102 -2.76 9.59 29.42
C ALA B 102 -1.69 9.26 28.41
N LEU B 103 -0.50 9.00 28.88
CA LEU B 103 0.59 8.75 27.95
C LEU B 103 1.44 7.57 28.37
N ASP B 104 2.08 7.05 27.32
CA ASP B 104 3.07 6.01 27.42
C ASP B 104 4.17 6.50 26.48
N PRO B 105 5.19 7.20 27.01
CA PRO B 105 6.25 7.69 26.13
C PRO B 105 6.87 6.57 25.29
N LEU B 106 7.03 5.38 25.90
CA LEU B 106 7.55 4.21 25.19
C LEU B 106 6.88 2.98 25.78
N GLU B 107 5.86 2.50 25.06
CA GLU B 107 5.29 1.16 25.18
C GLU B 107 6.17 0.12 24.53
N GLY B 108 6.99 -0.52 25.38
CA GLY B 108 7.93 -1.53 24.98
C GLY B 108 9.35 -1.02 25.10
N THR B 109 9.79 -0.75 26.34
CA THR B 109 11.16 -0.28 26.52
C THR B 109 12.14 -1.41 26.28
N THR B 110 11.84 -2.57 26.85
CA THR B 110 12.63 -3.77 26.57
C THR B 110 12.52 -4.15 25.12
N ILE B 111 11.30 -4.11 24.57
CA ILE B 111 11.12 -4.28 23.13
C ILE B 111 12.15 -3.48 22.37
N THR B 112 12.16 -2.15 22.59
CA THR B 112 12.97 -1.25 21.77
C THR B 112 14.44 -1.56 21.94
N SER B 113 14.85 -1.77 23.20
CA SER B 113 16.14 -2.32 23.56
C SER B 113 16.58 -3.48 22.68
N LYS B 114 15.73 -4.49 22.45
CA LYS B 114 16.18 -5.60 21.60
C LYS B 114 15.58 -5.53 20.20
N GLY B 115 14.93 -4.44 19.85
CA GLY B 115 14.37 -4.33 18.52
C GLY B 115 13.28 -5.34 18.30
N GLY B 116 12.63 -5.79 19.36
CA GLY B 116 11.52 -6.70 19.19
C GLY B 116 10.36 -5.98 18.55
N ALA B 117 9.28 -6.74 18.33
CA ALA B 117 8.10 -6.20 17.69
C ALA B 117 7.20 -5.46 18.68
N ASN B 118 6.41 -4.54 18.14
CA ASN B 118 5.25 -3.98 18.83
C ASN B 118 5.60 -2.85 19.77
N ALA B 119 6.77 -2.25 19.60
CA ALA B 119 7.11 -1.07 20.38
C ALA B 119 6.45 0.16 19.75
N LEU B 120 5.93 1.02 20.60
CA LEU B 120 5.06 2.12 20.22
C LEU B 120 5.31 3.30 21.15
N THR B 121 5.01 4.49 20.64
CA THR B 121 4.79 5.68 21.46
C THR B 121 3.32 6.00 21.42
N VAL B 122 2.76 6.37 22.58
CA VAL B 122 1.33 6.49 22.71
C VAL B 122 0.97 7.71 23.53
N LEU B 123 -0.10 8.38 23.12
CA LEU B 123 -0.64 9.55 23.81
C LEU B 123 -2.16 9.55 23.62
N ALA B 124 -2.90 9.77 24.69
CA ALA B 124 -4.33 9.98 24.60
C ALA B 124 -4.70 11.22 25.41
N MET B 125 -5.81 11.81 25.03
CA MET B 125 -6.32 13.03 25.64
C MET B 125 -7.83 12.89 25.80
N ALA B 126 -8.35 13.39 26.92
CA ALA B 126 -9.78 13.48 27.15
C ALA B 126 -10.10 14.79 27.86
N ASP B 127 -11.39 15.13 27.87
CA ASP B 127 -11.80 16.16 28.81
C ASP B 127 -11.57 15.61 30.20
N LYS B 128 -11.14 16.54 31.05
CA LYS B 128 -11.14 16.36 32.49
C LYS B 128 -12.02 15.20 32.94
N GLY B 129 -11.44 14.24 33.69
CA GLY B 129 -12.25 13.14 34.19
C GLY B 129 -12.53 12.01 33.21
N GLY B 130 -12.03 12.08 31.97
CA GLY B 130 -12.45 11.13 30.97
C GLY B 130 -11.80 9.75 31.07
N PHE B 131 -10.67 9.65 31.74
CA PHE B 131 -9.98 8.37 31.84
C PHE B 131 -10.20 7.80 33.23
N LEU B 132 -10.18 6.48 33.31
CA LEU B 132 -9.80 5.84 34.55
C LEU B 132 -8.33 6.13 34.82
N ASN B 133 -8.05 6.85 35.89
CA ASN B 133 -6.68 7.18 36.28
C ASN B 133 -6.04 5.95 36.90
N ALA B 134 -5.57 5.08 36.04
CA ALA B 134 -5.16 3.75 36.47
C ALA B 134 -3.82 3.82 37.18
N PRO B 135 -3.68 3.18 38.34
CA PRO B 135 -2.35 3.02 38.93
C PRO B 135 -1.55 1.99 38.15
N ASP B 136 -0.26 1.92 38.49
CA ASP B 136 0.64 0.92 37.92
C ASP B 136 0.42 -0.42 38.63
N VAL B 137 -0.72 -1.05 38.30
CA VAL B 137 -1.02 -2.42 38.72
C VAL B 137 -1.36 -3.24 37.48
N TYR B 138 -1.49 -4.56 37.69
CA TYR B 138 -1.92 -5.44 36.62
C TYR B 138 -3.43 -5.32 36.40
N MET B 139 -3.87 -5.82 35.25
CA MET B 139 -5.24 -5.64 34.78
C MET B 139 -5.56 -6.81 33.85
N GLN B 140 -6.63 -7.50 34.20
CA GLN B 140 -7.24 -8.54 33.37
C GLN B 140 -7.98 -7.82 32.26
N LYS B 141 -7.92 -8.38 31.06
CA LYS B 141 -8.42 -7.70 29.88
C LYS B 141 -9.00 -8.73 28.93
N ILE B 142 -10.13 -8.38 28.33
CA ILE B 142 -10.63 -9.13 27.18
C ILE B 142 -11.16 -8.11 26.18
N ALA B 143 -10.79 -8.30 24.91
CA ALA B 143 -11.17 -7.36 23.89
C ALA B 143 -11.50 -8.05 22.58
N VAL B 144 -12.48 -7.48 21.90
CA VAL B 144 -12.84 -7.88 20.54
C VAL B 144 -13.15 -6.58 19.77
N GLY B 145 -12.94 -6.61 18.44
CA GLY B 145 -13.26 -5.49 17.60
C GLY B 145 -14.59 -5.65 16.89
N GLY B 146 -14.85 -4.70 15.99
CA GLY B 146 -16.10 -4.65 15.29
C GLY B 146 -16.99 -3.54 15.80
N ILE B 147 -17.38 -2.63 14.90
CA ILE B 147 -18.05 -1.41 15.33
C ILE B 147 -19.50 -1.73 15.71
N ASN B 148 -20.02 -2.88 15.27
CA ASN B 148 -21.35 -3.35 15.65
C ASN B 148 -21.34 -4.42 16.75
N ALA B 149 -20.18 -4.71 17.34
CA ALA B 149 -20.13 -5.72 18.43
C ALA B 149 -20.97 -5.24 19.62
N PRO B 150 -21.92 -6.02 20.15
CA PRO B 150 -22.75 -5.53 21.27
C PRO B 150 -22.06 -5.60 22.64
N LYS B 151 -22.23 -4.55 23.48
CA LYS B 151 -22.06 -4.61 24.96
C LYS B 151 -22.52 -5.96 25.51
N GLY B 152 -21.58 -6.66 26.16
CA GLY B 152 -21.90 -7.96 26.69
C GLY B 152 -21.39 -9.14 25.90
N ILE B 153 -20.89 -8.89 24.68
CA ILE B 153 -20.34 -9.97 23.87
C ILE B 153 -19.19 -10.64 24.60
N VAL B 154 -18.42 -9.87 25.39
CA VAL B 154 -17.33 -10.40 26.20
C VAL B 154 -17.52 -9.99 27.65
N ASP B 155 -17.12 -10.89 28.52
CA ASP B 155 -17.12 -10.69 29.95
C ASP B 155 -16.14 -11.61 30.61
N LEU B 156 -15.33 -10.95 31.45
CA LEU B 156 -14.21 -11.53 32.18
C LEU B 156 -14.62 -12.65 33.12
N ASP B 157 -15.86 -12.66 33.59
CA ASP B 157 -16.30 -13.71 34.50
C ASP B 157 -16.86 -14.92 33.77
N ASP B 158 -17.12 -14.81 32.47
CA ASP B 158 -17.47 -15.96 31.68
C ASP B 158 -16.21 -16.76 31.37
N SER B 159 -16.40 -18.00 30.98
CA SER B 159 -15.29 -18.82 30.55
C SER B 159 -14.73 -18.32 29.22
N VAL B 160 -13.48 -18.70 28.95
CA VAL B 160 -12.93 -18.49 27.62
C VAL B 160 -13.84 -19.09 26.55
N THR B 161 -14.32 -20.31 26.80
CA THR B 161 -15.12 -21.02 25.80
C THR B 161 -16.38 -20.26 25.44
N ASN B 162 -17.06 -19.69 26.43
CA ASN B 162 -18.32 -19.00 26.13
C ASN B 162 -18.07 -17.67 25.44
N ASN B 163 -16.99 -16.98 25.82
CA ASN B 163 -16.66 -15.72 25.13
C ASN B 163 -16.33 -15.96 23.66
N LEU B 164 -15.48 -16.95 23.39
CA LEU B 164 -15.10 -17.28 22.02
C LEU B 164 -16.28 -17.78 21.21
N LYS B 165 -17.17 -18.55 21.84
CA LYS B 165 -18.36 -19.00 21.14
C LYS B 165 -19.24 -17.83 20.76
N ARG B 166 -19.43 -16.87 21.67
CA ARG B 166 -20.21 -15.68 21.29
C ARG B 166 -19.53 -14.90 20.19
N ILE B 167 -18.19 -14.83 20.20
CA ILE B 167 -17.48 -14.04 19.19
C ILE B 167 -17.59 -14.71 17.85
N ALA B 168 -17.25 -16.00 17.82
CA ALA B 168 -17.47 -16.76 16.63
C ALA B 168 -18.90 -16.62 16.14
N GLU B 169 -19.93 -16.64 16.99
CA GLU B 169 -21.22 -16.59 16.32
C GLU B 169 -21.44 -15.19 15.78
N PHE B 170 -20.87 -14.18 16.46
CA PHE B 170 -21.16 -12.81 16.03
C PHE B 170 -20.43 -12.45 14.72
N LYS B 171 -19.25 -13.02 14.51
CA LYS B 171 -18.49 -12.82 13.28
C LYS B 171 -18.97 -13.71 12.16
N GLY B 172 -19.77 -14.71 12.47
CA GLY B 172 -20.22 -15.64 11.46
C GLY B 172 -19.17 -16.62 10.98
N VAL B 173 -18.23 -17.01 11.84
CA VAL B 173 -17.18 -17.95 11.44
C VAL B 173 -17.17 -19.16 12.36
N HIS B 174 -16.66 -20.27 11.82
CA HIS B 174 -16.29 -21.43 12.62
C HIS B 174 -15.22 -21.02 13.63
N MET B 175 -15.21 -21.70 14.77
CA MET B 175 -14.29 -21.35 15.85
C MET B 175 -12.82 -21.43 15.43
N SER B 176 -12.49 -22.38 14.55
CA SER B 176 -11.10 -22.56 14.11
C SER B 176 -10.61 -21.39 13.26
N ALA B 177 -11.52 -20.59 12.72
CA ALA B 177 -11.11 -19.37 12.03
C ALA B 177 -10.58 -18.34 13.02
N LEU B 178 -11.00 -18.38 14.28
CA LEU B 178 -10.62 -17.29 15.16
C LEU B 178 -9.14 -17.33 15.53
N VAL B 179 -8.55 -16.14 15.62
CA VAL B 179 -7.17 -15.99 16.07
C VAL B 179 -7.18 -15.18 17.35
N VAL B 180 -6.84 -15.85 18.42
CA VAL B 180 -6.77 -15.27 19.75
C VAL B 180 -5.33 -14.90 19.99
N CYS B 181 -5.12 -13.72 20.55
CA CYS B 181 -3.81 -13.25 20.89
C CYS B 181 -3.69 -13.11 22.41
N THR B 182 -2.53 -13.46 22.94
CA THR B 182 -2.22 -13.28 24.36
C THR B 182 -0.71 -13.20 24.46
N MET B 183 -0.22 -12.68 25.58
CA MET B 183 1.21 -12.60 25.81
C MET B 183 1.75 -13.96 26.23
N ASP B 184 2.94 -14.30 25.71
CA ASP B 184 3.64 -15.54 26.08
C ASP B 184 4.12 -15.48 27.52
N ARG B 185 3.25 -15.81 28.48
CA ARG B 185 3.58 -15.72 29.90
C ARG B 185 2.97 -16.91 30.64
N PRO B 186 3.65 -17.44 31.67
CA PRO B 186 3.06 -18.59 32.42
C PRO B 186 1.62 -18.33 32.86
N ARG B 187 1.31 -17.11 33.27
CA ARG B 187 -0.01 -16.76 33.77
C ARG B 187 -1.12 -16.92 32.74
N HIS B 188 -0.81 -17.09 31.45
CA HIS B 188 -1.84 -17.24 30.43
C HIS B 188 -2.02 -18.69 29.99
N GLU B 189 -1.29 -19.63 30.61
CA GLU B 189 -1.27 -21.03 30.17
C GLU B 189 -2.71 -21.52 30.00
N HIS B 190 -3.57 -21.17 30.98
CA HIS B 190 -4.95 -21.66 31.00
C HIS B 190 -5.81 -21.07 29.88
N ILE B 191 -5.67 -19.76 29.64
CA ILE B 191 -6.32 -19.16 28.48
C ILE B 191 -5.93 -19.93 27.22
N ILE B 192 -4.61 -20.12 27.03
CA ILE B 192 -4.11 -20.74 25.81
C ILE B 192 -4.74 -22.11 25.64
N LYS B 193 -4.41 -23.05 26.54
CA LYS B 193 -5.06 -24.34 26.47
C LYS B 193 -6.56 -24.21 26.25
N GLU B 194 -7.28 -23.44 27.08
CA GLU B 194 -8.73 -23.52 26.91
C GLU B 194 -9.10 -23.11 25.48
N ALA B 195 -8.53 -22.00 24.99
CA ALA B 195 -8.88 -21.55 23.64
C ALA B 195 -8.55 -22.62 22.59
N ARG B 196 -7.36 -23.23 22.71
CA ARG B 196 -7.00 -24.29 21.78
C ARG B 196 -7.97 -25.44 21.91
N GLU B 197 -8.30 -25.80 23.16
CA GLU B 197 -9.20 -26.93 23.35
C GLU B 197 -10.49 -26.70 22.61
N CYS B 198 -11.01 -25.48 22.62
CA CYS B 198 -12.32 -25.37 21.98
C CYS B 198 -12.20 -25.09 20.49
N GLY B 199 -10.97 -25.07 19.94
CA GLY B 199 -10.75 -25.17 18.51
C GLY B 199 -10.11 -23.95 17.87
N ALA B 200 -9.99 -22.86 18.61
CA ALA B 200 -9.43 -21.62 18.11
C ALA B 200 -7.92 -21.73 17.94
N ARG B 201 -7.38 -20.78 17.15
CA ARG B 201 -5.95 -20.58 16.97
C ARG B 201 -5.49 -19.48 17.90
N VAL B 202 -4.38 -19.70 18.59
CA VAL B 202 -3.91 -18.82 19.66
C VAL B 202 -2.47 -18.47 19.33
N ILE B 203 -2.20 -17.18 19.10
CA ILE B 203 -0.85 -16.72 18.78
C ILE B 203 -0.31 -15.91 19.96
N LEU B 204 1.02 -15.97 20.14
CA LEU B 204 1.67 -15.40 21.31
C LEU B 204 2.58 -14.23 20.93
N ILE B 205 2.39 -13.09 21.59
CA ILE B 205 3.32 -11.97 21.46
C ILE B 205 4.21 -11.96 22.70
N ASN B 206 5.44 -11.49 22.51
CA ASN B 206 6.38 -11.46 23.61
C ASN B 206 6.09 -10.31 24.56
N ASP B 207 5.56 -9.20 24.01
CA ASP B 207 5.31 -7.97 24.74
C ASP B 207 4.41 -7.09 23.88
N GLY B 208 3.85 -6.06 24.52
CA GLY B 208 3.12 -5.06 23.75
C GLY B 208 1.63 -5.33 23.65
N ASP B 209 0.95 -5.42 24.80
CA ASP B 209 -0.47 -5.70 24.73
C ASP B 209 -1.30 -4.46 24.41
N VAL B 210 -0.68 -3.30 24.20
CA VAL B 210 -1.42 -2.19 23.59
C VAL B 210 -1.70 -2.51 22.13
N SER B 211 -0.64 -2.79 21.37
CA SER B 211 -0.80 -3.29 20.01
C SER B 211 -1.70 -4.52 19.98
N GLY B 212 -1.44 -5.47 20.88
CA GLY B 212 -2.22 -6.70 20.91
C GLY B 212 -3.71 -6.45 21.06
N VAL B 213 -4.08 -5.55 21.97
CA VAL B 213 -5.49 -5.26 22.12
C VAL B 213 -6.00 -4.47 20.92
N ILE B 214 -5.22 -3.50 20.44
CA ILE B 214 -5.76 -2.66 19.36
C ILE B 214 -5.83 -3.43 18.05
N ALA B 215 -4.97 -4.42 17.86
CA ALA B 215 -5.05 -5.23 16.64
C ALA B 215 -6.43 -5.78 16.41
N THR B 216 -7.18 -6.07 17.50
CA THR B 216 -8.48 -6.71 17.36
C THR B 216 -9.42 -5.84 16.55
N ALA B 217 -9.19 -4.53 16.56
CA ALA B 217 -10.06 -3.58 15.89
C ALA B 217 -9.39 -2.94 14.67
N THR B 218 -8.23 -3.43 14.27
CA THR B 218 -7.54 -2.84 13.14
C THR B 218 -7.72 -3.72 11.91
N GLU B 219 -7.99 -3.10 10.77
CA GLU B 219 -8.19 -3.85 9.54
C GLU B 219 -6.96 -4.70 9.22
N ASN B 220 -7.19 -5.95 8.85
CA ASN B 220 -6.16 -6.85 8.31
C ASN B 220 -5.05 -7.20 9.29
N SER B 221 -5.26 -7.01 10.60
CA SER B 221 -4.24 -7.42 11.56
C SER B 221 -4.09 -8.93 11.62
N GLY B 222 -5.15 -9.68 11.30
CA GLY B 222 -5.13 -11.11 11.54
C GLY B 222 -5.31 -11.50 12.99
N ILE B 223 -5.82 -10.59 13.81
CA ILE B 223 -6.09 -10.85 15.21
C ILE B 223 -7.55 -10.53 15.48
N ASP B 224 -8.27 -11.51 16.05
CA ASP B 224 -9.69 -11.35 16.30
C ASP B 224 -10.03 -11.09 17.77
N VAL B 225 -9.27 -11.65 18.71
CA VAL B 225 -9.63 -11.53 20.12
C VAL B 225 -8.32 -11.34 20.87
N TYR B 226 -8.34 -10.48 21.88
CA TYR B 226 -7.23 -10.46 22.84
C TYR B 226 -7.73 -10.86 24.22
N ILE B 227 -6.97 -11.70 24.90
CA ILE B 227 -7.32 -12.16 26.24
C ILE B 227 -6.04 -12.24 27.06
N GLY B 228 -5.95 -11.44 28.12
CA GLY B 228 -4.68 -11.45 28.83
C GLY B 228 -4.66 -10.49 30.00
N THR B 229 -3.58 -10.60 30.75
CA THR B 229 -3.28 -9.72 31.87
C THR B 229 -2.06 -8.89 31.51
N GLY B 230 -2.18 -7.59 31.68
CA GLY B 230 -1.04 -6.73 31.46
C GLY B 230 -1.14 -5.47 32.28
N GLY B 231 -0.43 -4.43 31.84
CA GLY B 231 -0.38 -3.20 32.60
C GLY B 231 -1.69 -2.44 32.47
N ALA B 232 -2.09 -1.83 33.57
CA ALA B 232 -3.36 -1.12 33.60
C ALA B 232 -3.35 0.17 32.79
N PRO B 233 -2.29 0.97 32.91
CA PRO B 233 -2.16 2.12 31.99
C PRO B 233 -2.32 1.69 30.54
N GLU B 234 -1.71 0.56 30.18
CA GLU B 234 -1.77 0.06 28.81
C GLU B 234 -3.20 -0.24 28.41
N GLY B 235 -3.97 -0.86 29.32
CA GLY B 235 -5.36 -1.16 29.00
C GLY B 235 -6.21 0.08 28.87
N VAL B 236 -5.94 1.11 29.66
CA VAL B 236 -6.72 2.33 29.47
C VAL B 236 -6.43 2.93 28.09
N LEU B 237 -5.16 2.91 27.70
CA LEU B 237 -4.77 3.49 26.40
C LEU B 237 -5.41 2.71 25.25
N ALA B 238 -5.34 1.38 25.34
CA ALA B 238 -5.95 0.53 24.33
C ALA B 238 -7.45 0.73 24.29
N ALA B 239 -8.08 0.89 25.46
CA ALA B 239 -9.51 1.15 25.49
C ALA B 239 -9.82 2.45 24.78
N ALA B 240 -8.94 3.45 24.95
CA ALA B 240 -9.13 4.73 24.25
C ALA B 240 -9.14 4.54 22.72
N ALA B 241 -8.16 3.80 22.22
CA ALA B 241 -8.14 3.46 20.79
C ALA B 241 -9.45 2.78 20.37
N LEU B 242 -9.85 1.73 21.09
CA LEU B 242 -11.04 0.95 20.71
C LEU B 242 -12.31 1.79 20.77
N LYS B 243 -12.39 2.72 21.71
CA LYS B 243 -13.51 3.64 21.73
C LYS B 243 -13.59 4.40 20.43
N CYS B 244 -12.42 4.71 19.86
CA CYS B 244 -12.44 5.35 18.54
C CYS B 244 -12.70 4.38 17.38
N LEU B 245 -12.16 3.17 17.44
CA LEU B 245 -12.22 2.26 16.29
C LEU B 245 -13.49 1.43 16.27
N GLY B 246 -14.08 1.18 17.43
CA GLY B 246 -15.12 0.21 17.49
C GLY B 246 -14.60 -1.09 18.07
N GLY B 247 -15.28 -1.52 19.12
CA GLY B 247 -15.05 -2.81 19.73
C GLY B 247 -15.65 -2.82 21.11
N GLN B 248 -15.42 -3.94 21.79
CA GLN B 248 -15.84 -4.08 23.17
C GLN B 248 -14.67 -4.62 23.97
N MET B 249 -14.58 -4.16 25.21
CA MET B 249 -13.53 -4.58 26.11
C MET B 249 -14.05 -4.55 27.54
N GLN B 250 -13.59 -5.53 28.31
CA GLN B 250 -13.86 -5.56 29.73
C GLN B 250 -12.54 -5.75 30.47
N ALA B 251 -12.42 -5.08 31.61
CA ALA B 251 -11.18 -5.10 32.37
C ALA B 251 -11.42 -5.06 33.86
N ARG B 252 -10.41 -5.55 34.57
CA ARG B 252 -10.46 -5.52 36.02
C ARG B 252 -9.06 -5.37 36.57
N LEU B 253 -8.90 -4.42 37.48
CA LEU B 253 -7.61 -4.26 38.15
C LEU B 253 -7.38 -5.41 39.13
N ILE B 254 -6.11 -5.78 39.26
CA ILE B 254 -5.66 -6.82 40.18
C ILE B 254 -4.74 -6.17 41.18
N PHE B 255 -4.94 -6.51 42.45
CA PHE B 255 -4.12 -5.96 43.53
C PHE B 255 -3.47 -7.08 44.32
N ASN B 256 -2.14 -7.18 44.18
CA ASN B 256 -1.38 -8.26 44.82
C ASN B 256 -0.84 -7.88 46.20
N ASP B 257 -0.64 -6.59 46.48
CA ASP B 257 -0.07 -6.18 47.75
C ASP B 257 -0.77 -4.92 48.25
N GLU B 258 -0.50 -4.61 49.52
CA GLU B 258 -1.11 -3.44 50.14
C GLU B 258 -0.65 -2.15 49.47
N GLU B 259 0.61 -2.13 49.01
CA GLU B 259 1.14 -0.92 48.37
C GLU B 259 0.38 -0.60 47.10
N GLU B 260 -0.03 -1.62 46.33
CA GLU B 260 -0.82 -1.36 45.13
C GLU B 260 -2.19 -0.82 45.50
N ILE B 261 -2.74 -1.24 46.65
CA ILE B 261 -4.03 -0.70 47.06
C ILE B 261 -3.86 0.75 47.49
N LYS B 262 -2.68 1.08 48.02
CA LYS B 262 -2.39 2.45 48.38
C LYS B 262 -2.26 3.34 47.13
N ARG B 263 -1.66 2.85 46.05
CA ARG B 263 -1.61 3.69 44.85
C ARG B 263 -3.02 3.92 44.34
N ALA B 264 -3.81 2.85 44.38
CA ALA B 264 -5.19 3.04 44.00
C ALA B 264 -5.89 4.09 44.88
N HIS B 265 -5.81 4.12 46.27
CA HIS B 265 -6.70 5.14 46.88
C HIS B 265 -6.07 6.51 46.60
N ARG B 266 -4.73 6.56 46.39
CA ARG B 266 -4.08 7.85 46.09
C ARG B 266 -4.54 8.42 44.78
N LEU B 267 -4.93 7.58 43.84
CA LEU B 267 -5.53 8.02 42.60
C LEU B 267 -7.04 8.12 42.69
N GLY B 268 -7.63 7.78 43.83
CA GLY B 268 -9.08 7.87 43.96
C GLY B 268 -9.85 6.63 43.59
N ILE B 269 -9.20 5.48 43.50
CA ILE B 269 -9.84 4.24 43.12
C ILE B 269 -10.01 3.40 44.38
N THR B 270 -11.26 3.05 44.69
CA THR B 270 -11.60 2.36 45.93
C THR B 270 -12.44 1.11 45.72
N ASP B 271 -13.16 1.00 44.61
CA ASP B 271 -13.90 -0.20 44.23
C ASP B 271 -13.00 -1.17 43.48
N LEU B 272 -12.29 -2.00 44.24
CA LEU B 272 -11.18 -2.82 43.76
C LEU B 272 -11.60 -3.93 42.81
N ASN B 273 -12.74 -4.56 43.01
CA ASN B 273 -13.24 -5.60 42.12
C ASN B 273 -14.17 -5.11 41.04
N LYS B 274 -14.23 -3.81 40.80
CA LYS B 274 -15.02 -3.31 39.69
C LYS B 274 -14.55 -3.93 38.39
N LYS B 275 -15.49 -4.45 37.62
CA LYS B 275 -15.21 -4.78 36.24
C LYS B 275 -15.48 -3.52 35.45
N TYR B 276 -14.50 -3.08 34.64
CA TYR B 276 -14.69 -1.85 33.86
C TYR B 276 -15.11 -2.18 32.43
N ASP B 277 -16.23 -1.63 32.01
CA ASP B 277 -16.54 -1.59 30.60
C ASP B 277 -15.62 -0.58 29.93
N ILE B 278 -15.55 -0.66 28.62
CA ILE B 278 -14.74 0.25 27.83
C ILE B 278 -15.20 1.69 28.06
N ASP B 279 -16.49 1.90 28.29
CA ASP B 279 -16.95 3.25 28.59
C ASP B 279 -16.49 3.76 29.95
N ASP B 280 -16.12 2.86 30.86
CA ASP B 280 -15.60 3.23 32.17
C ASP B 280 -14.10 3.52 32.16
N LEU B 281 -13.37 3.05 31.16
CA LEU B 281 -11.95 3.35 31.04
C LEU B 281 -11.69 4.65 30.26
N ALA B 282 -12.57 4.99 29.32
CA ALA B 282 -12.34 6.15 28.45
C ALA B 282 -13.67 6.67 27.96
N SER B 283 -14.07 7.86 28.39
CA SER B 283 -15.42 8.32 28.09
C SER B 283 -15.38 9.77 27.64
N GLY B 284 -16.42 10.15 26.91
CA GLY B 284 -16.47 11.48 26.34
C GLY B 284 -15.65 11.61 25.08
N ASP B 285 -15.17 12.83 24.86
CA ASP B 285 -14.35 13.20 23.71
C ASP B 285 -12.93 12.69 23.96
N ILE B 286 -12.53 11.65 23.23
CA ILE B 286 -11.22 11.03 23.37
C ILE B 286 -10.43 11.20 22.08
N VAL B 287 -9.17 11.61 22.22
CA VAL B 287 -8.19 11.53 21.14
C VAL B 287 -7.19 10.45 21.51
N PHE B 288 -6.83 9.61 20.55
CA PHE B 288 -5.74 8.64 20.70
C PHE B 288 -4.74 8.81 19.56
N ALA B 289 -3.46 8.81 19.90
CA ALA B 289 -2.40 8.87 18.91
C ALA B 289 -1.31 7.89 19.24
N ALA B 290 -0.71 7.35 18.21
CA ALA B 290 0.44 6.47 18.42
C ALA B 290 1.29 6.45 17.19
N THR B 291 2.57 6.22 17.43
CA THR B 291 3.54 6.08 16.36
C THR B 291 4.32 4.80 16.56
N GLY B 292 4.59 4.12 15.46
CA GLY B 292 5.41 2.91 15.52
C GLY B 292 6.88 3.22 15.72
N VAL B 293 7.51 2.40 16.58
CA VAL B 293 8.95 2.38 16.78
C VAL B 293 9.58 1.21 16.04
N THR B 294 9.10 0.01 16.31
CA THR B 294 9.45 -1.20 15.60
C THR B 294 8.21 -1.69 14.84
N ASP B 295 8.40 -2.67 13.95
CA ASP B 295 7.24 -3.25 13.27
C ASP B 295 6.39 -4.02 14.28
N GLY B 296 5.09 -3.95 14.12
CA GLY B 296 4.21 -4.57 15.10
C GLY B 296 2.88 -4.92 14.51
N ASN B 297 2.02 -5.53 15.31
CA ASN B 297 0.71 -5.98 14.85
C ASN B 297 -0.21 -4.80 14.49
N MET B 298 0.17 -3.57 14.82
CA MET B 298 -0.68 -2.41 14.59
C MET B 298 -0.04 -1.40 13.64
N LEU B 299 1.25 -1.10 13.84
CA LEU B 299 1.93 -0.08 13.08
C LEU B 299 3.29 -0.61 12.68
N GLN B 300 3.75 -0.14 11.53
CA GLN B 300 5.12 -0.31 11.10
C GLN B 300 6.05 0.62 11.89
N GLY B 301 7.30 0.19 12.05
CA GLY B 301 8.30 0.97 12.75
C GLY B 301 8.97 2.01 11.86
N VAL B 302 9.86 2.79 12.49
CA VAL B 302 10.62 3.81 11.77
C VAL B 302 11.61 3.16 10.81
N LYS B 303 11.79 3.78 9.65
CA LYS B 303 12.70 3.26 8.64
C LYS B 303 13.58 4.37 8.06
N ARG B 304 14.85 4.02 7.80
CA ARG B 304 15.75 4.87 7.01
C ARG B 304 15.46 4.68 5.53
N VAL B 305 15.27 5.79 4.82
CA VAL B 305 15.02 5.74 3.39
C VAL B 305 15.99 6.67 2.70
N ASN B 306 16.49 6.24 1.53
CA ASN B 306 17.29 7.05 0.62
C ASN B 306 16.52 7.17 -0.69
N SER B 307 16.38 8.38 -1.21
CA SER B 307 15.90 8.56 -2.56
C SER B 307 16.77 9.61 -3.22
N THR B 308 16.99 9.44 -4.53
CA THR B 308 17.60 10.49 -5.33
C THR B 308 16.69 11.72 -5.40
N ARG B 309 15.38 11.52 -5.56
CA ARG B 309 14.50 12.68 -5.72
C ARG B 309 14.54 13.61 -4.50
N ARG B 310 14.41 13.07 -3.28
CA ARG B 310 14.27 13.95 -2.14
C ARG B 310 15.38 13.83 -1.13
N GLY B 311 16.30 12.89 -1.32
CA GLY B 311 17.34 12.68 -0.34
C GLY B 311 16.91 11.64 0.67
N SER B 312 17.50 11.70 1.83
CA SER B 312 17.35 10.66 2.82
C SER B 312 16.50 11.20 3.94
N TYR B 313 15.74 10.31 4.55
CA TYR B 313 14.84 10.70 5.60
C TYR B 313 14.48 9.48 6.43
N ALA B 314 14.04 9.74 7.65
CA ALA B 314 13.35 8.75 8.44
C ALA B 314 11.85 8.83 8.18
N VAL B 315 11.25 7.67 7.92
CA VAL B 315 9.80 7.58 7.72
C VAL B 315 9.17 6.97 8.97
N THR B 316 8.18 7.68 9.53
CA THR B 316 7.35 7.19 10.61
C THR B 316 5.93 6.91 10.15
N HIS B 317 5.29 5.99 10.87
CA HIS B 317 3.93 5.55 10.62
C HIS B 317 3.14 5.73 11.91
N SER B 318 2.00 6.40 11.81
CA SER B 318 1.27 6.84 12.97
C SER B 318 -0.22 6.73 12.71
N VAL B 319 -0.97 6.73 13.79
CA VAL B 319 -2.43 6.81 13.72
C VAL B 319 -2.90 7.84 14.75
N VAL B 320 -3.96 8.55 14.42
CA VAL B 320 -4.58 9.47 15.33
C VAL B 320 -6.08 9.41 15.10
N MET B 321 -6.83 9.22 16.17
CA MET B 321 -8.27 9.00 16.11
C MET B 321 -8.92 9.83 17.20
N ARG B 322 -10.17 10.21 16.96
CA ARG B 322 -11.04 10.88 17.92
C ARG B 322 -12.45 10.30 17.95
N SER B 323 -12.92 10.10 19.15
CA SER B 323 -14.12 9.28 19.37
C SER B 323 -15.39 9.99 18.97
N THR B 324 -15.45 11.31 19.08
CA THR B 324 -16.69 12.01 18.78
C THR B 324 -16.93 12.10 17.30
N THR B 325 -15.92 12.45 16.52
CA THR B 325 -16.01 12.30 15.08
C THR B 325 -15.90 10.86 14.59
N LYS B 326 -15.21 10.00 15.31
CA LYS B 326 -14.85 8.68 14.78
C LYS B 326 -13.89 8.77 13.61
N THR B 327 -13.32 9.94 13.36
CA THR B 327 -12.30 10.11 12.34
C THR B 327 -11.01 9.39 12.73
N VAL B 328 -10.52 8.55 11.83
CA VAL B 328 -9.24 7.85 11.99
C VAL B 328 -8.32 8.29 10.87
N ARG B 329 -7.11 8.74 11.23
CA ARG B 329 -6.13 9.20 10.26
C ARG B 329 -4.89 8.32 10.34
N HIS B 330 -4.48 7.77 9.19
CA HIS B 330 -3.22 7.06 9.02
C HIS B 330 -2.19 8.02 8.42
N ILE B 331 -1.08 8.18 9.11
CA ILE B 331 -0.11 9.22 8.76
C ILE B 331 1.25 8.58 8.54
N THR B 332 1.76 8.73 7.33
CA THR B 332 3.15 8.44 6.99
C THR B 332 3.91 9.75 6.84
N ALA B 333 4.92 9.94 7.70
CA ALA B 333 5.68 11.17 7.73
C ALA B 333 7.13 10.94 7.33
N GLU B 334 7.64 11.89 6.55
CA GLU B 334 9.01 11.86 6.04
C GLU B 334 9.77 13.01 6.69
N HIS B 335 10.75 12.65 7.54
CA HIS B 335 11.56 13.57 8.32
C HIS B 335 12.98 13.57 7.74
N SER B 336 13.37 14.70 7.15
CA SER B 336 14.66 14.81 6.50
C SER B 336 15.79 14.66 7.49
N PHE B 337 16.84 13.94 7.09
CA PHE B 337 17.95 13.61 7.96
C PHE B 337 19.13 13.15 7.10
N ASP B 338 20.31 13.68 7.40
CA ASP B 338 21.55 13.20 6.81
C ASP B 338 22.08 12.10 7.70
N PHE B 339 22.04 10.85 7.23
CA PHE B 339 22.45 9.69 8.04
C PHE B 339 23.97 9.50 8.08
N LYS B 340 24.75 10.42 7.53
CA LYS B 340 26.17 10.50 7.86
C LYS B 340 26.36 10.99 9.29
N GLU B 341 25.34 11.63 9.81
CA GLU B 341 25.34 12.07 11.18
C GLU B 341 24.84 10.97 12.13
N GLY B 342 25.19 11.19 13.39
CA GLY B 342 24.93 10.21 14.41
C GLY B 342 23.44 10.13 14.64
N ILE B 343 22.97 8.89 14.86
CA ILE B 343 21.53 8.67 14.92
C ILE B 343 20.91 9.36 16.13
N GLU B 344 21.70 9.56 17.20
CA GLU B 344 21.22 10.23 18.41
C GLU B 344 20.88 11.69 18.14
N LYS B 345 21.16 12.19 16.94
CA LYS B 345 20.71 13.51 16.55
C LYS B 345 19.18 13.60 16.59
N PHE B 346 18.49 12.43 16.54
CA PHE B 346 17.03 12.39 16.58
C PHE B 346 16.49 12.58 17.97
N MET B 347 17.37 12.70 18.97
CA MET B 347 16.88 12.80 20.33
C MET B 347 16.40 14.22 20.64
N SER B 348 15.61 14.32 21.71
CA SER B 348 14.82 15.50 22.03
C SER B 348 14.17 16.11 20.77
N MET C 21 5.74 31.44 12.09
CA MET C 21 4.65 30.46 11.77
C MET C 21 4.84 29.18 12.58
N ASN C 22 4.01 29.00 13.61
CA ASN C 22 4.11 27.79 14.42
C ASN C 22 3.85 26.52 13.62
N ARG C 23 4.58 25.47 14.01
CA ARG C 23 4.45 24.12 13.47
C ARG C 23 3.02 23.59 13.59
N LYS C 24 2.12 24.33 14.26
CA LYS C 24 0.83 23.73 14.59
C LYS C 24 -0.09 23.93 13.41
N VAL C 25 0.20 24.95 12.60
CA VAL C 25 -0.66 25.38 11.51
C VAL C 25 -0.59 24.40 10.36
N ALA C 26 0.56 23.75 10.18
CA ALA C 26 0.68 22.77 9.10
C ALA C 26 -0.42 21.72 9.20
N LEU C 27 -0.47 21.00 10.32
CA LEU C 27 -1.44 19.93 10.43
C LEU C 27 -2.87 20.45 10.51
N GLU C 28 -3.06 21.69 10.98
CA GLU C 28 -4.40 22.26 10.93
C GLU C 28 -4.86 22.45 9.48
N ALA C 29 -3.94 22.74 8.54
CA ALA C 29 -4.39 23.00 7.17
C ALA C 29 -4.99 21.78 6.50
N VAL C 30 -4.53 20.59 6.87
CA VAL C 30 -5.05 19.39 6.21
C VAL C 30 -6.54 19.26 6.47
N ARG C 31 -7.02 19.63 7.66
CA ARG C 31 -8.44 19.47 7.94
C ARG C 31 -9.26 20.35 7.01
N VAL C 32 -8.77 21.55 6.74
CA VAL C 32 -9.39 22.45 5.79
C VAL C 32 -9.53 21.78 4.43
N THR C 33 -8.42 21.27 3.90
CA THR C 33 -8.53 20.68 2.57
C THR C 33 -9.39 19.41 2.59
N GLU C 34 -9.39 18.68 3.70
CA GLU C 34 -10.25 17.50 3.79
C GLU C 34 -11.73 17.88 3.74
N LEU C 35 -12.10 18.97 4.45
CA LEU C 35 -13.51 19.35 4.54
C LEU C 35 -13.98 19.85 3.20
N ALA C 36 -13.11 20.58 2.52
CA ALA C 36 -13.48 21.08 1.20
C ALA C 36 -13.59 19.94 0.20
N ALA C 37 -12.71 18.94 0.30
CA ALA C 37 -12.76 17.83 -0.64
C ALA C 37 -14.03 17.00 -0.42
N LEU C 38 -14.40 16.75 0.83
CA LEU C 38 -15.63 16.00 1.08
C LEU C 38 -16.86 16.73 0.52
N ALA C 39 -16.88 18.06 0.70
CA ALA C 39 -18.01 18.83 0.18
C ALA C 39 -18.03 18.79 -1.33
N SER C 40 -16.83 18.83 -1.94
CA SER C 40 -16.75 18.77 -3.39
C SER C 40 -17.21 17.40 -3.88
N TRP C 41 -16.80 16.36 -3.21
CA TRP C 41 -17.16 14.99 -3.60
C TRP C 41 -18.66 14.81 -3.65
N SER C 42 -19.38 15.47 -2.73
CA SER C 42 -20.85 15.42 -2.76
C SER C 42 -21.40 15.95 -4.08
N GLN C 43 -20.67 16.80 -4.79
CA GLN C 43 -21.11 17.34 -6.06
C GLN C 43 -20.39 16.70 -7.25
N MET C 44 -19.53 15.71 -7.03
CA MET C 44 -18.74 15.18 -8.13
C MET C 44 -19.69 14.55 -9.14
N GLY C 45 -19.46 14.84 -10.42
CA GLY C 45 -20.24 14.13 -11.40
C GLY C 45 -21.69 14.57 -11.47
N ARG C 46 -22.04 15.71 -10.86
CA ARG C 46 -23.42 16.20 -10.89
C ARG C 46 -23.63 17.19 -12.03
N GLY C 47 -22.56 17.59 -12.74
CA GLY C 47 -22.69 18.37 -13.95
C GLY C 47 -22.99 19.81 -13.69
N ASP C 48 -22.65 20.28 -12.50
CA ASP C 48 -23.00 21.60 -11.99
C ASP C 48 -21.71 22.15 -11.37
N LYS C 49 -20.83 22.72 -12.22
CA LYS C 49 -19.56 23.27 -11.74
C LYS C 49 -19.78 24.36 -10.72
N ILE C 50 -20.88 25.09 -10.84
CA ILE C 50 -21.18 26.15 -9.88
C ILE C 50 -21.39 25.56 -8.49
N ALA C 51 -22.29 24.60 -8.39
CA ALA C 51 -22.61 24.04 -7.08
C ALA C 51 -21.39 23.36 -6.46
N ALA C 52 -20.52 22.80 -7.29
CA ALA C 52 -19.32 22.19 -6.73
C ALA C 52 -18.44 23.27 -6.13
N ASP C 53 -18.11 24.29 -6.95
CA ASP C 53 -17.29 25.41 -6.49
C ASP C 53 -17.85 26.01 -5.22
N GLN C 54 -19.17 26.12 -5.13
CA GLN C 54 -19.75 26.77 -3.97
C GLN C 54 -19.69 25.90 -2.74
N ALA C 55 -19.94 24.58 -2.89
CA ALA C 55 -19.79 23.70 -1.73
C ALA C 55 -18.35 23.73 -1.23
N ALA C 56 -17.38 23.79 -2.15
CA ALA C 56 -15.99 23.82 -1.71
C ALA C 56 -15.67 25.14 -1.00
N VAL C 57 -16.06 26.25 -1.61
CA VAL C 57 -15.81 27.57 -1.02
C VAL C 57 -16.39 27.64 0.38
N ASP C 58 -17.65 27.24 0.52
CA ASP C 58 -18.31 27.30 1.83
C ASP C 58 -17.55 26.50 2.87
N ALA C 59 -17.19 25.26 2.51
CA ALA C 59 -16.50 24.41 3.48
C ALA C 59 -15.14 24.95 3.84
N MET C 60 -14.39 25.40 2.85
CA MET C 60 -13.04 25.89 3.12
C MET C 60 -13.10 27.14 3.98
N ARG C 61 -13.97 28.10 3.63
CA ARG C 61 -14.20 29.32 4.43
C ARG C 61 -14.44 28.97 5.90
N LYS C 62 -15.48 28.15 6.14
CA LYS C 62 -15.83 27.79 7.52
C LYS C 62 -14.67 27.12 8.25
N ALA C 63 -14.00 26.14 7.61
CA ALA C 63 -12.89 25.48 8.30
C ALA C 63 -11.74 26.46 8.55
N LEU C 64 -11.46 27.34 7.59
CA LEU C 64 -10.35 28.29 7.76
C LEU C 64 -10.55 29.15 8.99
N ASN C 65 -11.78 29.63 9.19
CA ASN C 65 -12.03 30.48 10.35
C ASN C 65 -11.87 29.72 11.67
N GLU C 66 -11.55 28.43 11.66
CA GLU C 66 -11.19 27.69 12.87
C GLU C 66 -9.69 27.48 13.01
N VAL C 67 -8.89 27.99 12.10
CA VAL C 67 -7.44 27.84 12.10
C VAL C 67 -6.82 29.05 12.79
N ASP C 68 -5.75 28.82 13.55
CA ASP C 68 -5.21 29.89 14.41
C ASP C 68 -4.19 30.74 13.67
N ILE C 69 -4.72 31.57 12.77
CA ILE C 69 -3.92 32.47 11.96
C ILE C 69 -4.62 33.81 11.80
N ASP C 70 -3.80 34.81 11.49
CA ASP C 70 -4.25 36.11 11.03
C ASP C 70 -3.97 36.11 9.53
N GLY C 71 -4.90 35.54 8.78
CA GLY C 71 -4.66 35.20 7.41
C GLY C 71 -5.26 36.27 6.46
N THR C 72 -4.53 36.50 5.40
CA THR C 72 -5.01 37.35 4.33
C THR C 72 -4.99 36.55 3.04
N VAL C 73 -6.14 36.45 2.38
CA VAL C 73 -6.21 35.77 1.10
C VAL C 73 -5.49 36.60 0.05
N VAL C 74 -4.38 36.07 -0.47
CA VAL C 74 -3.71 36.70 -1.60
C VAL C 74 -3.97 35.97 -2.90
N ILE C 75 -4.41 34.71 -2.85
CA ILE C 75 -4.89 33.98 -4.00
C ILE C 75 -6.14 33.23 -3.55
N GLY C 76 -7.25 33.44 -4.25
CA GLY C 76 -8.54 32.98 -3.79
C GLY C 76 -9.45 32.88 -4.98
N GLU C 77 -10.76 32.99 -4.67
CA GLU C 77 -11.86 32.75 -5.61
C GLU C 77 -12.10 33.91 -6.55
N GLY C 78 -11.67 35.09 -6.19
CA GLY C 78 -11.72 36.22 -7.09
C GLY C 78 -11.65 37.51 -6.29
N GLU C 79 -11.85 38.61 -7.00
CA GLU C 79 -11.88 39.91 -6.34
C GLU C 79 -13.25 40.11 -5.68
N LEU C 80 -13.29 40.95 -4.65
CA LEU C 80 -14.56 41.13 -3.92
C LEU C 80 -15.70 41.55 -4.84
N ASP C 81 -15.38 42.18 -5.97
CA ASP C 81 -16.32 42.39 -7.07
C ASP C 81 -17.13 41.13 -7.37
N GLU C 82 -16.44 40.04 -7.66
CA GLU C 82 -16.99 38.82 -8.26
C GLU C 82 -17.19 37.71 -7.26
N ALA C 83 -16.55 37.76 -6.11
CA ALA C 83 -16.56 36.64 -5.16
C ALA C 83 -16.92 37.04 -3.73
N PRO C 84 -18.10 36.67 -3.25
CA PRO C 84 -18.44 37.04 -1.86
C PRO C 84 -17.50 36.43 -0.84
N MET C 85 -16.94 35.26 -1.15
CA MET C 85 -16.21 34.48 -0.17
C MET C 85 -14.84 34.08 -0.68
N LEU C 86 -13.84 34.24 0.16
CA LEU C 86 -12.46 33.93 -0.18
C LEU C 86 -11.98 34.83 -1.33
N TYR C 87 -12.30 36.12 -1.22
CA TYR C 87 -11.86 37.13 -2.17
C TYR C 87 -10.46 37.64 -1.82
N ILE C 88 -9.77 38.18 -2.82
CA ILE C 88 -8.48 38.80 -2.57
C ILE C 88 -8.61 39.88 -1.50
N GLY C 89 -7.75 39.83 -0.48
CA GLY C 89 -7.83 40.73 0.65
C GLY C 89 -8.64 40.22 1.83
N GLU C 90 -9.58 39.30 1.61
CA GLU C 90 -10.38 38.84 2.75
C GLU C 90 -9.47 38.38 3.88
N LYS C 91 -9.87 38.71 5.09
CA LYS C 91 -9.14 38.27 6.27
C LYS C 91 -9.84 37.00 6.74
N VAL C 92 -9.07 36.04 7.24
CA VAL C 92 -9.62 34.75 7.65
C VAL C 92 -8.79 34.27 8.80
N GLY C 93 -9.44 33.48 9.63
CA GLY C 93 -8.77 32.81 10.71
C GLY C 93 -9.35 33.22 12.04
N ALA C 94 -9.05 32.40 13.04
CA ALA C 94 -9.46 32.71 14.40
C ALA C 94 -8.50 33.67 15.08
N GLY C 95 -7.27 33.78 14.58
CA GLY C 95 -6.29 34.62 15.21
C GLY C 95 -4.97 33.93 15.43
N GLY C 96 -3.87 34.59 15.08
CA GLY C 96 -2.57 33.95 15.29
C GLY C 96 -1.49 34.66 14.51
N CYS C 97 -0.45 33.91 14.16
CA CYS C 97 0.65 34.39 13.34
C CYS C 97 0.10 34.93 12.02
N GLU C 98 0.74 35.97 11.47
CA GLU C 98 0.07 36.58 10.33
C GLU C 98 0.59 35.84 9.11
N VAL C 99 -0.28 35.35 8.24
CA VAL C 99 0.19 34.68 7.04
C VAL C 99 -0.58 35.21 5.85
N ASP C 100 0.05 35.14 4.68
CA ASP C 100 -0.66 35.14 3.41
C ASP C 100 -1.10 33.72 3.06
N ILE C 101 -2.29 33.65 2.48
CA ILE C 101 -3.00 32.42 2.16
C ILE C 101 -3.19 32.38 0.66
N ALA C 102 -2.82 31.28 0.01
CA ALA C 102 -3.15 31.07 -1.40
C ALA C 102 -4.08 29.86 -1.48
N LEU C 103 -5.25 30.08 -2.02
CA LEU C 103 -6.32 29.11 -1.90
C LEU C 103 -6.70 28.62 -3.27
N ASP C 104 -7.06 27.33 -3.33
CA ASP C 104 -7.85 26.83 -4.45
C ASP C 104 -8.93 25.94 -3.83
N PRO C 105 -10.11 26.52 -3.48
CA PRO C 105 -11.15 25.69 -2.84
C PRO C 105 -11.42 24.45 -3.65
N LEU C 106 -11.48 24.60 -4.97
CA LEU C 106 -11.62 23.45 -5.86
C LEU C 106 -10.82 23.69 -7.13
N GLU C 107 -9.61 23.12 -7.19
CA GLU C 107 -8.87 22.92 -8.45
C GLU C 107 -9.53 21.85 -9.29
N GLY C 108 -10.29 22.31 -10.28
CA GLY C 108 -11.04 21.45 -11.16
C GLY C 108 -12.54 21.45 -10.86
N THR C 109 -13.17 22.62 -10.99
CA THR C 109 -14.63 22.71 -10.88
C THR C 109 -15.30 21.94 -12.02
N THR C 110 -14.88 22.19 -13.25
CA THR C 110 -15.33 21.39 -14.39
C THR C 110 -14.93 19.93 -14.25
N ILE C 111 -13.70 19.71 -13.77
CA ILE C 111 -13.23 18.36 -13.49
C ILE C 111 -14.21 17.67 -12.55
N THR C 112 -14.43 18.25 -11.36
CA THR C 112 -15.31 17.62 -10.38
C THR C 112 -16.71 17.40 -10.94
N SER C 113 -17.20 18.34 -11.76
CA SER C 113 -18.58 18.30 -12.22
C SER C 113 -18.82 17.17 -13.21
N LYS C 114 -17.76 16.76 -13.93
CA LYS C 114 -17.77 15.57 -14.79
C LYS C 114 -17.15 14.34 -14.16
N GLY C 115 -16.55 14.45 -12.99
CA GLY C 115 -15.87 13.29 -12.47
C GLY C 115 -14.56 12.99 -13.15
N GLY C 116 -13.91 14.03 -13.69
CA GLY C 116 -12.65 13.87 -14.37
C GLY C 116 -11.49 13.65 -13.42
N ALA C 117 -10.35 13.30 -14.00
CA ALA C 117 -9.17 13.09 -13.19
C ALA C 117 -8.57 14.42 -12.77
N ASN C 118 -7.91 14.42 -11.59
CA ASN C 118 -6.98 15.45 -11.11
C ASN C 118 -7.63 16.63 -10.40
N ALA C 119 -8.82 16.44 -9.86
CA ALA C 119 -9.43 17.44 -9.00
C ALA C 119 -8.84 17.35 -7.61
N LEU C 120 -8.51 18.50 -7.05
CA LEU C 120 -7.86 18.68 -5.78
C LEU C 120 -8.52 19.84 -5.06
N THR C 121 -8.40 19.85 -3.75
CA THR C 121 -8.59 21.04 -2.94
C THR C 121 -7.23 21.39 -2.36
N VAL C 122 -6.88 22.68 -2.40
CA VAL C 122 -5.52 23.10 -2.11
C VAL C 122 -5.52 24.29 -1.17
N LEU C 123 -4.57 24.29 -0.25
CA LEU C 123 -4.31 25.43 0.63
C LEU C 123 -2.80 25.60 0.86
N ALA C 124 -2.27 26.80 0.62
CA ALA C 124 -0.88 27.09 0.92
C ALA C 124 -0.78 28.35 1.76
N MET C 125 0.11 28.33 2.74
CA MET C 125 0.39 29.48 3.59
C MET C 125 1.85 29.89 3.46
N ALA C 126 2.09 31.18 3.55
CA ALA C 126 3.45 31.69 3.61
C ALA C 126 3.50 32.96 4.45
N ASP C 127 4.72 33.33 4.82
CA ASP C 127 4.89 34.61 5.49
C ASP C 127 4.48 35.73 4.56
N LYS C 128 4.13 36.85 5.19
CA LYS C 128 3.62 38.01 4.46
C LYS C 128 4.50 38.31 3.26
N GLY C 129 3.84 38.49 2.11
CA GLY C 129 4.51 38.80 0.87
C GLY C 129 5.12 37.62 0.14
N GLY C 130 4.95 36.40 0.64
CA GLY C 130 5.73 35.30 0.10
C GLY C 130 5.17 34.61 -1.14
N PHE C 131 3.99 35.01 -1.61
CA PHE C 131 3.47 34.51 -2.88
C PHE C 131 3.46 35.60 -3.93
N LEU C 132 3.68 35.22 -5.19
CA LEU C 132 3.18 36.03 -6.30
C LEU C 132 1.65 36.09 -6.27
N ASN C 133 1.10 37.29 -6.16
CA ASN C 133 -0.36 37.46 -6.10
C ASN C 133 -0.90 37.38 -7.53
N ALA C 134 -1.14 36.16 -7.92
CA ALA C 134 -1.28 35.88 -9.33
C ALA C 134 -2.64 36.35 -9.81
N PRO C 135 -2.71 37.00 -10.96
CA PRO C 135 -4.02 37.33 -11.52
C PRO C 135 -4.56 36.14 -12.26
N ASP C 136 -5.85 36.23 -12.55
CA ASP C 136 -6.56 35.19 -13.30
C ASP C 136 -6.24 35.35 -14.78
N VAL C 137 -5.03 34.94 -15.13
CA VAL C 137 -4.59 34.91 -16.51
C VAL C 137 -3.83 33.60 -16.70
N TYR C 138 -3.62 33.24 -17.97
CA TYR C 138 -2.80 32.11 -18.34
C TYR C 138 -1.33 32.35 -18.03
N MET C 139 -0.62 31.24 -17.86
CA MET C 139 0.77 31.19 -17.41
C MET C 139 1.49 30.03 -18.09
N GLN C 140 2.55 30.37 -18.83
CA GLN C 140 3.45 29.37 -19.36
C GLN C 140 4.22 28.77 -18.22
N LYS C 141 4.38 27.44 -18.24
CA LYS C 141 5.01 26.72 -17.15
C LYS C 141 5.95 25.64 -17.68
N ILE C 142 7.03 25.40 -16.94
CA ILE C 142 7.86 24.21 -17.09
C ILE C 142 8.43 23.84 -15.74
N ALA C 143 8.41 22.54 -15.43
CA ALA C 143 8.77 22.10 -14.09
C ALA C 143 9.36 20.68 -14.09
N VAL C 144 10.29 20.47 -13.16
CA VAL C 144 10.91 19.16 -12.97
C VAL C 144 11.16 18.96 -11.48
N GLY C 145 11.10 17.68 -11.05
CA GLY C 145 11.26 17.34 -9.66
C GLY C 145 12.70 16.98 -9.33
N GLY C 146 13.00 16.89 -8.04
CA GLY C 146 14.32 16.46 -7.60
C GLY C 146 15.06 17.55 -6.84
N ILE C 147 15.47 17.19 -5.64
CA ILE C 147 16.02 18.15 -4.68
C ILE C 147 17.35 18.72 -5.15
N ASN C 148 18.09 17.99 -5.98
CA ASN C 148 19.39 18.42 -6.48
C ASN C 148 19.29 19.06 -7.85
N ALA C 149 18.07 19.34 -8.32
CA ALA C 149 17.92 19.96 -9.64
C ALA C 149 18.40 21.40 -9.55
N PRO C 150 19.33 21.85 -10.39
CA PRO C 150 19.84 23.21 -10.27
C PRO C 150 18.99 24.20 -11.02
N LYS C 151 18.89 25.39 -10.43
CA LYS C 151 18.26 26.50 -11.13
C LYS C 151 18.91 26.71 -12.50
N GLY C 152 18.06 26.89 -13.51
CA GLY C 152 18.44 26.82 -14.91
C GLY C 152 18.29 25.46 -15.60
N ILE C 153 18.02 24.37 -14.90
CA ILE C 153 17.81 23.10 -15.60
C ILE C 153 16.68 23.24 -16.63
N VAL C 154 15.65 24.01 -16.29
CA VAL C 154 14.51 24.29 -17.16
C VAL C 154 14.38 25.80 -17.32
N ASP C 155 14.13 26.24 -18.56
CA ASP C 155 13.94 27.63 -18.93
C ASP C 155 12.94 27.68 -20.08
N LEU C 156 12.01 28.63 -20.01
CA LEU C 156 10.97 28.71 -21.02
C LEU C 156 11.46 29.23 -22.37
N ASP C 157 12.62 29.91 -22.43
CA ASP C 157 13.18 30.36 -23.70
C ASP C 157 14.18 29.37 -24.31
N ASP C 158 14.54 28.29 -23.62
CA ASP C 158 15.29 27.24 -24.31
C ASP C 158 14.29 26.38 -25.08
N SER C 159 14.76 25.73 -26.13
CA SER C 159 13.90 24.81 -26.85
C SER C 159 13.42 23.67 -25.93
N VAL C 160 12.30 23.06 -26.32
CA VAL C 160 11.80 21.89 -25.60
C VAL C 160 12.87 20.80 -25.58
N THR C 161 13.54 20.60 -26.72
CA THR C 161 14.62 19.59 -26.86
C THR C 161 15.76 19.84 -25.89
N ASN C 162 16.20 21.10 -25.75
CA ASN C 162 17.34 21.33 -24.87
C ASN C 162 16.98 21.17 -23.41
N ASN C 163 15.79 21.66 -23.01
CA ASN C 163 15.28 21.31 -21.67
C ASN C 163 15.30 19.79 -21.45
N LEU C 164 14.77 19.04 -22.41
CA LEU C 164 14.65 17.60 -22.17
C LEU C 164 16.02 16.92 -22.11
N LYS C 165 16.98 17.40 -22.91
CA LYS C 165 18.34 16.86 -22.88
C LYS C 165 18.99 17.09 -21.52
N ARG C 166 18.84 18.29 -20.98
CA ARG C 166 19.40 18.55 -19.65
C ARG C 166 18.70 17.68 -18.59
N ILE C 167 17.40 17.46 -18.76
CA ILE C 167 16.67 16.69 -17.77
C ILE C 167 17.06 15.21 -17.85
N ALA C 168 17.20 14.67 -19.06
CA ALA C 168 17.61 13.29 -19.18
C ALA C 168 19.00 13.10 -18.56
N GLU C 169 19.91 14.03 -18.82
CA GLU C 169 21.25 13.95 -18.22
C GLU C 169 21.17 13.97 -16.70
N PHE C 170 20.34 14.83 -16.15
CA PHE C 170 20.27 14.99 -14.71
C PHE C 170 19.69 13.75 -14.06
N LYS C 171 18.72 13.12 -14.71
CA LYS C 171 18.10 11.91 -14.17
C LYS C 171 18.92 10.68 -14.51
N GLY C 172 19.90 10.84 -15.39
CA GLY C 172 20.77 9.73 -15.69
C GLY C 172 20.07 8.73 -16.57
N VAL C 173 19.24 9.19 -17.51
CA VAL C 173 18.50 8.27 -18.37
C VAL C 173 18.61 8.68 -19.82
N HIS C 174 18.44 7.68 -20.68
CA HIS C 174 18.16 7.89 -22.08
C HIS C 174 16.89 8.71 -22.25
N MET C 175 16.92 9.63 -23.22
CA MET C 175 15.79 10.49 -23.53
C MET C 175 14.48 9.74 -23.68
N SER C 176 14.55 8.54 -24.30
CA SER C 176 13.33 7.77 -24.55
C SER C 176 12.65 7.32 -23.28
N ALA C 177 13.37 7.30 -22.15
CA ALA C 177 12.77 6.97 -20.87
C ALA C 177 11.93 8.12 -20.31
N LEU C 178 12.17 9.35 -20.74
CA LEU C 178 11.51 10.48 -20.08
C LEU C 178 10.04 10.54 -20.44
N VAL C 179 9.20 10.80 -19.43
CA VAL C 179 7.78 11.00 -19.64
C VAL C 179 7.47 12.47 -19.44
N VAL C 180 6.98 13.09 -20.50
CA VAL C 180 6.58 14.48 -20.49
C VAL C 180 5.07 14.59 -20.41
N CYS C 181 4.60 15.37 -19.44
CA CYS C 181 3.19 15.60 -19.26
C CYS C 181 2.81 17.01 -19.68
N THR C 182 1.77 17.09 -20.50
CA THR C 182 1.11 18.34 -20.81
C THR C 182 -0.38 18.06 -20.92
N MET C 183 -1.12 19.14 -21.09
CA MET C 183 -2.57 19.07 -21.18
C MET C 183 -2.96 18.89 -22.64
N ASP C 184 -4.05 18.17 -22.89
CA ASP C 184 -4.62 17.96 -24.23
C ASP C 184 -5.39 19.17 -24.75
N ARG C 185 -4.66 20.11 -25.35
CA ARG C 185 -5.12 21.38 -25.83
C ARG C 185 -4.37 21.67 -27.11
N PRO C 186 -5.04 22.26 -28.09
CA PRO C 186 -4.34 22.78 -29.29
C PRO C 186 -3.09 23.59 -29.02
N ARG C 187 -3.15 24.53 -28.09
CA ARG C 187 -1.99 25.36 -27.79
C ARG C 187 -0.71 24.58 -27.47
N HIS C 188 -0.80 23.29 -27.19
CA HIS C 188 0.38 22.51 -26.80
C HIS C 188 0.89 21.58 -27.89
N GLU C 189 0.31 21.66 -29.09
CA GLU C 189 0.67 20.75 -30.18
C GLU C 189 2.16 20.78 -30.45
N HIS C 190 2.76 21.97 -30.44
CA HIS C 190 4.16 22.09 -30.78
C HIS C 190 5.04 21.47 -29.71
N ILE C 191 4.68 21.66 -28.41
CA ILE C 191 5.36 20.94 -27.34
C ILE C 191 5.33 19.45 -27.61
N ILE C 192 4.13 18.93 -27.81
CA ILE C 192 3.99 17.50 -28.00
C ILE C 192 4.89 17.06 -29.14
N LYS C 193 4.81 17.75 -30.29
CA LYS C 193 5.52 17.29 -31.48
C LYS C 193 7.03 17.28 -31.23
N GLU C 194 7.52 18.35 -30.58
CA GLU C 194 8.95 18.47 -30.36
C GLU C 194 9.41 17.40 -29.39
N ALA C 195 8.67 17.21 -28.29
CA ALA C 195 9.08 16.16 -27.37
C ALA C 195 9.14 14.83 -28.11
N ARG C 196 8.13 14.54 -28.94
CA ARG C 196 8.16 13.26 -29.64
C ARG C 196 9.35 13.18 -30.58
N GLU C 197 9.63 14.30 -31.27
CA GLU C 197 10.70 14.31 -32.26
C GLU C 197 12.03 14.04 -31.61
N CYS C 198 12.23 14.54 -30.39
CA CYS C 198 13.55 14.34 -29.88
C CYS C 198 13.67 13.03 -29.13
N GLY C 199 12.58 12.23 -29.07
CA GLY C 199 12.62 10.87 -28.59
C GLY C 199 11.86 10.62 -27.30
N ALA C 200 11.27 11.65 -26.69
CA ALA C 200 10.63 11.42 -25.40
C ALA C 200 9.23 10.84 -25.56
N ARG C 201 8.70 10.29 -24.46
CA ARG C 201 7.31 9.86 -24.36
C ARG C 201 6.46 10.96 -23.70
N VAL C 202 5.29 11.26 -24.28
CA VAL C 202 4.46 12.41 -23.89
C VAL C 202 3.03 12.02 -23.57
N ILE C 203 2.66 11.92 -22.21
CA ILE C 203 1.29 11.65 -21.77
C ILE C 203 0.48 12.93 -21.53
N LEU C 204 -0.81 12.82 -21.79
CA LEU C 204 -1.72 13.96 -21.89
C LEU C 204 -2.73 13.90 -20.73
N ILE C 205 -2.97 15.02 -20.08
CA ILE C 205 -4.04 15.09 -19.09
C ILE C 205 -5.09 16.04 -19.66
N ASN C 206 -6.35 15.77 -19.30
CA ASN C 206 -7.40 16.62 -19.81
C ASN C 206 -7.50 17.93 -19.05
N ASP C 207 -7.10 17.92 -17.79
CA ASP C 207 -7.22 19.08 -16.92
C ASP C 207 -6.39 18.84 -15.67
N GLY C 208 -6.19 19.89 -14.88
CA GLY C 208 -5.55 19.79 -13.59
C GLY C 208 -4.02 19.81 -13.65
N ASP C 209 -3.47 20.97 -14.02
CA ASP C 209 -2.04 21.15 -14.08
C ASP C 209 -1.43 21.54 -12.74
N VAL C 210 -2.22 21.73 -11.70
CA VAL C 210 -1.62 21.70 -10.38
C VAL C 210 -1.07 20.31 -10.10
N SER C 211 -1.93 19.30 -10.24
CA SER C 211 -1.50 17.92 -10.06
C SER C 211 -0.46 17.55 -11.10
N GLY C 212 -0.63 18.00 -12.33
CA GLY C 212 0.34 17.71 -13.37
C GLY C 212 1.75 18.19 -13.05
N VAL C 213 1.86 19.41 -12.49
CA VAL C 213 3.17 19.93 -12.14
C VAL C 213 3.73 19.22 -10.92
N ILE C 214 2.88 18.99 -9.92
CA ILE C 214 3.40 18.42 -8.68
C ILE C 214 3.81 16.97 -8.87
N ALA C 215 3.25 16.30 -9.88
CA ALA C 215 3.60 14.92 -10.13
C ALA C 215 5.08 14.74 -10.46
N THR C 216 5.74 15.80 -10.97
CA THR C 216 7.15 15.71 -11.34
C THR C 216 8.02 15.42 -10.13
N ALA C 217 7.59 15.85 -8.96
CA ALA C 217 8.26 15.59 -7.70
C ALA C 217 7.56 14.55 -6.83
N THR C 218 6.55 13.86 -7.35
CA THR C 218 5.78 12.90 -6.57
C THR C 218 6.25 11.49 -6.90
N GLU C 219 6.52 10.70 -5.85
CA GLU C 219 7.02 9.34 -6.06
C GLU C 219 6.01 8.51 -6.84
N ASN C 220 6.50 7.76 -7.82
CA ASN C 220 5.70 6.79 -8.60
C ASN C 220 4.64 7.43 -9.47
N SER C 221 4.75 8.74 -9.71
CA SER C 221 3.82 9.37 -10.62
C SER C 221 4.01 8.86 -12.04
N GLY C 222 5.20 8.39 -12.41
CA GLY C 222 5.49 8.16 -13.81
C GLY C 222 5.61 9.43 -14.67
N ILE C 223 5.80 10.59 -14.05
CA ILE C 223 5.89 11.85 -14.78
C ILE C 223 7.21 12.52 -14.43
N ASP C 224 8.00 12.85 -15.45
CA ASP C 224 9.32 13.43 -15.22
C ASP C 224 9.36 14.93 -15.41
N VAL C 225 8.56 15.43 -16.35
CA VAL C 225 8.59 16.83 -16.75
C VAL C 225 7.16 17.28 -17.01
N TYR C 226 6.81 18.48 -16.53
CA TYR C 226 5.58 19.15 -16.96
C TYR C 226 5.91 20.38 -17.82
N ILE C 227 5.25 20.49 -18.97
CA ILE C 227 5.41 21.64 -19.86
C ILE C 227 4.05 22.03 -20.37
N GLY C 228 3.64 23.28 -20.14
CA GLY C 228 2.38 23.72 -20.70
C GLY C 228 1.90 25.04 -20.14
N THR C 229 0.85 25.53 -20.79
CA THR C 229 0.19 26.76 -20.36
C THR C 229 -1.08 26.43 -19.62
N GLY C 230 -1.24 27.08 -18.47
CA GLY C 230 -2.43 26.90 -17.66
C GLY C 230 -2.71 28.10 -16.80
N GLY C 231 -3.45 27.90 -15.72
CA GLY C 231 -3.84 29.01 -14.87
C GLY C 231 -2.68 29.48 -13.99
N ALA C 232 -2.61 30.81 -13.80
CA ALA C 232 -1.49 31.39 -13.06
C ALA C 232 -1.61 31.16 -11.56
N PRO C 233 -2.80 31.31 -10.99
CA PRO C 233 -2.98 30.88 -9.58
C PRO C 233 -2.52 29.44 -9.35
N GLU C 234 -2.88 28.57 -10.28
CA GLU C 234 -2.50 27.17 -10.21
C GLU C 234 -0.98 26.99 -10.31
N GLY C 235 -0.32 27.81 -11.12
CA GLY C 235 1.13 27.81 -11.17
C GLY C 235 1.74 28.16 -9.84
N VAL C 236 1.23 29.22 -9.21
CA VAL C 236 1.78 29.58 -7.89
C VAL C 236 1.59 28.44 -6.88
N LEU C 237 0.42 27.80 -6.91
CA LEU C 237 0.12 26.73 -5.93
C LEU C 237 1.07 25.54 -6.10
N ALA C 238 1.27 25.15 -7.34
CA ALA C 238 2.20 24.07 -7.62
C ALA C 238 3.64 24.45 -7.25
N ALA C 239 4.04 25.70 -7.50
CA ALA C 239 5.38 26.12 -7.12
C ALA C 239 5.56 26.01 -5.60
N ALA C 240 4.54 26.41 -4.84
CA ALA C 240 4.65 26.24 -3.39
C ALA C 240 4.91 24.78 -3.04
N ALA C 241 4.17 23.87 -3.68
CA ALA C 241 4.42 22.46 -3.40
C ALA C 241 5.85 22.07 -3.75
N LEU C 242 6.35 22.50 -4.92
CA LEU C 242 7.68 22.07 -5.32
C LEU C 242 8.78 22.69 -4.45
N LYS C 243 8.55 23.89 -3.91
CA LYS C 243 9.49 24.46 -2.95
C LYS C 243 9.58 23.54 -1.76
N CYS C 244 8.48 22.87 -1.42
CA CYS C 244 8.57 21.95 -0.31
C CYS C 244 9.15 20.59 -0.70
N LEU C 245 8.96 20.15 -1.95
CA LEU C 245 9.31 18.78 -2.28
C LEU C 245 10.68 18.65 -2.91
N GLY C 246 11.23 19.73 -3.44
CA GLY C 246 12.39 19.65 -4.28
C GLY C 246 12.05 19.75 -5.75
N GLY C 247 12.55 20.76 -6.42
CA GLY C 247 12.41 20.81 -7.85
C GLY C 247 12.72 22.21 -8.34
N GLN C 248 12.47 22.38 -9.64
CA GLN C 248 12.72 23.66 -10.28
C GLN C 248 11.57 23.94 -11.23
N MET C 249 11.22 25.22 -11.32
CA MET C 249 10.14 25.60 -12.20
C MET C 249 10.34 27.01 -12.69
N GLN C 250 9.85 27.26 -13.91
CA GLN C 250 9.80 28.58 -14.47
C GLN C 250 8.43 28.84 -15.07
N ALA C 251 8.03 30.11 -15.00
CA ALA C 251 6.69 30.52 -15.37
C ALA C 251 6.70 31.93 -15.93
N ARG C 252 5.76 32.18 -16.83
CA ARG C 252 5.64 33.50 -17.41
C ARG C 252 4.18 33.75 -17.63
N LEU C 253 3.67 34.89 -17.14
CA LEU C 253 2.30 35.27 -17.41
C LEU C 253 2.15 35.66 -18.87
N ILE C 254 0.98 35.38 -19.42
CA ILE C 254 0.67 35.75 -20.79
C ILE C 254 -0.69 36.44 -20.85
N PHE C 255 -0.85 37.28 -21.85
CA PHE C 255 -1.93 38.26 -21.88
C PHE C 255 -2.50 38.29 -23.27
N ASN C 256 -3.79 37.96 -23.36
CA ASN C 256 -4.53 37.88 -24.60
C ASN C 256 -5.44 39.08 -24.90
N ASP C 257 -5.68 40.02 -23.96
CA ASP C 257 -6.51 41.20 -24.24
C ASP C 257 -6.33 42.19 -23.10
N GLU C 258 -6.96 43.36 -23.21
CA GLU C 258 -6.64 44.39 -22.24
C GLU C 258 -7.16 44.06 -20.89
N GLU C 259 -8.25 43.32 -20.83
CA GLU C 259 -8.85 43.09 -19.55
C GLU C 259 -7.87 42.31 -18.68
N GLU C 260 -7.13 41.39 -19.31
CA GLU C 260 -6.13 40.54 -18.64
C GLU C 260 -4.93 41.36 -18.15
N ILE C 261 -4.48 42.32 -18.97
CA ILE C 261 -3.44 43.24 -18.51
C ILE C 261 -3.94 44.04 -17.33
N LYS C 262 -5.22 44.48 -17.36
CA LYS C 262 -5.79 45.20 -16.22
C LYS C 262 -5.84 44.34 -14.96
N ARG C 263 -6.13 43.03 -15.13
CA ARG C 263 -6.14 42.13 -13.97
C ARG C 263 -4.78 42.10 -13.32
N ALA C 264 -3.73 42.06 -14.15
CA ALA C 264 -2.40 42.15 -13.61
C ALA C 264 -2.10 43.55 -13.02
N HIS C 265 -2.50 44.67 -13.65
CA HIS C 265 -1.98 45.90 -13.01
C HIS C 265 -2.71 46.09 -11.68
N ARG C 266 -3.93 45.53 -11.55
CA ARG C 266 -4.68 45.70 -10.29
C ARG C 266 -3.99 45.04 -9.11
N LEU C 267 -3.23 43.98 -9.38
CA LEU C 267 -2.51 43.26 -8.34
C LEU C 267 -1.08 43.76 -8.23
N GLY C 268 -0.78 44.87 -8.90
CA GLY C 268 0.54 45.44 -8.85
C GLY C 268 1.55 44.88 -9.82
N ILE C 269 1.16 44.05 -10.77
CA ILE C 269 2.10 43.46 -11.72
C ILE C 269 2.17 44.30 -12.99
N THR C 270 3.36 44.83 -13.30
CA THR C 270 3.55 45.66 -14.48
C THR C 270 4.62 45.17 -15.46
N ASP C 271 5.57 44.36 -15.03
CA ASP C 271 6.53 43.72 -15.92
C ASP C 271 5.84 42.49 -16.51
N LEU C 272 5.22 42.66 -17.68
CA LEU C 272 4.28 41.65 -18.16
C LEU C 272 5.00 40.40 -18.68
N ASN C 273 6.27 40.53 -19.09
CA ASN C 273 6.98 39.43 -19.71
C ASN C 273 8.00 38.83 -18.78
N LYS C 274 7.96 39.21 -17.52
CA LYS C 274 8.82 38.62 -16.51
C LYS C 274 8.75 37.09 -16.61
N LYS C 275 9.93 36.47 -16.53
CA LYS C 275 10.06 35.04 -16.28
C LYS C 275 10.25 34.87 -14.80
N TYR C 276 9.34 34.14 -14.18
CA TYR C 276 9.42 33.90 -12.76
C TYR C 276 10.14 32.58 -12.52
N ASP C 277 11.16 32.66 -11.68
CA ASP C 277 11.70 31.49 -11.06
C ASP C 277 10.77 31.00 -9.96
N ILE C 278 10.92 29.74 -9.62
CA ILE C 278 10.13 29.20 -8.52
C ILE C 278 10.22 30.08 -7.27
N ASP C 279 11.41 30.63 -6.98
CA ASP C 279 11.52 31.47 -5.78
C ASP C 279 10.76 32.79 -5.92
N ASP C 280 10.43 33.18 -7.16
CA ASP C 280 9.62 34.38 -7.34
C ASP C 280 8.14 34.10 -7.20
N LEU C 281 7.73 32.83 -7.30
CA LEU C 281 6.33 32.50 -7.12
C LEU C 281 5.98 32.23 -5.68
N ALA C 282 6.84 31.49 -4.98
CA ALA C 282 6.61 31.22 -3.58
C ALA C 282 7.95 31.24 -2.88
N SER C 283 8.04 31.95 -1.76
CA SER C 283 9.33 32.12 -1.12
C SER C 283 9.15 32.19 0.38
N GLY C 284 10.21 31.84 1.10
CA GLY C 284 10.16 31.83 2.55
C GLY C 284 9.60 30.53 3.07
N ASP C 285 8.93 30.63 4.21
CA ASP C 285 8.45 29.48 4.94
C ASP C 285 7.03 29.20 4.45
N ILE C 286 6.89 28.11 3.69
CA ILE C 286 5.66 27.74 3.00
C ILE C 286 5.09 26.47 3.61
N VAL C 287 3.78 26.45 3.77
CA VAL C 287 3.05 25.23 4.08
C VAL C 287 2.11 24.96 2.93
N PHE C 288 2.19 23.75 2.38
CA PHE C 288 1.29 23.34 1.30
C PHE C 288 0.49 22.13 1.77
N ALA C 289 -0.81 22.17 1.53
CA ALA C 289 -1.69 21.06 1.83
C ALA C 289 -2.65 20.81 0.70
N ALA C 290 -3.00 19.55 0.49
CA ALA C 290 -3.97 19.25 -0.55
C ALA C 290 -4.66 17.92 -0.24
N THR C 291 -5.93 17.85 -0.63
CA THR C 291 -6.69 16.62 -0.54
C THR C 291 -7.24 16.31 -1.92
N GLY C 292 -7.12 15.04 -2.34
CA GLY C 292 -7.68 14.65 -3.63
C GLY C 292 -9.21 14.56 -3.59
N VAL C 293 -9.85 14.98 -4.69
CA VAL C 293 -11.29 14.81 -4.86
C VAL C 293 -11.60 13.63 -5.76
N THR C 294 -11.08 13.69 -6.99
CA THR C 294 -11.03 12.58 -7.93
C THR C 294 -9.61 12.01 -7.92
N ASP C 295 -9.50 10.81 -8.47
CA ASP C 295 -8.20 10.19 -8.58
C ASP C 295 -7.37 11.02 -9.53
N GLY C 296 -6.12 11.25 -9.17
CA GLY C 296 -5.25 11.88 -10.12
C GLY C 296 -3.83 11.37 -10.04
N ASN C 297 -2.93 12.12 -10.66
CA ASN C 297 -1.56 11.63 -10.80
C ASN C 297 -0.69 12.19 -9.71
N MET C 298 -1.33 12.82 -8.72
CA MET C 298 -0.70 13.17 -7.47
C MET C 298 -1.43 12.58 -6.27
N LEU C 299 -2.77 12.67 -6.21
CA LEU C 299 -3.49 12.09 -5.09
C LEU C 299 -4.68 11.29 -5.57
N GLN C 300 -5.02 10.26 -4.78
CA GLN C 300 -6.25 9.51 -4.98
C GLN C 300 -7.45 10.33 -4.50
N GLY C 301 -8.58 10.06 -5.11
CA GLY C 301 -9.83 10.71 -4.73
C GLY C 301 -10.51 10.09 -3.54
N VAL C 302 -11.60 10.75 -3.14
CA VAL C 302 -12.41 10.28 -2.03
C VAL C 302 -13.15 9.01 -2.44
N LYS C 303 -13.18 8.04 -1.55
CA LYS C 303 -13.86 6.78 -1.80
C LYS C 303 -14.86 6.43 -0.70
N ARG C 304 -15.98 5.83 -1.10
CA ARG C 304 -16.87 5.15 -0.17
C ARG C 304 -16.31 3.77 0.17
N VAL C 305 -16.19 3.49 1.45
CA VAL C 305 -15.72 2.21 1.92
C VAL C 305 -16.73 1.60 2.87
N ASN C 306 -16.94 0.29 2.74
CA ASN C 306 -17.65 -0.53 3.74
C ASN C 306 -16.72 -1.60 4.29
N SER C 307 -16.49 -1.58 5.60
CA SER C 307 -15.74 -2.62 6.32
C SER C 307 -16.67 -3.38 7.26
N THR C 308 -16.48 -4.70 7.36
CA THR C 308 -17.20 -5.46 8.37
C THR C 308 -16.68 -5.14 9.76
N ARG C 309 -15.37 -4.98 9.90
CA ARG C 309 -14.81 -4.60 11.20
C ARG C 309 -15.13 -3.16 11.57
N ARG C 310 -14.90 -2.21 10.65
CA ARG C 310 -14.91 -0.79 10.99
C ARG C 310 -16.19 -0.04 10.60
N GLY C 311 -17.14 -0.68 9.92
CA GLY C 311 -18.29 0.04 9.39
C GLY C 311 -17.98 0.80 8.10
N SER C 312 -18.80 1.79 7.77
CA SER C 312 -18.74 2.48 6.51
C SER C 312 -18.13 3.86 6.72
N TYR C 313 -17.33 4.30 5.74
CA TYR C 313 -16.72 5.60 5.84
C TYR C 313 -16.22 6.11 4.49
N ALA C 314 -16.13 7.44 4.40
CA ALA C 314 -15.44 8.11 3.30
C ALA C 314 -13.96 8.14 3.62
N VAL C 315 -13.11 7.76 2.66
CA VAL C 315 -11.68 7.87 2.85
C VAL C 315 -11.15 8.98 1.96
N THR C 316 -10.43 9.92 2.57
CA THR C 316 -9.76 11.01 1.87
C THR C 316 -8.25 10.79 1.90
N HIS C 317 -7.56 11.24 0.86
CA HIS C 317 -6.10 11.11 0.79
C HIS C 317 -5.51 12.50 0.60
N SER C 318 -4.64 12.89 1.52
CA SER C 318 -4.09 14.22 1.59
C SER C 318 -2.58 14.18 1.75
N VAL C 319 -1.98 15.32 1.51
CA VAL C 319 -0.56 15.51 1.74
C VAL C 319 -0.39 16.89 2.34
N VAL C 320 0.54 17.01 3.29
CA VAL C 320 0.89 18.31 3.85
C VAL C 320 2.41 18.38 3.97
N MET C 321 2.96 19.54 3.67
CA MET C 321 4.41 19.67 3.58
C MET C 321 4.84 21.07 3.95
N ARG C 322 6.12 21.19 4.30
CA ARG C 322 6.69 22.46 4.72
C ARG C 322 8.04 22.67 4.07
N SER C 323 8.30 23.90 3.60
CA SER C 323 9.52 24.15 2.84
C SER C 323 10.76 24.24 3.73
N THR C 324 10.62 24.67 4.98
CA THR C 324 11.82 24.91 5.79
C THR C 324 12.32 23.62 6.44
N THR C 325 11.40 22.79 6.93
CA THR C 325 11.78 21.46 7.40
C THR C 325 11.95 20.45 6.28
N LYS C 326 11.25 20.62 5.17
CA LYS C 326 11.13 19.60 4.13
C LYS C 326 10.39 18.36 4.63
N THR C 327 9.69 18.45 5.76
CA THR C 327 8.85 17.36 6.22
C THR C 327 7.62 17.18 5.32
N VAL C 328 7.33 15.94 4.93
CA VAL C 328 6.15 15.63 4.14
C VAL C 328 5.35 14.57 4.86
N ARG C 329 4.06 14.81 5.02
CA ARG C 329 3.16 13.86 5.67
C ARG C 329 2.07 13.44 4.70
N HIS C 330 1.94 12.13 4.51
CA HIS C 330 0.86 11.56 3.71
C HIS C 330 -0.23 11.06 4.66
N ILE C 331 -1.47 11.44 4.40
CA ILE C 331 -2.54 11.28 5.36
C ILE C 331 -3.74 10.66 4.69
N THR C 332 -4.13 9.50 5.16
CA THR C 332 -5.32 8.78 4.76
C THR C 332 -6.31 8.84 5.90
N ALA C 333 -7.44 9.53 5.68
CA ALA C 333 -8.41 9.75 6.74
C ALA C 333 -9.71 9.04 6.41
N GLU C 334 -10.26 8.37 7.44
CA GLU C 334 -11.51 7.63 7.38
C GLU C 334 -12.53 8.41 8.19
N HIS C 335 -13.54 8.93 7.50
CA HIS C 335 -14.61 9.76 8.04
C HIS C 335 -15.86 8.89 8.10
N SER C 336 -16.23 8.49 9.32
CA SER C 336 -17.36 7.61 9.53
C SER C 336 -18.63 8.26 9.01
N PHE C 337 -19.48 7.47 8.38
CA PHE C 337 -20.65 8.02 7.71
C PHE C 337 -21.59 6.88 7.36
N ASP C 338 -22.87 7.17 7.48
CA ASP C 338 -23.93 6.25 7.08
C ASP C 338 -24.38 6.66 5.68
N PHE C 339 -24.03 5.88 4.69
CA PHE C 339 -24.35 6.22 3.32
C PHE C 339 -25.78 5.89 2.93
N LYS C 340 -26.61 5.49 3.89
CA LYS C 340 -28.05 5.53 3.66
C LYS C 340 -28.60 6.95 3.69
N GLU C 341 -27.91 7.88 4.34
CA GLU C 341 -28.23 9.29 4.34
C GLU C 341 -27.71 9.94 3.06
N GLY C 342 -28.28 11.09 2.72
CA GLY C 342 -27.87 11.76 1.51
C GLY C 342 -26.41 12.20 1.56
N ILE C 343 -25.75 12.09 0.41
CA ILE C 343 -24.33 12.48 0.34
C ILE C 343 -24.16 13.97 0.60
N GLU C 344 -25.20 14.78 0.39
CA GLU C 344 -25.03 16.21 0.65
C GLU C 344 -24.78 16.51 2.12
N LYS C 345 -24.97 15.56 3.00
CA LYS C 345 -24.61 15.82 4.38
C LYS C 345 -23.11 16.06 4.58
N PHE C 346 -22.27 15.74 3.59
CA PHE C 346 -20.86 16.07 3.69
C PHE C 346 -20.60 17.54 3.38
N MET C 347 -21.63 18.29 3.04
CA MET C 347 -21.48 19.72 2.90
C MET C 347 -21.40 20.37 4.28
N SER C 348 -20.88 21.61 4.29
CA SER C 348 -20.75 22.40 5.51
C SER C 348 -21.75 23.56 5.60
N MET D 21 -8.79 -27.61 -18.71
CA MET D 21 -7.76 -26.51 -18.57
C MET D 21 -7.14 -26.52 -17.14
N ASN D 22 -5.86 -26.73 -17.27
CA ASN D 22 -4.93 -27.06 -16.23
C ASN D 22 -4.52 -25.81 -15.48
N ARG D 23 -4.49 -26.02 -14.17
CA ARG D 23 -4.17 -24.99 -13.23
C ARG D 23 -2.84 -24.35 -13.54
N LYS D 24 -1.85 -24.93 -14.16
CA LYS D 24 -1.01 -23.82 -14.72
C LYS D 24 -1.65 -22.68 -15.48
N VAL D 25 -2.49 -22.90 -16.47
CA VAL D 25 -2.57 -21.83 -17.46
C VAL D 25 -2.75 -20.39 -16.89
N ALA D 26 -3.37 -20.25 -15.72
CA ALA D 26 -3.60 -18.91 -15.18
C ALA D 26 -2.29 -18.16 -15.01
N LEU D 27 -1.33 -18.74 -14.32
CA LEU D 27 -0.11 -18.00 -14.04
C LEU D 27 0.73 -17.81 -15.29
N GLU D 28 0.57 -18.68 -16.29
CA GLU D 28 1.23 -18.42 -17.55
C GLU D 28 0.64 -17.20 -18.25
N ALA D 29 -0.67 -16.96 -18.11
CA ALA D 29 -1.28 -15.87 -18.87
C ALA D 29 -0.76 -14.50 -18.43
N VAL D 30 -0.47 -14.30 -17.13
CA VAL D 30 -0.03 -12.97 -16.72
C VAL D 30 1.24 -12.60 -17.46
N ARG D 31 2.08 -13.59 -17.81
CA ARG D 31 3.38 -13.26 -18.35
C ARG D 31 3.17 -12.64 -19.72
N VAL D 32 2.12 -13.14 -20.40
CA VAL D 32 1.72 -12.61 -21.70
C VAL D 32 1.33 -11.15 -21.57
N THR D 33 0.42 -10.86 -20.64
CA THR D 33 0.04 -9.43 -20.54
C THR D 33 1.21 -8.56 -20.08
N GLU D 34 2.06 -9.05 -19.18
CA GLU D 34 3.19 -8.24 -18.71
C GLU D 34 4.13 -7.86 -19.87
N LEU D 35 4.41 -8.84 -20.75
CA LEU D 35 5.37 -8.60 -21.81
C LEU D 35 4.78 -7.66 -22.84
N ALA D 36 3.50 -7.83 -23.11
CA ALA D 36 2.87 -6.92 -24.05
C ALA D 36 2.81 -5.50 -23.48
N ALA D 37 2.64 -5.38 -22.17
CA ALA D 37 2.56 -4.05 -21.54
C ALA D 37 3.91 -3.33 -21.59
N LEU D 38 5.00 -4.04 -21.31
CA LEU D 38 6.31 -3.40 -21.38
C LEU D 38 6.59 -2.91 -22.79
N ALA D 39 6.24 -3.74 -23.79
CA ALA D 39 6.41 -3.32 -25.17
C ALA D 39 5.54 -2.11 -25.49
N SER D 40 4.26 -2.14 -25.10
CA SER D 40 3.37 -1.00 -25.33
C SER D 40 3.91 0.27 -24.68
N TRP D 41 4.43 0.15 -23.47
CA TRP D 41 4.92 1.30 -22.73
C TRP D 41 6.04 1.98 -23.46
N SER D 42 6.89 1.16 -24.11
CA SER D 42 8.00 1.74 -24.85
C SER D 42 7.50 2.71 -25.92
N GLN D 43 6.23 2.62 -26.30
CA GLN D 43 5.64 3.43 -27.36
C GLN D 43 4.66 4.44 -26.79
N MET D 44 4.58 4.54 -25.47
CA MET D 44 3.54 5.34 -24.85
C MET D 44 3.70 6.79 -25.18
N GLY D 45 2.60 7.41 -25.56
CA GLY D 45 2.60 8.81 -25.88
C GLY D 45 3.52 9.18 -27.02
N ARG D 46 3.89 8.23 -27.89
CA ARG D 46 4.75 8.59 -29.01
C ARG D 46 3.93 9.03 -30.22
N GLY D 47 2.62 8.87 -30.16
CA GLY D 47 1.78 9.39 -31.23
C GLY D 47 1.62 8.48 -32.41
N ASP D 48 2.02 7.21 -32.28
CA ASP D 48 2.15 6.28 -33.38
C ASP D 48 1.37 5.01 -33.00
N LYS D 49 0.07 5.14 -33.22
CA LYS D 49 -0.91 4.06 -33.27
C LYS D 49 -0.36 2.74 -33.76
N ILE D 50 0.22 2.73 -34.94
CA ILE D 50 0.65 1.49 -35.55
C ILE D 50 1.84 0.91 -34.80
N ALA D 51 2.77 1.77 -34.37
CA ALA D 51 3.98 1.24 -33.74
C ALA D 51 3.64 0.66 -32.37
N ALA D 52 2.76 1.33 -31.63
CA ALA D 52 2.22 0.77 -30.40
C ALA D 52 1.59 -0.58 -30.66
N ASP D 53 0.67 -0.63 -31.63
CA ASP D 53 -0.18 -1.79 -31.74
C ASP D 53 0.65 -2.99 -32.19
N GLN D 54 1.72 -2.72 -32.92
CA GLN D 54 2.57 -3.77 -33.50
C GLN D 54 3.64 -4.22 -32.49
N ALA D 55 4.10 -3.30 -31.63
CA ALA D 55 4.87 -3.70 -30.45
C ALA D 55 4.07 -4.64 -29.55
N ALA D 56 2.82 -4.26 -29.22
CA ALA D 56 1.99 -5.08 -28.35
C ALA D 56 1.72 -6.44 -28.95
N VAL D 57 1.18 -6.48 -30.16
CA VAL D 57 0.85 -7.71 -30.85
C VAL D 57 2.07 -8.62 -30.93
N ASP D 58 3.18 -8.06 -31.35
CA ASP D 58 4.36 -8.88 -31.54
C ASP D 58 4.73 -9.55 -30.23
N ALA D 59 4.71 -8.78 -29.14
CA ALA D 59 5.11 -9.36 -27.85
C ALA D 59 4.08 -10.37 -27.34
N MET D 60 2.79 -10.08 -27.53
CA MET D 60 1.75 -10.98 -27.05
C MET D 60 1.78 -12.31 -27.81
N ARG D 61 1.92 -12.29 -29.14
CA ARG D 61 1.98 -13.54 -29.91
C ARG D 61 3.21 -14.34 -29.50
N LYS D 62 4.37 -13.69 -29.42
CA LYS D 62 5.55 -14.43 -29.00
C LYS D 62 5.35 -15.03 -27.61
N ALA D 63 4.71 -14.31 -26.69
CA ALA D 63 4.60 -14.86 -25.34
C ALA D 63 3.57 -15.98 -25.30
N LEU D 64 2.50 -15.85 -26.10
CA LEU D 64 1.42 -16.82 -26.11
C LEU D 64 1.87 -18.15 -26.69
N ASN D 65 2.79 -18.10 -27.64
CA ASN D 65 3.32 -19.31 -28.26
C ASN D 65 4.25 -20.05 -27.33
N GLU D 66 4.50 -19.52 -26.15
CA GLU D 66 5.16 -20.25 -25.07
C GLU D 66 4.19 -20.83 -24.06
N VAL D 67 2.90 -20.58 -24.20
CA VAL D 67 1.88 -21.06 -23.26
C VAL D 67 1.34 -22.41 -23.71
N ASP D 68 1.08 -23.32 -22.77
CA ASP D 68 0.79 -24.74 -23.09
C ASP D 68 -0.70 -24.98 -23.35
N ILE D 69 -1.14 -24.53 -24.53
CA ILE D 69 -2.54 -24.55 -24.92
C ILE D 69 -2.60 -24.85 -26.40
N ASP D 70 -3.73 -25.42 -26.83
CA ASP D 70 -4.17 -25.35 -28.24
C ASP D 70 -5.14 -24.17 -28.25
N GLY D 71 -4.61 -22.97 -28.41
CA GLY D 71 -5.43 -21.77 -28.41
C GLY D 71 -5.90 -21.44 -29.77
N THR D 72 -7.17 -20.99 -29.86
CA THR D 72 -7.71 -20.37 -31.06
C THR D 72 -8.25 -19.00 -30.70
N VAL D 73 -7.73 -17.95 -31.37
CA VAL D 73 -8.31 -16.62 -31.20
C VAL D 73 -9.74 -16.61 -31.69
N VAL D 74 -10.69 -16.36 -30.79
CA VAL D 74 -12.08 -16.14 -31.17
C VAL D 74 -12.47 -14.67 -31.12
N ILE D 75 -11.66 -13.82 -30.48
CA ILE D 75 -11.89 -12.38 -30.37
C ILE D 75 -10.55 -11.68 -30.38
N GLY D 76 -10.45 -10.59 -31.14
CA GLY D 76 -9.16 -9.94 -31.29
C GLY D 76 -9.03 -9.15 -32.56
N MET D 85 0.73 -11.10 -36.43
CA MET D 85 -0.63 -10.48 -36.31
C MET D 85 -1.47 -11.46 -35.49
N LEU D 86 -2.59 -11.04 -34.92
CA LEU D 86 -3.48 -11.95 -34.17
C LEU D 86 -4.91 -11.85 -34.70
N TYR D 87 -5.16 -12.58 -35.78
CA TYR D 87 -6.43 -12.60 -36.47
C TYR D 87 -7.34 -13.69 -35.92
N ILE D 88 -8.64 -13.48 -36.07
CA ILE D 88 -9.63 -14.49 -35.68
C ILE D 88 -9.33 -15.78 -36.41
N GLY D 89 -9.33 -16.87 -35.65
CA GLY D 89 -8.97 -18.17 -36.17
C GLY D 89 -7.51 -18.50 -36.08
N GLU D 90 -6.65 -17.53 -35.77
CA GLU D 90 -5.24 -17.89 -35.60
C GLU D 90 -5.07 -18.92 -34.48
N LYS D 91 -4.22 -19.91 -34.74
CA LYS D 91 -3.86 -20.92 -33.77
C LYS D 91 -2.61 -20.44 -33.04
N VAL D 92 -2.64 -20.50 -31.71
CA VAL D 92 -1.52 -20.01 -30.91
C VAL D 92 -1.28 -21.04 -29.82
N GLY D 93 -0.10 -20.97 -29.23
CA GLY D 93 0.20 -21.87 -28.15
C GLY D 93 1.30 -22.83 -28.55
N ALA D 94 2.00 -23.33 -27.53
CA ALA D 94 2.97 -24.40 -27.71
C ALA D 94 2.31 -25.78 -27.74
N GLY D 95 1.05 -25.91 -27.32
CA GLY D 95 0.36 -27.19 -27.28
C GLY D 95 -0.22 -27.58 -25.94
N GLY D 96 -1.47 -27.98 -25.92
CA GLY D 96 -2.07 -28.38 -24.66
C GLY D 96 -3.56 -28.50 -24.80
N CYS D 97 -4.26 -28.25 -23.71
CA CYS D 97 -5.72 -28.21 -23.75
C CYS D 97 -6.22 -27.17 -24.75
N GLU D 98 -7.42 -27.43 -25.24
CA GLU D 98 -8.05 -26.66 -26.30
C GLU D 98 -8.78 -25.50 -25.65
N VAL D 99 -8.41 -24.27 -26.03
CA VAL D 99 -9.02 -23.12 -25.42
C VAL D 99 -9.31 -22.01 -26.43
N ASP D 100 -10.44 -21.33 -26.18
CA ASP D 100 -10.78 -20.11 -26.87
C ASP D 100 -10.10 -18.93 -26.21
N ILE D 101 -9.51 -18.11 -27.07
CA ILE D 101 -8.73 -16.95 -26.66
C ILE D 101 -9.45 -15.69 -27.07
N ALA D 102 -9.65 -14.79 -26.11
CA ALA D 102 -10.18 -13.45 -26.33
C ALA D 102 -9.09 -12.47 -25.99
N LEU D 103 -8.78 -11.58 -26.88
CA LEU D 103 -7.59 -10.85 -26.59
C LEU D 103 -7.71 -9.43 -27.05
N ASP D 104 -6.86 -8.64 -26.41
CA ASP D 104 -6.73 -7.23 -26.72
C ASP D 104 -5.26 -7.01 -26.44
N PRO D 105 -4.41 -7.14 -27.48
CA PRO D 105 -2.97 -6.89 -27.29
C PRO D 105 -2.73 -5.57 -26.60
N LEU D 106 -3.56 -4.57 -26.95
CA LEU D 106 -3.51 -3.23 -26.38
C LEU D 106 -4.94 -2.73 -26.41
N GLU D 107 -5.66 -2.82 -25.29
CA GLU D 107 -6.96 -2.15 -25.15
C GLU D 107 -6.68 -0.66 -24.97
N GLY D 108 -6.77 0.10 -26.06
CA GLY D 108 -6.35 1.48 -26.03
C GLY D 108 -5.03 1.63 -26.75
N THR D 109 -5.09 1.36 -28.06
CA THR D 109 -4.01 1.72 -28.97
C THR D 109 -3.93 3.21 -29.07
N THR D 110 -5.03 3.83 -29.45
CA THR D 110 -5.20 5.26 -29.26
C THR D 110 -4.73 5.65 -27.87
N ILE D 111 -5.08 4.83 -26.87
CA ILE D 111 -4.83 5.26 -25.50
C ILE D 111 -3.34 5.29 -25.26
N THR D 112 -2.65 4.15 -25.48
CA THR D 112 -1.21 4.12 -25.28
C THR D 112 -0.51 5.20 -26.13
N SER D 113 -0.94 5.36 -27.38
CA SER D 113 -0.32 6.31 -28.30
C SER D 113 -0.45 7.76 -27.92
N LYS D 114 -1.53 8.20 -27.27
CA LYS D 114 -1.55 9.58 -26.77
C LYS D 114 -1.18 9.69 -25.30
N GLY D 115 -0.89 8.59 -24.64
CA GLY D 115 -0.70 8.69 -23.21
C GLY D 115 -1.96 8.96 -22.43
N GLY D 116 -3.10 8.48 -22.90
CA GLY D 116 -4.32 8.58 -22.12
C GLY D 116 -4.35 7.59 -20.95
N ALA D 117 -5.30 7.82 -20.06
CA ALA D 117 -5.61 6.86 -19.00
C ALA D 117 -6.27 5.60 -19.53
N ASN D 118 -6.24 4.55 -18.70
CA ASN D 118 -6.92 3.26 -18.85
C ASN D 118 -6.41 2.40 -20.01
N ALA D 119 -5.17 2.59 -20.42
CA ALA D 119 -4.55 1.65 -21.33
C ALA D 119 -4.17 0.38 -20.58
N LEU D 120 -4.61 -0.74 -21.11
CA LEU D 120 -4.39 -2.07 -20.57
C LEU D 120 -3.96 -3.00 -21.67
N THR D 121 -3.17 -4.01 -21.33
CA THR D 121 -3.12 -5.23 -22.13
C THR D 121 -3.93 -6.32 -21.45
N VAL D 122 -4.63 -7.13 -22.26
CA VAL D 122 -5.64 -8.03 -21.74
C VAL D 122 -5.65 -9.34 -22.50
N LEU D 123 -6.00 -10.39 -21.77
CA LEU D 123 -6.10 -11.74 -22.31
C LEU D 123 -7.17 -12.46 -21.49
N ALA D 124 -8.07 -13.14 -22.15
CA ALA D 124 -8.94 -14.09 -21.49
C ALA D 124 -8.93 -15.37 -22.29
N MET D 125 -9.15 -16.46 -21.57
CA MET D 125 -9.13 -17.83 -22.06
C MET D 125 -10.33 -18.55 -21.48
N ALA D 126 -10.99 -19.36 -22.30
CA ALA D 126 -12.14 -20.16 -21.87
C ALA D 126 -12.03 -21.52 -22.52
N ASP D 127 -12.73 -22.51 -21.99
CA ASP D 127 -12.86 -23.75 -22.74
C ASP D 127 -13.54 -23.46 -24.07
N LYS D 128 -13.43 -24.41 -25.01
CA LYS D 128 -14.00 -24.21 -26.34
C LYS D 128 -15.48 -23.84 -26.26
N GLY D 129 -15.87 -22.86 -27.07
CA GLY D 129 -17.22 -22.36 -27.07
C GLY D 129 -17.59 -21.52 -25.88
N GLY D 130 -16.66 -21.26 -24.96
CA GLY D 130 -16.99 -20.49 -23.78
C GLY D 130 -17.20 -18.99 -24.00
N PHE D 131 -16.77 -18.42 -25.13
CA PHE D 131 -16.95 -16.99 -25.38
C PHE D 131 -17.97 -16.77 -26.48
N LEU D 132 -18.76 -15.70 -26.35
CA LEU D 132 -19.45 -15.18 -27.54
C LEU D 132 -18.40 -14.83 -28.57
N ASN D 133 -18.50 -15.41 -29.77
CA ASN D 133 -17.57 -15.06 -30.84
C ASN D 133 -18.13 -13.81 -31.50
N ALA D 134 -17.75 -12.67 -30.94
CA ALA D 134 -18.34 -11.40 -31.29
C ALA D 134 -17.60 -10.78 -32.47
N PRO D 135 -18.31 -10.34 -33.50
CA PRO D 135 -17.66 -9.46 -34.48
C PRO D 135 -17.22 -8.19 -33.78
N ASP D 136 -16.32 -7.48 -34.44
CA ASP D 136 -15.84 -6.19 -33.97
C ASP D 136 -16.89 -5.12 -34.29
N VAL D 137 -18.00 -5.14 -33.54
CA VAL D 137 -19.03 -4.12 -33.66
C VAL D 137 -19.23 -3.48 -32.29
N TYR D 138 -20.08 -2.45 -32.27
CA TYR D 138 -20.40 -1.80 -31.00
C TYR D 138 -21.39 -2.64 -30.21
N MET D 139 -21.45 -2.36 -28.91
CA MET D 139 -22.24 -3.12 -27.95
C MET D 139 -22.70 -2.21 -26.82
N GLN D 140 -24.02 -2.20 -26.58
CA GLN D 140 -24.54 -1.56 -25.39
C GLN D 140 -24.22 -2.43 -24.21
N LYS D 141 -23.85 -1.81 -23.11
CA LYS D 141 -23.42 -2.51 -21.92
C LYS D 141 -23.98 -1.86 -20.67
N ILE D 142 -24.32 -2.71 -19.69
CA ILE D 142 -24.59 -2.26 -18.34
C ILE D 142 -24.03 -3.30 -17.40
N ALA D 143 -23.42 -2.84 -16.31
CA ALA D 143 -22.72 -3.75 -15.44
C ALA D 143 -22.66 -3.23 -14.03
N VAL D 144 -22.70 -4.17 -13.09
CA VAL D 144 -22.56 -3.87 -11.68
C VAL D 144 -21.76 -4.99 -11.03
N GLY D 145 -21.02 -4.65 -9.98
CA GLY D 145 -20.20 -5.61 -9.27
C GLY D 145 -20.92 -6.27 -8.08
N GLY D 146 -20.30 -7.33 -7.55
CA GLY D 146 -20.82 -7.94 -6.34
C GLY D 146 -21.19 -9.40 -6.50
N ILE D 147 -20.59 -10.25 -5.66
CA ILE D 147 -20.78 -11.69 -5.73
C ILE D 147 -22.24 -12.09 -5.52
N ASN D 148 -23.02 -11.31 -4.76
CA ASN D 148 -24.40 -11.72 -4.50
C ASN D 148 -25.43 -10.97 -5.36
N ALA D 149 -24.99 -10.28 -6.40
CA ALA D 149 -25.89 -9.49 -7.23
C ALA D 149 -26.73 -10.49 -8.02
N PRO D 150 -28.07 -10.46 -7.92
CA PRO D 150 -28.86 -11.43 -8.66
C PRO D 150 -28.97 -11.03 -10.11
N LYS D 151 -29.03 -12.03 -10.97
CA LYS D 151 -29.32 -11.80 -12.36
C LYS D 151 -30.65 -11.08 -12.50
N GLY D 152 -30.67 -10.09 -13.40
CA GLY D 152 -31.78 -9.18 -13.55
C GLY D 152 -31.67 -7.90 -12.74
N ILE D 153 -30.66 -7.79 -11.90
CA ILE D 153 -30.42 -6.51 -11.23
C ILE D 153 -30.18 -5.39 -12.25
N VAL D 154 -29.51 -5.70 -13.39
CA VAL D 154 -29.34 -4.75 -14.48
C VAL D 154 -29.94 -5.35 -15.74
N ASP D 155 -30.60 -4.50 -16.51
CA ASP D 155 -31.26 -4.92 -17.73
C ASP D 155 -31.31 -3.72 -18.65
N LEU D 156 -30.94 -3.95 -19.90
CA LEU D 156 -30.79 -2.83 -20.84
C LEU D 156 -32.13 -2.23 -21.23
N ASP D 157 -33.24 -2.99 -21.10
CA ASP D 157 -34.56 -2.50 -21.48
C ASP D 157 -35.29 -1.83 -20.32
N ASP D 158 -34.74 -1.84 -19.10
CA ASP D 158 -35.28 -1.05 -18.01
C ASP D 158 -34.67 0.36 -18.06
N SER D 159 -35.38 1.32 -17.48
CA SER D 159 -34.85 2.68 -17.48
C SER D 159 -33.56 2.73 -16.66
N VAL D 160 -32.77 3.78 -16.90
CA VAL D 160 -31.55 3.98 -16.12
C VAL D 160 -31.92 4.15 -14.66
N THR D 161 -33.03 4.86 -14.44
CA THR D 161 -33.51 5.11 -13.09
C THR D 161 -33.80 3.83 -12.35
N ASN D 162 -34.51 2.90 -12.98
CA ASN D 162 -34.89 1.67 -12.26
C ASN D 162 -33.70 0.73 -12.02
N ASN D 163 -32.81 0.60 -13.01
CA ASN D 163 -31.52 -0.04 -12.76
C ASN D 163 -30.83 0.54 -11.54
N LEU D 164 -30.69 1.85 -11.49
CA LEU D 164 -29.96 2.48 -10.42
C LEU D 164 -30.66 2.32 -9.07
N LYS D 165 -32.00 2.39 -9.07
CA LYS D 165 -32.74 2.20 -7.82
C LYS D 165 -32.54 0.81 -7.27
N ARG D 166 -32.56 -0.20 -8.15
CA ARG D 166 -32.31 -1.58 -7.69
C ARG D 166 -30.87 -1.75 -7.19
N ILE D 167 -29.92 -1.07 -7.83
CA ILE D 167 -28.53 -1.15 -7.40
C ILE D 167 -28.32 -0.48 -6.07
N ALA D 168 -28.95 0.69 -5.87
CA ALA D 168 -28.79 1.39 -4.60
C ALA D 168 -29.42 0.57 -3.48
N GLU D 169 -30.55 -0.06 -3.77
CA GLU D 169 -31.15 -0.94 -2.76
C GLU D 169 -30.20 -2.11 -2.46
N PHE D 170 -29.59 -2.69 -3.48
CA PHE D 170 -28.74 -3.86 -3.26
C PHE D 170 -27.47 -3.51 -2.49
N LYS D 171 -26.91 -2.34 -2.76
CA LYS D 171 -25.71 -1.90 -2.07
C LYS D 171 -26.02 -1.29 -0.72
N GLY D 172 -27.30 -1.08 -0.41
CA GLY D 172 -27.67 -0.48 0.87
C GLY D 172 -27.28 0.97 1.01
N VAL D 173 -27.41 1.74 -0.06
CA VAL D 173 -26.99 3.14 -0.01
C VAL D 173 -28.04 4.03 -0.63
N HIS D 174 -28.09 5.26 -0.12
CA HIS D 174 -28.82 6.34 -0.78
C HIS D 174 -28.32 6.51 -2.20
N MET D 175 -29.25 6.84 -3.09
CA MET D 175 -28.95 6.97 -4.52
C MET D 175 -27.81 7.95 -4.78
N SER D 176 -27.77 9.06 -4.03
CA SER D 176 -26.76 10.09 -4.26
C SER D 176 -25.35 9.55 -4.00
N ALA D 177 -25.21 8.43 -3.32
CA ALA D 177 -23.87 7.90 -3.09
C ALA D 177 -23.38 7.09 -4.29
N LEU D 178 -24.26 6.64 -5.18
CA LEU D 178 -23.86 5.84 -6.32
C LEU D 178 -22.97 6.65 -7.26
N VAL D 179 -21.88 6.03 -7.71
CA VAL D 179 -21.05 6.57 -8.77
C VAL D 179 -21.24 5.71 -10.01
N VAL D 180 -21.84 6.31 -11.02
CA VAL D 180 -22.04 5.70 -12.33
C VAL D 180 -20.92 6.13 -13.24
N CYS D 181 -20.37 5.20 -14.00
CA CYS D 181 -19.31 5.50 -14.94
C CYS D 181 -19.77 5.29 -16.38
N THR D 182 -19.38 6.22 -17.26
CA THR D 182 -19.59 6.07 -18.69
C THR D 182 -18.50 6.83 -19.44
N MET D 183 -18.50 6.67 -20.77
CA MET D 183 -17.51 7.36 -21.59
C MET D 183 -18.05 8.74 -22.02
N ASP D 184 -17.16 9.74 -21.99
CA ASP D 184 -17.45 11.08 -22.48
C ASP D 184 -17.66 11.06 -23.99
N ARG D 185 -18.89 10.80 -24.41
CA ARG D 185 -19.24 10.69 -25.82
C ARG D 185 -20.66 11.23 -26.00
N PRO D 186 -20.97 11.82 -27.15
CA PRO D 186 -22.33 12.36 -27.35
C PRO D 186 -23.40 11.30 -27.20
N ARG D 187 -23.11 10.08 -27.63
CA ARG D 187 -24.09 9.00 -27.60
C ARG D 187 -24.49 8.64 -26.18
N HIS D 188 -23.75 9.09 -25.16
CA HIS D 188 -24.12 8.78 -23.80
C HIS D 188 -24.85 9.89 -23.06
N GLU D 189 -25.18 10.99 -23.72
CA GLU D 189 -25.73 12.11 -22.98
C GLU D 189 -27.03 11.77 -22.27
N HIS D 190 -27.93 11.05 -22.93
CA HIS D 190 -29.19 10.67 -22.27
C HIS D 190 -28.91 9.83 -21.01
N ILE D 191 -27.99 8.86 -21.10
CA ILE D 191 -27.61 8.16 -19.88
C ILE D 191 -27.22 9.14 -18.80
N ILE D 192 -26.32 10.05 -19.14
CA ILE D 192 -25.76 10.95 -18.15
C ILE D 192 -26.86 11.79 -17.56
N LYS D 193 -27.73 12.30 -18.42
CA LYS D 193 -28.77 13.19 -17.90
C LYS D 193 -29.67 12.42 -16.95
N GLU D 194 -30.16 11.23 -17.39
CA GLU D 194 -31.15 10.51 -16.58
C GLU D 194 -30.53 10.15 -15.24
N ALA D 195 -29.25 9.72 -15.23
CA ALA D 195 -28.69 9.26 -13.97
C ALA D 195 -28.57 10.41 -12.98
N ARG D 196 -28.10 11.57 -13.47
CA ARG D 196 -28.07 12.78 -12.64
C ARG D 196 -29.45 13.13 -12.14
N GLU D 197 -30.45 13.02 -13.03
CA GLU D 197 -31.79 13.45 -12.66
C GLU D 197 -32.32 12.59 -11.51
N CYS D 198 -32.00 11.29 -11.51
CA CYS D 198 -32.54 10.55 -10.39
C CYS D 198 -31.64 10.65 -9.18
N GLY D 199 -30.54 11.41 -9.28
CA GLY D 199 -29.74 11.76 -8.11
C GLY D 199 -28.39 11.08 -8.03
N ALA D 200 -28.01 10.30 -9.02
CA ALA D 200 -26.69 9.65 -8.94
C ALA D 200 -25.57 10.62 -9.37
N ARG D 201 -24.36 10.24 -9.00
CA ARG D 201 -23.13 10.88 -9.44
C ARG D 201 -22.60 10.10 -10.62
N VAL D 202 -22.29 10.82 -11.68
CA VAL D 202 -21.98 10.24 -12.97
C VAL D 202 -20.64 10.80 -13.43
N ILE D 203 -19.59 9.89 -13.54
CA ILE D 203 -18.24 10.32 -13.88
C ILE D 203 -17.99 9.85 -15.29
N LEU D 204 -17.05 10.49 -15.95
CA LEU D 204 -16.80 10.30 -17.36
C LEU D 204 -15.33 9.96 -17.58
N ILE D 205 -15.06 8.83 -18.20
CA ILE D 205 -13.74 8.47 -18.69
C ILE D 205 -13.63 8.86 -20.15
N ASN D 206 -12.39 9.05 -20.62
CA ASN D 206 -12.22 9.42 -22.03
C ASN D 206 -12.13 8.18 -22.91
N ASP D 207 -11.69 7.05 -22.37
CA ASP D 207 -11.82 5.76 -23.07
C ASP D 207 -11.45 4.65 -22.10
N GLY D 208 -11.64 3.42 -22.55
CA GLY D 208 -11.17 2.26 -21.83
C GLY D 208 -12.28 1.66 -21.02
N ASP D 209 -13.35 1.23 -21.69
CA ASP D 209 -14.49 0.64 -21.01
C ASP D 209 -14.26 -0.81 -20.62
N VAL D 210 -13.11 -1.42 -20.94
CA VAL D 210 -12.73 -2.63 -20.23
C VAL D 210 -12.52 -2.31 -18.75
N SER D 211 -11.63 -1.37 -18.50
CA SER D 211 -11.35 -0.90 -17.14
C SER D 211 -12.59 -0.27 -16.51
N GLY D 212 -13.38 0.47 -17.29
CA GLY D 212 -14.60 1.04 -16.73
C GLY D 212 -15.58 -0.02 -16.23
N VAL D 213 -15.76 -1.09 -17.00
CA VAL D 213 -16.71 -2.12 -16.56
C VAL D 213 -16.14 -2.87 -15.36
N ILE D 214 -14.87 -3.25 -15.44
CA ILE D 214 -14.32 -4.11 -14.42
C ILE D 214 -14.14 -3.34 -13.13
N ALA D 215 -13.99 -2.01 -13.21
CA ALA D 215 -13.99 -1.21 -11.99
C ALA D 215 -15.21 -1.43 -11.11
N THR D 216 -16.35 -1.78 -11.70
CA THR D 216 -17.51 -1.97 -10.82
C THR D 216 -17.28 -3.10 -9.86
N ALA D 217 -16.32 -3.98 -10.15
CA ALA D 217 -16.02 -5.08 -9.26
C ALA D 217 -14.60 -5.05 -8.67
N THR D 218 -13.91 -3.92 -8.75
CA THR D 218 -12.53 -3.76 -8.33
C THR D 218 -12.61 -2.98 -7.03
N GLU D 219 -12.02 -3.47 -5.93
CA GLU D 219 -12.41 -2.80 -4.68
C GLU D 219 -11.80 -1.40 -4.74
N ASN D 220 -12.35 -0.44 -4.01
CA ASN D 220 -11.79 0.94 -3.92
C ASN D 220 -11.62 1.65 -5.28
N SER D 221 -12.31 1.19 -6.32
CA SER D 221 -12.31 1.93 -7.57
C SER D 221 -13.15 3.22 -7.48
N GLY D 222 -14.00 3.33 -6.47
CA GLY D 222 -14.99 4.38 -6.44
C GLY D 222 -16.01 4.37 -7.56
N ILE D 223 -16.17 3.26 -8.30
CA ILE D 223 -17.15 3.12 -9.36
C ILE D 223 -18.14 2.01 -8.98
N ASP D 224 -19.43 2.35 -9.00
CA ASP D 224 -20.46 1.38 -8.65
C ASP D 224 -21.13 0.73 -9.83
N VAL D 225 -21.23 1.43 -10.95
CA VAL D 225 -22.04 0.98 -12.06
C VAL D 225 -21.36 1.45 -13.34
N TYR D 226 -21.47 0.65 -14.40
CA TYR D 226 -21.04 1.10 -15.69
C TYR D 226 -22.19 0.96 -16.69
N ILE D 227 -22.40 2.01 -17.49
CA ILE D 227 -23.45 2.06 -18.50
C ILE D 227 -22.86 2.77 -19.72
N GLY D 228 -22.83 2.10 -20.86
CA GLY D 228 -22.49 2.76 -22.08
C GLY D 228 -22.28 1.78 -23.21
N THR D 229 -22.05 2.35 -24.39
CA THR D 229 -21.79 1.62 -25.61
C THR D 229 -20.32 1.69 -25.97
N GLY D 230 -19.75 0.52 -26.34
CA GLY D 230 -18.32 0.40 -26.65
C GLY D 230 -18.03 -0.83 -27.50
N GLY D 231 -16.77 -1.26 -27.59
CA GLY D 231 -16.46 -2.38 -28.46
C GLY D 231 -16.98 -3.67 -27.86
N ALA D 232 -17.53 -4.53 -28.75
CA ALA D 232 -17.99 -5.84 -28.31
C ALA D 232 -16.85 -6.72 -27.82
N PRO D 233 -15.67 -6.76 -28.48
CA PRO D 233 -14.55 -7.53 -27.90
C PRO D 233 -14.29 -7.11 -26.46
N GLU D 234 -14.24 -5.79 -26.25
CA GLU D 234 -14.00 -5.21 -24.93
C GLU D 234 -15.08 -5.61 -23.92
N GLY D 235 -16.32 -5.80 -24.40
CA GLY D 235 -17.40 -6.22 -23.52
C GLY D 235 -17.26 -7.67 -23.12
N VAL D 236 -16.89 -8.54 -24.06
CA VAL D 236 -16.64 -9.94 -23.73
C VAL D 236 -15.53 -10.05 -22.70
N LEU D 237 -14.46 -9.28 -22.89
CA LEU D 237 -13.31 -9.31 -21.98
C LEU D 237 -13.70 -8.89 -20.59
N ALA D 238 -14.57 -7.85 -20.48
CA ALA D 238 -14.95 -7.38 -19.16
C ALA D 238 -15.85 -8.41 -18.49
N ALA D 239 -16.71 -9.05 -19.28
CA ALA D 239 -17.60 -10.09 -18.75
C ALA D 239 -16.80 -11.26 -18.22
N ALA D 240 -15.74 -11.64 -18.94
CA ALA D 240 -14.88 -12.70 -18.44
C ALA D 240 -14.34 -12.32 -17.07
N ALA D 241 -13.93 -11.05 -16.91
CA ALA D 241 -13.39 -10.66 -15.61
C ALA D 241 -14.47 -10.69 -14.55
N LEU D 242 -15.71 -10.23 -14.87
CA LEU D 242 -16.70 -10.16 -13.79
C LEU D 242 -17.25 -11.54 -13.40
N LYS D 243 -17.41 -12.40 -14.39
CA LYS D 243 -17.58 -13.84 -14.11
C LYS D 243 -16.55 -14.36 -13.07
N CYS D 244 -15.34 -13.79 -13.13
CA CYS D 244 -14.39 -14.27 -12.13
C CYS D 244 -14.50 -13.51 -10.81
N LEU D 245 -14.81 -12.22 -10.83
CA LEU D 245 -14.77 -11.40 -9.62
C LEU D 245 -16.12 -11.35 -8.92
N GLY D 246 -17.18 -11.67 -9.65
CA GLY D 246 -18.52 -11.50 -9.16
C GLY D 246 -19.19 -10.22 -9.61
N GLY D 247 -20.37 -10.37 -10.20
CA GLY D 247 -21.18 -9.26 -10.63
C GLY D 247 -22.14 -9.72 -11.72
N GLN D 248 -22.85 -8.76 -12.28
CA GLN D 248 -23.80 -9.00 -13.34
C GLN D 248 -23.56 -8.01 -14.46
N MET D 249 -24.01 -8.38 -15.65
CA MET D 249 -23.82 -7.53 -16.81
C MET D 249 -24.79 -7.99 -17.87
N GLN D 250 -25.25 -7.04 -18.67
CA GLN D 250 -26.03 -7.35 -19.86
C GLN D 250 -25.50 -6.53 -21.01
N ALA D 251 -25.62 -7.10 -22.20
CA ALA D 251 -25.11 -6.43 -23.39
C ALA D 251 -25.99 -6.74 -24.58
N ARG D 252 -25.92 -5.89 -25.58
CA ARG D 252 -26.62 -6.08 -26.84
C ARG D 252 -25.76 -5.53 -27.97
N LEU D 253 -25.60 -6.32 -29.04
CA LEU D 253 -24.80 -5.84 -30.16
C LEU D 253 -25.57 -4.81 -30.96
N ILE D 254 -24.83 -3.84 -31.51
CA ILE D 254 -25.38 -2.75 -32.29
C ILE D 254 -24.87 -2.87 -33.72
N PHE D 255 -25.79 -2.83 -34.69
CA PHE D 255 -25.41 -2.91 -36.10
C PHE D 255 -25.85 -1.65 -36.84
N ASN D 256 -24.87 -0.81 -37.19
CA ASN D 256 -25.11 0.40 -37.94
C ASN D 256 -24.96 0.23 -39.45
N ASP D 257 -24.24 -0.81 -39.92
CA ASP D 257 -23.88 -0.96 -41.33
C ASP D 257 -24.08 -2.41 -41.76
N GLU D 258 -24.44 -2.59 -43.05
CA GLU D 258 -24.67 -3.93 -43.60
C GLU D 258 -23.47 -4.86 -43.43
N GLU D 259 -22.28 -4.33 -43.60
CA GLU D 259 -21.01 -5.05 -43.39
C GLU D 259 -20.88 -5.71 -42.04
N GLU D 260 -21.25 -4.98 -41.00
CA GLU D 260 -21.26 -5.53 -39.65
C GLU D 260 -22.25 -6.68 -39.55
N ILE D 261 -23.41 -6.55 -40.19
CA ILE D 261 -24.39 -7.63 -40.18
C ILE D 261 -23.84 -8.89 -40.85
N LYS D 262 -23.25 -8.73 -42.04
CA LYS D 262 -22.65 -9.87 -42.73
C LYS D 262 -21.61 -10.54 -41.85
N ARG D 263 -20.84 -9.70 -41.11
CA ARG D 263 -19.70 -10.19 -40.33
C ARG D 263 -20.26 -10.97 -39.11
N ALA D 264 -21.38 -10.50 -38.55
CA ALA D 264 -22.11 -11.33 -37.58
C ALA D 264 -22.61 -12.65 -38.20
N HIS D 265 -23.28 -12.59 -39.36
CA HIS D 265 -23.85 -13.79 -39.95
C HIS D 265 -22.77 -14.83 -40.18
N ARG D 266 -21.60 -14.41 -40.68
CA ARG D 266 -20.49 -15.34 -40.87
C ARG D 266 -19.99 -15.90 -39.55
N LEU D 267 -20.18 -15.20 -38.42
CA LEU D 267 -19.86 -15.83 -37.13
C LEU D 267 -21.00 -16.68 -36.54
N GLY D 268 -22.12 -16.85 -37.25
CA GLY D 268 -23.22 -17.62 -36.70
C GLY D 268 -24.24 -16.86 -35.90
N ILE D 269 -24.15 -15.53 -35.84
CA ILE D 269 -25.13 -14.72 -35.12
C ILE D 269 -26.20 -14.26 -36.11
N THR D 270 -27.46 -14.59 -35.80
CA THR D 270 -28.60 -14.17 -36.62
C THR D 270 -29.70 -13.43 -35.86
N ASP D 271 -29.72 -13.51 -34.51
CA ASP D 271 -30.61 -12.71 -33.68
C ASP D 271 -29.87 -11.42 -33.33
N LEU D 272 -29.95 -10.45 -34.24
CA LEU D 272 -29.18 -9.22 -34.11
C LEU D 272 -29.55 -8.41 -32.87
N ASN D 273 -30.77 -8.53 -32.39
CA ASN D 273 -31.20 -7.75 -31.26
C ASN D 273 -31.15 -8.49 -29.96
N LYS D 274 -30.60 -9.70 -29.95
CA LYS D 274 -30.48 -10.47 -28.73
C LYS D 274 -29.88 -9.61 -27.63
N LYS D 275 -30.45 -9.68 -26.45
CA LYS D 275 -29.74 -9.27 -25.25
C LYS D 275 -28.92 -10.44 -24.74
N TYR D 276 -27.67 -10.18 -24.35
CA TYR D 276 -26.83 -11.20 -23.77
C TYR D 276 -26.66 -10.98 -22.29
N ASP D 277 -26.91 -12.01 -21.53
CA ASP D 277 -26.49 -12.01 -20.15
CA ASP D 277 -26.49 -11.92 -20.15
C ASP D 277 -24.99 -12.22 -20.06
N ILE D 278 -24.44 -11.92 -18.89
CA ILE D 278 -23.03 -12.16 -18.66
C ILE D 278 -22.65 -13.60 -19.01
N ASP D 279 -23.55 -14.56 -18.70
CA ASP D 279 -23.26 -15.97 -18.95
C ASP D 279 -23.22 -16.30 -20.44
N ASP D 280 -23.99 -15.57 -21.24
CA ASP D 280 -23.94 -15.71 -22.68
C ASP D 280 -22.69 -15.11 -23.29
N LEU D 281 -21.97 -14.25 -22.56
CA LEU D 281 -20.75 -13.69 -23.14
C LEU D 281 -19.56 -14.57 -22.82
N ALA D 282 -19.51 -15.06 -21.58
CA ALA D 282 -18.39 -15.81 -21.08
C ALA D 282 -18.92 -16.84 -20.08
N SER D 283 -18.69 -18.10 -20.39
CA SER D 283 -19.21 -19.20 -19.59
C SER D 283 -18.15 -20.30 -19.45
N GLY D 284 -18.30 -21.05 -18.37
CA GLY D 284 -17.46 -22.18 -18.10
C GLY D 284 -16.27 -21.77 -17.26
N ASP D 285 -15.18 -22.52 -17.42
CA ASP D 285 -13.90 -22.21 -16.81
C ASP D 285 -13.23 -21.09 -17.61
N ILE D 286 -12.96 -19.95 -16.95
CA ILE D 286 -12.45 -18.75 -17.58
C ILE D 286 -11.23 -18.26 -16.80
N VAL D 287 -10.24 -17.81 -17.54
CA VAL D 287 -9.08 -17.13 -16.99
C VAL D 287 -9.03 -15.74 -17.58
N PHE D 288 -8.80 -14.75 -16.74
CA PHE D 288 -8.65 -13.39 -17.20
C PHE D 288 -7.37 -12.83 -16.63
N ALA D 289 -6.57 -12.19 -17.50
CA ALA D 289 -5.34 -11.53 -17.12
C ALA D 289 -5.27 -10.14 -17.74
N ALA D 290 -4.71 -9.19 -16.99
CA ALA D 290 -4.44 -7.88 -17.53
C ALA D 290 -3.27 -7.23 -16.82
N THR D 291 -2.62 -6.35 -17.53
CA THR D 291 -1.54 -5.54 -17.00
C THR D 291 -1.76 -4.11 -17.45
N GLY D 292 -1.52 -3.18 -16.53
CA GLY D 292 -1.71 -1.79 -16.86
C GLY D 292 -0.57 -1.25 -17.71
N VAL D 293 -0.92 -0.41 -18.67
CA VAL D 293 0.08 0.34 -19.43
C VAL D 293 0.18 1.76 -18.93
N THR D 294 -0.95 2.47 -18.87
CA THR D 294 -1.08 3.77 -18.21
C THR D 294 -1.92 3.61 -16.95
N ASP D 295 -1.91 4.61 -16.07
CA ASP D 295 -2.74 4.54 -14.88
C ASP D 295 -4.20 4.58 -15.29
N GLY D 296 -5.02 3.84 -14.59
CA GLY D 296 -6.40 3.81 -14.96
C GLY D 296 -7.26 3.44 -13.77
N ASN D 297 -8.56 3.27 -14.04
CA ASN D 297 -9.50 3.03 -12.96
C ASN D 297 -9.45 1.62 -12.43
N MET D 298 -8.70 0.72 -13.05
CA MET D 298 -8.52 -0.66 -12.62
C MET D 298 -7.10 -1.01 -12.18
N LEU D 299 -6.09 -0.59 -12.95
CA LEU D 299 -4.70 -0.93 -12.71
C LEU D 299 -3.84 0.32 -12.87
N GLN D 300 -2.77 0.38 -12.08
CA GLN D 300 -1.71 1.35 -12.32
C GLN D 300 -0.90 0.96 -13.57
N GLY D 301 -0.31 1.98 -14.20
CA GLY D 301 0.55 1.80 -15.35
C GLY D 301 1.99 1.46 -14.98
N VAL D 302 2.77 1.21 -16.03
CA VAL D 302 4.16 0.84 -15.84
C VAL D 302 4.96 2.04 -15.36
N LYS D 303 5.83 1.84 -14.37
CA LYS D 303 6.62 2.93 -13.81
C LYS D 303 8.12 2.62 -13.87
N ARG D 304 8.94 3.65 -14.19
CA ARG D 304 10.37 3.56 -14.00
C ARG D 304 10.68 3.82 -12.53
N VAL D 305 11.44 2.94 -11.91
CA VAL D 305 11.79 3.09 -10.51
C VAL D 305 13.29 2.99 -10.35
N ASN D 306 13.84 3.81 -9.46
CA ASN D 306 15.22 3.68 -9.00
C ASN D 306 15.24 3.47 -7.50
N SER D 307 16.02 2.49 -7.04
CA SER D 307 16.30 2.35 -5.63
C SER D 307 17.79 2.10 -5.45
N THR D 308 18.33 2.64 -4.37
CA THR D 308 19.73 2.44 -4.06
C THR D 308 20.04 0.97 -3.80
N ARG D 309 19.16 0.29 -3.08
CA ARG D 309 19.35 -1.13 -2.77
C ARG D 309 19.21 -1.99 -4.03
N ARG D 310 18.12 -1.80 -4.79
CA ARG D 310 17.72 -2.75 -5.81
C ARG D 310 18.15 -2.36 -7.23
N GLY D 311 18.63 -1.14 -7.43
CA GLY D 311 18.91 -0.68 -8.77
C GLY D 311 17.65 -0.14 -9.43
N SER D 312 17.59 -0.21 -10.75
CA SER D 312 16.52 0.42 -11.50
C SER D 312 15.74 -0.64 -12.25
N TYR D 313 14.43 -0.43 -12.32
CA TYR D 313 13.56 -1.41 -12.94
C TYR D 313 12.28 -0.72 -13.36
N ALA D 314 11.62 -1.34 -14.32
CA ALA D 314 10.24 -1.07 -14.62
C ALA D 314 9.31 -1.93 -13.77
N VAL D 315 8.30 -1.31 -13.19
CA VAL D 315 7.26 -1.98 -12.43
C VAL D 315 5.99 -2.08 -13.25
N THR D 316 5.48 -3.30 -13.36
CA THR D 316 4.17 -3.59 -13.91
C THR D 316 3.23 -4.03 -12.80
N HIS D 317 1.95 -3.76 -13.05
CA HIS D 317 0.85 -4.06 -12.13
C HIS D 317 -0.16 -4.84 -12.95
N SER D 318 -0.46 -6.05 -12.50
CA SER D 318 -1.23 -7.02 -13.23
C SER D 318 -2.22 -7.66 -12.29
N VAL D 319 -3.24 -8.23 -12.89
CA VAL D 319 -4.19 -9.03 -12.17
C VAL D 319 -4.45 -10.27 -13.01
N VAL D 320 -4.60 -11.41 -12.36
CA VAL D 320 -5.04 -12.60 -13.07
C VAL D 320 -6.03 -13.35 -12.19
N MET D 321 -7.02 -13.94 -12.82
CA MET D 321 -8.14 -14.52 -12.11
C MET D 321 -8.73 -15.69 -12.87
N ARG D 322 -9.46 -16.51 -12.14
CA ARG D 322 -10.05 -17.72 -12.68
C ARG D 322 -11.42 -17.96 -12.07
N SER D 323 -12.40 -18.22 -12.93
CA SER D 323 -13.79 -18.27 -12.48
C SER D 323 -14.15 -19.52 -11.68
N THR D 324 -13.43 -20.64 -11.88
CA THR D 324 -13.86 -21.87 -11.21
C THR D 324 -13.36 -21.90 -9.77
N THR D 325 -12.10 -21.53 -9.57
CA THR D 325 -11.60 -21.32 -8.22
C THR D 325 -11.99 -19.98 -7.62
N LYS D 326 -12.33 -19.00 -8.43
CA LYS D 326 -12.51 -17.63 -7.96
C LYS D 326 -11.23 -17.08 -7.30
N THR D 327 -10.08 -17.71 -7.54
CA THR D 327 -8.80 -17.15 -7.12
C THR D 327 -8.43 -15.89 -7.93
N VAL D 328 -8.08 -14.83 -7.22
CA VAL D 328 -7.63 -13.56 -7.80
C VAL D 328 -6.24 -13.28 -7.29
N ARG D 329 -5.31 -13.02 -8.21
CA ARG D 329 -3.94 -12.70 -7.87
C ARG D 329 -3.59 -11.31 -8.38
N HIS D 330 -3.09 -10.47 -7.47
CA HIS D 330 -2.56 -9.16 -7.82
C HIS D 330 -1.04 -9.27 -7.84
N ILE D 331 -0.43 -8.79 -8.92
CA ILE D 331 0.98 -9.05 -9.13
C ILE D 331 1.66 -7.76 -9.46
N THR D 332 2.62 -7.39 -8.60
CA THR D 332 3.52 -6.28 -8.89
C THR D 332 4.89 -6.84 -9.27
N ALA D 333 5.29 -6.61 -10.51
CA ALA D 333 6.53 -7.19 -11.02
C ALA D 333 7.57 -6.11 -11.32
N GLU D 334 8.80 -6.40 -10.94
CA GLU D 334 9.94 -5.53 -11.10
C GLU D 334 10.86 -6.16 -12.14
N HIS D 335 11.08 -5.45 -13.23
CA HIS D 335 11.84 -5.92 -14.38
C HIS D 335 13.10 -5.06 -14.44
N SER D 336 14.22 -5.67 -14.08
CA SER D 336 15.47 -4.95 -14.00
C SER D 336 15.85 -4.42 -15.37
N PHE D 337 16.39 -3.20 -15.39
CA PHE D 337 16.65 -2.53 -16.65
C PHE D 337 17.56 -1.35 -16.38
N ASP D 338 18.48 -1.13 -17.32
CA ASP D 338 19.38 0.01 -17.32
C ASP D 338 18.75 1.04 -18.25
N PHE D 339 18.14 2.06 -17.67
CA PHE D 339 17.45 3.09 -18.45
C PHE D 339 18.40 4.09 -19.10
N LYS D 340 19.71 3.87 -19.05
CA LYS D 340 20.58 4.55 -20.01
C LYS D 340 20.47 3.92 -21.39
N GLU D 341 19.84 2.76 -21.50
CA GLU D 341 19.60 2.14 -22.80
C GLU D 341 18.25 2.61 -23.31
N GLY D 342 18.09 2.50 -24.63
CA GLY D 342 16.83 2.90 -25.24
C GLY D 342 15.67 2.05 -24.72
N ILE D 343 14.53 2.73 -24.51
CA ILE D 343 13.34 2.08 -23.96
C ILE D 343 12.76 1.03 -24.91
N GLU D 344 12.96 1.18 -26.20
CA GLU D 344 12.50 0.14 -27.11
C GLU D 344 13.19 -1.20 -26.90
N LYS D 345 14.17 -1.30 -26.00
CA LYS D 345 14.69 -2.61 -25.61
C LYS D 345 13.67 -3.42 -24.82
N PHE D 346 12.57 -2.81 -24.40
CA PHE D 346 11.49 -3.60 -23.82
C PHE D 346 10.60 -4.23 -24.89
N MET D 347 10.83 -3.91 -26.15
CA MET D 347 10.07 -4.63 -27.17
C MET D 347 10.59 -6.07 -27.29
N SER D 348 9.80 -6.93 -27.92
CA SER D 348 10.18 -8.33 -28.10
C SER D 348 10.78 -8.63 -29.49
C1 GOL E . 6.24 -8.07 10.87
O1 GOL E . 7.32 -7.27 10.43
C2 GOL E . 5.91 -7.60 12.28
O2 GOL E . 4.57 -7.29 12.46
C3 GOL E . 6.37 -8.76 13.15
O3 GOL E . 5.51 -8.73 14.27
H11 GOL E . 6.45 -9.01 10.88
H12 GOL E . 5.46 -7.98 10.30
HO1 GOL E . 7.65 -7.66 9.75
H2 GOL E . 6.37 -6.77 12.50
HO2 GOL E . 4.32 -7.61 13.19
H31 GOL E . 7.31 -8.65 13.38
H32 GOL E . 6.32 -9.59 12.65
HO3 GOL E . 5.80 -9.31 14.81
C1 GOL F . 0.46 -12.31 12.42
O1 GOL F . 1.14 -13.26 11.71
C2 GOL F . -1.05 -12.44 12.08
O2 GOL F . -1.32 -12.77 10.78
C3 GOL F . -1.57 -13.56 13.00
O3 GOL F . -2.84 -14.01 12.51
H11 GOL F . 0.75 -11.41 12.20
H12 GOL F . 0.58 -12.41 13.37
HO1 GOL F . 0.66 -13.47 11.06
H2 GOL F . -1.46 -11.58 12.24
HO2 GOL F . -1.30 -13.59 10.71
H31 GOL F . -1.61 -13.21 13.91
H32 GOL F . -0.90 -14.26 13.03
HO3 GOL F . -3.42 -13.66 13.05
MN MN G . 10.88 -26.22 7.71
C1 GOL H . -0.84 6.50 37.11
O1 GOL H . -2.17 6.63 36.62
C2 GOL H . 0.01 5.47 36.27
O2 GOL H . 0.73 6.12 35.27
C3 GOL H . 0.89 4.81 37.35
O3 GOL H . 2.17 5.38 37.22
H11 GOL H . -0.83 6.20 38.03
H12 GOL H . -0.38 7.35 37.10
HO1 GOL H . -2.67 6.33 37.24
H2 GOL H . -0.53 4.82 35.80
HO2 GOL H . 1.52 5.97 35.43
H31 GOL H . 0.88 3.86 37.23
H32 GOL H . 0.49 4.96 38.22
HO3 GOL H . 2.68 4.97 37.75
C1 GOL I . 11.62 -2.88 13.12
O1 GOL I . 11.01 -4.11 13.03
C2 GOL I . 12.29 -2.63 11.79
O2 GOL I . 12.16 -1.32 11.39
C3 GOL I . 13.73 -3.02 12.08
O3 GOL I . 14.47 -1.86 12.24
H11 GOL I . 12.27 -2.84 13.84
H12 GOL I . 10.98 -2.16 13.31
HO1 GOL I . 10.73 -4.30 13.81
H2 GOL I . 11.92 -3.15 11.07
HO2 GOL I . 12.76 -0.91 11.75
H31 GOL I . 14.04 -3.57 11.34
H32 GOL I . 13.75 -3.60 12.85
HO3 GOL I . 15.14 -1.91 11.72
C1 GOL J . 6.28 -1.95 28.37
O1 GOL J . 7.17 -0.84 28.49
C2 GOL J . 7.05 -3.28 28.66
O2 GOL J . 8.14 -3.49 27.84
C3 GOL J . 7.43 -3.21 30.16
O3 GOL J . 8.66 -3.86 30.33
H11 GOL J . 5.89 -2.01 27.48
H12 GOL J . 5.53 -1.89 28.98
HO1 GOL J . 6.69 -0.13 28.43
H2 GOL J . 6.47 -4.03 28.49
HO2 GOL J . 8.01 -4.26 27.47
H31 GOL J . 6.71 -3.61 30.69
H32 GOL J . 7.46 -2.28 30.44
HO3 GOL J . 8.95 -4.02 29.55
C1 GOL K . 21.93 2.52 1.04
O1 GOL K . 21.42 3.45 1.95
C2 GOL K . 21.44 1.11 1.48
O2 GOL K . 21.07 0.99 2.81
C3 GOL K . 20.28 0.89 0.49
O3 GOL K . 19.99 -0.46 0.54
H11 GOL K . 22.90 2.53 1.01
H12 GOL K . 21.63 2.70 0.14
HO1 GOL K . 21.50 4.21 1.60
H2 GOL K . 22.15 0.45 1.42
HO2 GOL K . 20.30 0.66 2.84
H31 GOL K . 20.54 1.19 -0.39
H32 GOL K . 19.53 1.45 0.75
HO3 GOL K . 20.45 -0.79 -0.08
MN MN L . 6.22 2.93 29.25
C1 GOL M . -27.95 19.42 -13.85
O1 GOL M . -26.61 19.72 -14.14
C2 GOL M . -27.97 18.03 -13.16
O2 GOL M . -28.20 18.09 -11.78
C3 GOL M . -29.09 17.26 -13.91
O3 GOL M . -30.15 17.11 -12.98
H11 GOL M . -28.52 19.40 -14.64
H12 GOL M . -28.37 20.07 -13.26
HO1 GOL M . -26.61 20.51 -14.44
H2 GOL M . -27.11 17.60 -13.24
HO2 GOL M . -28.97 17.81 -11.64
H31 GOL M . -28.73 16.42 -14.23
H32 GOL M . -29.33 17.75 -14.71
HO3 GOL M . -30.78 16.67 -13.36
C1 GOL N . -6.20 35.24 -6.93
O1 GOL N . -5.28 36.36 -6.67
C2 GOL N . -7.19 35.63 -8.05
O2 GOL N . -6.61 36.28 -9.15
C3 GOL N . -7.85 34.28 -8.36
O3 GOL N . -9.06 34.64 -9.02
H11 GOL N . -6.71 35.01 -6.14
H12 GOL N . -5.73 34.44 -7.21
HO1 GOL N . -4.68 36.32 -7.29
H2 GOL N . -7.83 36.29 -7.75
HO2 GOL N . -5.81 36.10 -9.15
H31 GOL N . -7.98 33.78 -7.54
H32 GOL N . -7.26 33.74 -8.90
HO3 GOL N . -9.41 33.90 -9.29
C1 GOL O . -6.83 31.44 -17.00
O1 GOL O . -6.86 30.47 -16.00
C2 GOL O . -8.30 31.75 -17.36
O2 GOL O . -9.10 31.80 -16.23
C3 GOL O . -8.23 33.06 -18.13
O3 GOL O . -9.53 33.60 -18.14
H11 GOL O . -6.37 31.14 -17.80
H12 GOL O . -6.39 32.26 -16.73
HO1 GOL O . -7.64 30.14 -16.00
H2 GOL O . -8.70 31.05 -17.92
HO2 GOL O . -8.60 31.93 -15.57
H31 GOL O . -7.87 32.90 -19.01
H32 GOL O . -7.58 33.65 -17.68
HO3 GOL O . -10.04 33.00 -17.82
P1 FBP P . -11.59 24.18 -13.71
O1P FBP P . -11.32 24.52 -12.25
O2P FBP P . -12.82 24.92 -14.17
O3P FBP P . -11.85 22.70 -13.86
O1 FBP P . -10.27 24.55 -14.65
C1 FBP P . -8.95 24.35 -14.09
C2 FBP P . -7.87 24.29 -15.17
O2 FBP P . -7.95 23.25 -16.10
C3 FBP P . -6.44 24.13 -14.56
O3 FBP P . -5.90 22.90 -14.23
C4 FBP P . -5.67 24.85 -15.66
O4 FBP P . -4.77 25.60 -14.80
C5 FBP P . -6.45 25.65 -16.49
O5 FBP P . -7.86 25.48 -15.79
C6 FBP P . -6.37 25.13 -17.93
O6 FBP P . -6.88 26.08 -18.88
P2 FBP P . -8.07 25.77 -20.06
O4P FBP P . -8.97 26.96 -20.25
O5P FBP P . -8.96 24.63 -19.59
O6P FBP P . -7.60 25.45 -21.48
H11 FBP P . -8.74 25.08 -13.47
H12 FBP P . -8.95 23.51 -13.60
HO2 FBP P . -8.41 23.49 -16.77
H3 FBP P . -6.46 24.52 -13.67
HO3 FBP P . -5.64 22.98 -13.41
H4 FBP P . -5.31 24.26 -16.34
HO4 FBP P . -3.98 25.28 -14.93
H5 FBP P . -6.21 26.58 -16.53
H61 FBP P . -6.88 24.31 -17.99
H62 FBP P . -5.44 24.95 -18.13
C1 GOL Q . 2.77 8.01 -16.88
O1 GOL Q . 4.01 7.36 -16.80
C2 GOL Q . 1.73 6.99 -16.49
O2 GOL Q . 2.13 6.18 -15.48
C3 GOL Q . 0.48 7.83 -16.15
O3 GOL Q . -0.55 7.10 -16.73
H11 GOL Q . 2.57 8.33 -17.78
H12 GOL Q . 2.70 8.78 -16.30
HO1 GOL Q . 4.58 7.99 -16.80
H2 GOL Q . 1.55 6.38 -17.22
HO2 GOL Q . 2.75 5.66 -15.79
H31 GOL Q . 0.58 8.74 -16.51
H32 GOL Q . 0.40 7.95 -15.19
HO3 GOL Q . -1.25 7.41 -16.42
MN MN R . -10.82 26.48 -7.85
C1 GOL S . -30.30 1.11 -20.67
O1 GOL S . -30.76 1.45 -19.35
C2 GOL S . -29.26 2.19 -21.04
O2 GOL S . -28.49 1.83 -22.10
C3 GOL S . -30.16 3.40 -21.29
O3 GOL S . -30.85 3.16 -22.52
H11 GOL S . -31.01 1.11 -21.33
H12 GOL S . -29.88 0.25 -20.72
HO1 GOL S . -31.55 1.13 -19.27
H2 GOL S . -28.62 2.36 -20.34
HO2 GOL S . -28.85 2.09 -22.77
H31 GOL S . -29.61 4.21 -21.32
H32 GOL S . -30.76 3.53 -20.54
HO3 GOL S . -31.32 3.85 -22.72
C1 GOL T . -5.02 -20.69 -11.08
O1 GOL T . -5.20 -22.05 -11.45
C2 GOL T . -5.79 -20.48 -9.79
O2 GOL T . -7.16 -20.80 -9.97
C3 GOL T . -5.10 -21.36 -8.68
O3 GOL T . -5.95 -21.25 -7.52
H11 GOL T . -5.34 -20.07 -11.76
H12 GOL T . -4.09 -20.46 -10.94
HO1 GOL T . -4.53 -22.26 -11.94
H2 GOL T . -5.75 -19.56 -9.52
HO2 GOL T . -7.22 -21.65 -10.05
H31 GOL T . -4.20 -21.04 -8.53
H32 GOL T . -5.00 -22.26 -9.00
HO3 GOL T . -5.55 -21.63 -6.87
C1 GOL U . -23.02 -13.46 -9.43
O1 GOL U . -23.17 -12.11 -9.04
C2 GOL U . -21.62 -13.67 -10.13
O2 GOL U . -20.75 -14.33 -9.32
C3 GOL U . -22.05 -14.43 -11.39
O3 GOL U . -21.50 -13.73 -12.50
H11 GOL U . -23.72 -13.72 -10.06
H12 GOL U . -23.10 -14.07 -8.68
HO1 GOL U . -24.01 -11.99 -8.96
H2 GOL U . -21.15 -12.86 -10.33
HO2 GOL U . -20.07 -14.50 -9.79
H31 GOL U . -23.02 -14.50 -11.42
H32 GOL U . -21.73 -15.35 -11.34
HO3 GOL U . -21.89 -12.98 -12.52
MN MN V . -7.84 -4.25 -30.23
#